data_1HKY
#
_entry.id   1HKY
#
_cell.length_a   1.000
_cell.length_b   1.000
_cell.length_c   1.000
_cell.angle_alpha   90.00
_cell.angle_beta   90.00
_cell.angle_gamma   90.00
#
_symmetry.space_group_name_H-M   'P 1'
#
_entity_poly.entity_id   1
_entity_poly.type   'polypeptide(L)'
_entity_poly.pdbx_seq_one_letter_code
;DYKDDDDKVKLTCYQNGVSFTGGKAISEAKAASSQACQELCEKDAKCRFFTLASGKCSLFADDAALRPTKSDGAVSGNKR
CILLED
;
_entity_poly.pdbx_strand_id   A
#
# COMPACT_ATOMS: atom_id res chain seq x y z
N ASP A 1 24.53 15.83 6.13
CA ASP A 1 25.54 16.02 7.20
C ASP A 1 25.37 14.98 8.31
N TYR A 2 26.16 15.12 9.37
CA TYR A 2 26.11 14.19 10.50
C TYR A 2 26.34 12.75 10.04
N LYS A 3 26.04 11.80 10.92
CA LYS A 3 26.22 10.39 10.62
C LYS A 3 24.95 9.79 10.04
N ASP A 4 23.88 10.59 10.01
CA ASP A 4 22.60 10.15 9.48
C ASP A 4 22.70 9.88 7.98
N ASP A 5 23.54 10.63 7.30
CA ASP A 5 23.73 10.48 5.86
C ASP A 5 24.62 9.27 5.55
N ASP A 6 25.43 8.88 6.53
CA ASP A 6 26.33 7.75 6.37
C ASP A 6 25.54 6.46 6.18
N ASP A 7 24.35 6.40 6.76
CA ASP A 7 23.50 5.22 6.66
C ASP A 7 22.33 5.47 5.70
N LYS A 8 21.96 4.45 4.94
CA LYS A 8 20.86 4.57 3.99
C LYS A 8 19.63 3.84 4.50
N VAL A 9 18.47 4.21 3.97
CA VAL A 9 17.21 3.58 4.38
C VAL A 9 16.36 3.21 3.16
N LYS A 10 15.51 2.21 3.33
CA LYS A 10 14.65 1.75 2.25
C LYS A 10 13.32 2.50 2.26
N LEU A 11 12.96 3.08 1.12
CA LEU A 11 11.72 3.83 0.99
C LEU A 11 10.77 3.16 -0.01
N THR A 12 11.31 2.24 -0.78
CA THR A 12 10.52 1.53 -1.79
C THR A 12 9.86 0.30 -1.19
N CYS A 13 8.53 0.28 -1.20
CA CYS A 13 7.77 -0.85 -0.66
C CYS A 13 6.35 -0.86 -1.21
N TYR A 14 6.22 -0.79 -2.52
CA TYR A 14 4.92 -0.79 -3.17
C TYR A 14 4.69 -2.08 -3.94
N GLN A 15 3.43 -2.38 -4.23
CA GLN A 15 3.08 -3.59 -4.97
C GLN A 15 1.82 -3.39 -5.79
N ASN A 16 1.97 -3.32 -7.11
CA ASN A 16 0.83 -3.13 -8.01
C ASN A 16 -0.02 -4.39 -8.08
N GLY A 17 -1.17 -4.35 -7.41
CA GLY A 17 -2.06 -5.51 -7.42
C GLY A 17 -3.52 -5.11 -7.52
N VAL A 18 -4.09 -4.68 -6.40
CA VAL A 18 -5.49 -4.27 -6.37
C VAL A 18 -5.74 -3.27 -5.24
N SER A 19 -6.69 -2.36 -5.47
CA SER A 19 -7.03 -1.35 -4.47
C SER A 19 -7.71 -2.01 -3.27
N PHE A 20 -8.27 -1.19 -2.39
CA PHE A 20 -8.95 -1.71 -1.20
C PHE A 20 -10.20 -0.91 -0.88
N THR A 21 -11.16 -1.56 -0.24
CA THR A 21 -12.42 -0.93 0.12
C THR A 21 -13.19 -1.77 1.14
N GLY A 22 -14.25 -1.20 1.68
CA GLY A 22 -15.06 -1.91 2.65
C GLY A 22 -14.30 -2.21 3.94
N GLY A 23 -13.12 -1.63 4.06
CA GLY A 23 -12.30 -1.85 5.25
C GLY A 23 -12.52 -0.77 6.31
N LYS A 24 -11.56 -0.65 7.21
CA LYS A 24 -11.64 0.35 8.28
C LYS A 24 -10.54 1.39 8.14
N ALA A 25 -10.49 2.04 6.97
CA ALA A 25 -9.48 3.06 6.71
C ALA A 25 -9.59 4.19 7.72
N ILE A 26 -8.44 4.63 8.24
CA ILE A 26 -8.42 5.73 9.22
C ILE A 26 -7.97 7.03 8.57
N SER A 27 -7.48 6.92 7.34
CA SER A 27 -7.01 8.08 6.60
C SER A 27 -6.67 7.70 5.16
N GLU A 28 -7.05 8.55 4.22
CA GLU A 28 -6.77 8.31 2.81
C GLU A 28 -6.24 9.57 2.14
N ALA A 29 -5.31 9.39 1.21
CA ALA A 29 -4.73 10.52 0.50
C ALA A 29 -5.19 10.56 -0.95
N LYS A 30 -4.83 11.63 -1.66
CA LYS A 30 -5.22 11.79 -3.05
C LYS A 30 -3.98 11.94 -3.94
N ALA A 31 -3.04 11.01 -3.79
CA ALA A 31 -1.81 11.04 -4.56
C ALA A 31 -1.90 10.13 -5.79
N ALA A 32 -0.82 10.10 -6.57
CA ALA A 32 -0.78 9.26 -7.76
C ALA A 32 0.19 8.10 -7.57
N SER A 33 1.21 8.31 -6.73
CA SER A 33 2.19 7.27 -6.46
C SER A 33 2.24 6.94 -4.98
N SER A 34 2.41 5.66 -4.66
CA SER A 34 2.45 5.21 -3.27
C SER A 34 3.51 5.98 -2.49
N GLN A 35 4.53 6.46 -3.19
CA GLN A 35 5.60 7.22 -2.57
C GLN A 35 5.03 8.36 -1.72
N ALA A 36 4.17 9.15 -2.33
CA ALA A 36 3.54 10.27 -1.65
C ALA A 36 2.67 9.77 -0.50
N CYS A 37 2.11 8.57 -0.68
CA CYS A 37 1.26 7.97 0.33
C CYS A 37 2.08 7.49 1.52
N GLN A 38 3.36 7.24 1.27
CA GLN A 38 4.27 6.78 2.32
C GLN A 38 4.70 7.94 3.20
N GLU A 39 4.93 9.10 2.58
CA GLU A 39 5.35 10.29 3.31
C GLU A 39 4.22 10.82 4.19
N LEU A 40 2.99 10.73 3.69
CA LEU A 40 1.83 11.21 4.43
C LEU A 40 1.50 10.23 5.56
N CYS A 41 1.67 8.94 5.29
CA CYS A 41 1.40 7.91 6.28
C CYS A 41 2.41 7.99 7.42
N GLU A 42 3.62 8.43 7.10
CA GLU A 42 4.68 8.56 8.10
C GLU A 42 4.29 9.58 9.15
N LYS A 43 3.55 10.61 8.74
CA LYS A 43 3.11 11.65 9.65
C LYS A 43 2.00 11.15 10.57
N ASP A 44 1.37 10.04 10.17
CA ASP A 44 0.29 9.45 10.96
C ASP A 44 0.81 8.30 11.80
N ALA A 45 0.50 8.33 13.10
CA ALA A 45 0.95 7.30 14.02
C ALA A 45 -0.08 6.17 14.09
N LYS A 46 -0.99 6.13 13.12
CA LYS A 46 -2.03 5.11 13.08
C LYS A 46 -1.98 4.33 11.77
N CYS A 47 -0.94 4.57 10.98
CA CYS A 47 -0.77 3.89 9.70
C CYS A 47 0.25 2.77 9.80
N ARG A 48 -0.01 1.69 9.08
CA ARG A 48 0.89 0.54 9.08
C ARG A 48 0.90 -0.14 7.71
N PHE A 49 -0.29 -0.31 7.13
CA PHE A 49 -0.42 -0.94 5.83
C PHE A 49 -1.23 -0.05 4.89
N PHE A 50 -0.53 0.81 4.15
CA PHE A 50 -1.18 1.72 3.21
C PHE A 50 -1.73 0.97 2.01
N THR A 51 -2.45 1.67 1.15
CA THR A 51 -3.03 1.08 -0.04
C THR A 51 -3.41 2.16 -1.06
N LEU A 52 -2.55 2.36 -2.04
CA LEU A 52 -2.79 3.36 -3.08
C LEU A 52 -3.59 2.76 -4.23
N ALA A 53 -4.36 3.60 -4.91
CA ALA A 53 -5.18 3.16 -6.03
C ALA A 53 -4.85 3.96 -7.28
N SER A 54 -5.77 3.98 -8.24
CA SER A 54 -5.59 4.71 -9.48
C SER A 54 -5.22 6.17 -9.22
N GLY A 55 -5.57 6.65 -8.03
CA GLY A 55 -5.27 8.02 -7.66
C GLY A 55 -5.77 8.38 -6.27
N LYS A 56 -5.64 7.43 -5.34
CA LYS A 56 -6.08 7.65 -3.97
C LYS A 56 -5.41 6.66 -3.01
N CYS A 57 -4.65 7.20 -2.06
CA CYS A 57 -3.96 6.38 -1.07
C CYS A 57 -4.90 5.99 0.06
N SER A 58 -4.57 4.90 0.76
CA SER A 58 -5.39 4.44 1.87
C SER A 58 -4.54 3.75 2.93
N LEU A 59 -4.25 4.47 4.02
CA LEU A 59 -3.46 3.91 5.10
C LEU A 59 -4.35 3.19 6.10
N PHE A 60 -3.97 1.98 6.47
CA PHE A 60 -4.76 1.19 7.41
C PHE A 60 -3.95 0.84 8.65
N ALA A 61 -4.59 0.92 9.82
CA ALA A 61 -3.93 0.60 11.07
C ALA A 61 -3.84 -0.90 11.29
N ASP A 62 -4.87 -1.62 10.82
CA ASP A 62 -4.91 -3.07 10.94
C ASP A 62 -5.85 -3.67 9.91
N ASP A 63 -5.80 -5.00 9.78
CA ASP A 63 -6.65 -5.70 8.82
C ASP A 63 -8.01 -6.03 9.44
N ALA A 64 -9.06 -5.90 8.64
CA ALA A 64 -10.41 -6.20 9.10
C ALA A 64 -11.25 -6.84 8.00
N ALA A 65 -11.73 -6.01 7.07
CA ALA A 65 -12.54 -6.48 5.97
C ALA A 65 -12.16 -5.79 4.66
N LEU A 66 -11.07 -5.03 4.70
CA LEU A 66 -10.60 -4.31 3.52
C LEU A 66 -10.29 -5.27 2.38
N ARG A 67 -11.20 -5.35 1.42
CA ARG A 67 -11.02 -6.23 0.26
C ARG A 67 -10.76 -5.43 -1.01
N PRO A 68 -10.25 -6.08 -2.06
CA PRO A 68 -9.96 -5.43 -3.34
C PRO A 68 -11.22 -4.95 -4.06
N THR A 69 -11.04 -4.35 -5.23
CA THR A 69 -12.16 -3.87 -6.01
C THR A 69 -11.77 -3.68 -7.48
N LYS A 70 -10.52 -3.30 -7.70
CA LYS A 70 -10.02 -3.08 -9.05
C LYS A 70 -8.49 -3.11 -9.08
N SER A 71 -7.93 -3.30 -10.26
CA SER A 71 -6.48 -3.35 -10.43
C SER A 71 -6.00 -2.23 -11.35
N ASP A 72 -6.88 -1.28 -11.63
CA ASP A 72 -6.54 -0.16 -12.49
C ASP A 72 -5.57 0.79 -11.81
N GLY A 73 -4.28 0.55 -12.00
CA GLY A 73 -3.27 1.40 -11.38
C GLY A 73 -3.31 1.35 -9.87
N ALA A 74 -3.68 0.19 -9.33
CA ALA A 74 -3.74 0.02 -7.88
C ALA A 74 -2.43 -0.50 -7.31
N VAL A 75 -1.89 0.21 -6.34
CA VAL A 75 -0.63 -0.17 -5.72
C VAL A 75 -0.74 -0.13 -4.20
N SER A 76 -0.89 -1.31 -3.59
CA SER A 76 -1.00 -1.41 -2.14
C SER A 76 0.28 -1.96 -1.53
N GLY A 77 0.44 -1.76 -0.22
CA GLY A 77 1.62 -2.25 0.46
C GLY A 77 1.36 -2.59 1.91
N ASN A 78 2.41 -2.99 2.64
CA ASN A 78 2.27 -3.33 4.04
C ASN A 78 3.39 -2.70 4.87
N LYS A 79 3.42 -3.03 6.15
CA LYS A 79 4.44 -2.48 7.05
C LYS A 79 5.82 -2.99 6.68
N ARG A 80 5.95 -4.31 6.52
CA ARG A 80 7.23 -4.91 6.16
C ARG A 80 7.24 -5.30 4.69
N CYS A 81 8.44 -5.32 4.11
CA CYS A 81 8.60 -5.67 2.69
C CYS A 81 9.33 -6.99 2.54
N ILE A 82 10.56 -7.04 3.06
CA ILE A 82 11.38 -8.25 2.99
C ILE A 82 11.81 -8.70 4.38
N LEU A 83 11.20 -9.79 4.85
CA LEU A 83 11.51 -10.34 6.17
C LEU A 83 11.49 -11.85 6.14
N LEU A 84 12.24 -12.47 7.05
CA LEU A 84 12.31 -13.93 7.14
C LEU A 84 12.73 -14.54 5.81
N GLU A 85 14.01 -14.45 5.50
CA GLU A 85 14.55 -14.99 4.25
C GLU A 85 16.05 -15.27 4.38
N ASP A 86 16.51 -16.29 3.68
CA ASP A 86 17.92 -16.66 3.71
C ASP A 86 18.78 -15.62 3.00
N ASP A 1 -2.33 -11.15 -26.61
CA ASP A 1 -2.43 -10.15 -25.51
C ASP A 1 -1.20 -9.26 -25.47
N TYR A 2 -1.07 -8.48 -24.40
CA TYR A 2 0.07 -7.58 -24.24
C TYR A 2 1.32 -8.36 -23.83
N LYS A 3 2.36 -7.64 -23.43
CA LYS A 3 3.61 -8.25 -23.01
C LYS A 3 3.38 -9.20 -21.85
N ASP A 4 3.70 -10.48 -22.05
CA ASP A 4 3.53 -11.50 -21.03
C ASP A 4 4.78 -11.58 -20.14
N ASP A 5 4.82 -12.60 -19.29
CA ASP A 5 5.96 -12.79 -18.39
C ASP A 5 6.91 -13.85 -18.93
N ASP A 6 8.16 -13.82 -18.47
CA ASP A 6 9.16 -14.77 -18.90
C ASP A 6 9.01 -16.11 -18.18
N ASP A 7 9.49 -16.17 -16.96
CA ASP A 7 9.40 -17.39 -16.15
C ASP A 7 8.45 -17.20 -14.97
N LYS A 8 8.80 -16.28 -14.08
CA LYS A 8 7.97 -16.00 -12.91
C LYS A 8 6.72 -15.21 -13.29
N VAL A 9 5.93 -14.86 -12.30
CA VAL A 9 4.70 -14.11 -12.53
C VAL A 9 4.55 -12.97 -11.51
N LYS A 10 5.13 -13.17 -10.33
CA LYS A 10 5.07 -12.17 -9.28
C LYS A 10 6.46 -11.85 -8.74
N LEU A 11 6.83 -10.57 -8.80
CA LEU A 11 8.13 -10.13 -8.32
C LEU A 11 7.98 -9.10 -7.20
N THR A 12 6.84 -8.43 -7.18
CA THR A 12 6.57 -7.41 -6.16
C THR A 12 6.20 -8.06 -4.83
N CYS A 13 6.46 -7.34 -3.73
CA CYS A 13 6.16 -7.85 -2.40
C CYS A 13 5.66 -6.72 -1.49
N TYR A 14 5.66 -5.50 -2.03
CA TYR A 14 5.21 -4.34 -1.27
C TYR A 14 4.37 -3.40 -2.15
N GLN A 15 4.08 -3.85 -3.37
CA GLN A 15 3.30 -3.06 -4.31
C GLN A 15 1.94 -3.69 -4.55
N ASN A 16 1.82 -4.97 -4.23
CA ASN A 16 0.57 -5.71 -4.40
C ASN A 16 0.10 -5.65 -5.85
N GLY A 17 -0.72 -4.65 -6.17
CA GLY A 17 -1.23 -4.50 -7.53
C GLY A 17 -2.74 -4.51 -7.59
N VAL A 18 -3.37 -4.00 -6.53
CA VAL A 18 -4.82 -3.95 -6.47
C VAL A 18 -5.29 -2.98 -5.37
N SER A 19 -6.37 -2.25 -5.67
CA SER A 19 -6.91 -1.29 -4.71
C SER A 19 -7.74 -1.99 -3.66
N PHE A 20 -8.02 -1.29 -2.56
CA PHE A 20 -8.80 -1.85 -1.47
C PHE A 20 -10.13 -1.11 -1.30
N THR A 21 -11.12 -1.79 -0.73
CA THR A 21 -12.43 -1.20 -0.51
C THR A 21 -13.21 -1.96 0.55
N GLY A 22 -14.36 -1.41 0.94
CA GLY A 22 -15.18 -2.06 1.95
C GLY A 22 -14.77 -1.67 3.36
N GLY A 23 -13.49 -1.84 3.67
CA GLY A 23 -13.00 -1.51 5.00
C GLY A 23 -13.03 -0.01 5.26
N LYS A 24 -12.73 0.38 6.49
CA LYS A 24 -12.72 1.79 6.88
C LYS A 24 -11.29 2.30 7.04
N ALA A 25 -10.82 3.04 6.04
CA ALA A 25 -9.48 3.58 6.06
C ALA A 25 -9.32 4.63 7.16
N ILE A 26 -8.38 4.40 8.07
CA ILE A 26 -8.14 5.34 9.17
C ILE A 26 -7.76 6.70 8.63
N SER A 27 -7.24 6.72 7.40
CA SER A 27 -6.83 7.96 6.75
C SER A 27 -6.58 7.72 5.28
N GLU A 28 -6.80 8.75 4.48
CA GLU A 28 -6.61 8.66 3.04
C GLU A 28 -5.89 9.90 2.51
N ALA A 29 -4.98 9.69 1.57
CA ALA A 29 -4.24 10.79 0.97
C ALA A 29 -4.42 10.84 -0.53
N LYS A 30 -5.33 11.69 -0.99
CA LYS A 30 -5.60 11.82 -2.42
C LYS A 30 -4.33 12.23 -3.17
N ALA A 31 -3.62 11.23 -3.68
CA ALA A 31 -2.39 11.48 -4.41
C ALA A 31 -2.34 10.69 -5.71
N ALA A 32 -1.66 11.24 -6.71
CA ALA A 32 -1.54 10.58 -8.01
C ALA A 32 -0.33 9.66 -8.04
N SER A 33 0.41 9.63 -6.93
CA SER A 33 1.60 8.79 -6.82
C SER A 33 1.76 8.26 -5.41
N SER A 34 2.12 6.99 -5.30
CA SER A 34 2.30 6.35 -4.00
C SER A 34 3.32 7.10 -3.15
N GLN A 35 4.26 7.78 -3.83
CA GLN A 35 5.30 8.54 -3.15
C GLN A 35 4.68 9.50 -2.13
N ALA A 36 3.65 10.21 -2.55
CA ALA A 36 2.98 11.17 -1.67
C ALA A 36 2.27 10.44 -0.54
N CYS A 37 1.83 9.21 -0.82
CA CYS A 37 1.15 8.40 0.19
C CYS A 37 2.15 7.81 1.16
N GLN A 38 3.41 7.75 0.74
CA GLN A 38 4.47 7.20 1.57
C GLN A 38 4.87 8.21 2.64
N GLU A 39 5.02 9.47 2.23
CA GLU A 39 5.40 10.53 3.16
C GLU A 39 4.24 10.85 4.09
N LEU A 40 3.03 10.81 3.55
CA LEU A 40 1.82 11.08 4.32
C LEU A 40 1.64 10.02 5.41
N CYS A 41 1.62 8.77 4.99
CA CYS A 41 1.45 7.65 5.91
C CYS A 41 2.54 7.67 6.99
N GLU A 42 3.72 8.14 6.62
CA GLU A 42 4.84 8.22 7.56
C GLU A 42 4.53 9.18 8.70
N LYS A 43 3.76 10.23 8.40
CA LYS A 43 3.41 11.22 9.41
C LYS A 43 2.14 10.81 10.15
N ASP A 44 1.82 9.52 10.11
CA ASP A 44 0.63 9.00 10.77
C ASP A 44 0.99 7.85 11.71
N ALA A 45 0.36 7.83 12.88
CA ALA A 45 0.62 6.79 13.88
C ALA A 45 -0.26 5.58 13.63
N LYS A 46 -1.48 5.82 13.17
CA LYS A 46 -2.43 4.74 12.89
C LYS A 46 -2.17 4.13 11.51
N CYS A 47 -1.08 4.55 10.88
CA CYS A 47 -0.71 4.06 9.57
C CYS A 47 0.16 2.81 9.67
N ARG A 48 -0.24 1.76 8.95
CA ARG A 48 0.51 0.51 8.97
C ARG A 48 0.49 -0.15 7.59
N PHE A 49 -0.71 -0.38 7.06
CA PHE A 49 -0.86 -0.99 5.74
C PHE A 49 -1.51 -0.02 4.77
N PHE A 50 -0.69 0.80 4.12
CA PHE A 50 -1.18 1.77 3.16
C PHE A 50 -1.69 1.08 1.90
N THR A 51 -2.48 1.80 1.11
CA THR A 51 -3.04 1.26 -0.12
C THR A 51 -3.45 2.38 -1.07
N LEU A 52 -2.53 2.78 -1.94
CA LEU A 52 -2.80 3.84 -2.91
C LEU A 52 -3.50 3.27 -4.13
N ALA A 53 -4.11 4.16 -4.93
CA ALA A 53 -4.82 3.74 -6.13
C ALA A 53 -4.45 4.62 -7.32
N SER A 54 -5.29 4.60 -8.35
CA SER A 54 -5.05 5.40 -9.55
C SER A 54 -4.86 6.88 -9.20
N GLY A 55 -5.37 7.28 -8.04
CA GLY A 55 -5.24 8.65 -7.61
C GLY A 55 -5.83 8.89 -6.23
N LYS A 56 -5.63 7.94 -5.33
CA LYS A 56 -6.14 8.04 -3.97
C LYS A 56 -5.47 7.03 -3.05
N CYS A 57 -4.80 7.53 -2.01
CA CYS A 57 -4.12 6.66 -1.06
C CYS A 57 -5.03 6.38 0.14
N SER A 58 -4.85 5.20 0.74
CA SER A 58 -5.66 4.81 1.89
C SER A 58 -4.86 3.91 2.83
N LEU A 59 -4.62 4.41 4.04
CA LEU A 59 -3.87 3.65 5.04
C LEU A 59 -4.82 2.95 6.01
N PHE A 60 -4.49 1.70 6.35
CA PHE A 60 -5.32 0.92 7.27
C PHE A 60 -4.48 0.41 8.44
N ALA A 61 -4.93 0.72 9.66
CA ALA A 61 -4.23 0.30 10.85
C ALA A 61 -4.30 -1.21 11.04
N ASP A 62 -5.32 -1.68 11.78
CA ASP A 62 -5.49 -3.10 12.04
C ASP A 62 -6.76 -3.63 11.38
N ASP A 63 -7.45 -2.76 10.64
CA ASP A 63 -8.68 -3.16 9.96
C ASP A 63 -8.43 -4.34 9.03
N ALA A 64 -9.37 -5.28 9.02
CA ALA A 64 -9.26 -6.47 8.18
C ALA A 64 -10.48 -6.62 7.28
N ALA A 65 -11.42 -5.68 7.39
CA ALA A 65 -12.64 -5.71 6.59
C ALA A 65 -12.42 -5.06 5.23
N LEU A 66 -11.15 -4.92 4.85
CA LEU A 66 -10.81 -4.30 3.56
C LEU A 66 -10.47 -5.37 2.53
N ARG A 67 -11.29 -5.47 1.50
CA ARG A 67 -11.07 -6.45 0.43
C ARG A 67 -10.65 -5.75 -0.86
N PRO A 68 -10.09 -6.51 -1.82
CA PRO A 68 -9.65 -5.97 -3.10
C PRO A 68 -10.82 -5.57 -3.99
N THR A 69 -10.53 -4.84 -5.06
CA THR A 69 -11.56 -4.39 -5.99
C THR A 69 -11.12 -4.56 -7.44
N LYS A 70 -10.12 -3.77 -7.83
CA LYS A 70 -9.60 -3.83 -9.20
C LYS A 70 -8.13 -3.43 -9.23
N SER A 71 -7.47 -3.72 -10.36
CA SER A 71 -6.07 -3.39 -10.52
C SER A 71 -5.87 -2.30 -11.57
N ASP A 72 -6.52 -1.16 -11.36
CA ASP A 72 -6.44 -0.04 -12.28
C ASP A 72 -5.27 0.87 -11.92
N GLY A 73 -4.10 0.27 -11.67
CA GLY A 73 -2.94 1.04 -11.33
C GLY A 73 -2.88 1.37 -9.85
N ALA A 74 -3.38 0.46 -9.02
CA ALA A 74 -3.38 0.66 -7.57
C ALA A 74 -2.22 -0.07 -6.91
N VAL A 75 -1.71 0.51 -5.84
CA VAL A 75 -0.58 -0.07 -5.11
C VAL A 75 -0.91 -0.25 -3.64
N SER A 76 -0.25 -1.20 -2.99
CA SER A 76 -0.48 -1.46 -1.57
C SER A 76 0.71 -2.20 -0.96
N GLY A 77 0.96 -1.96 0.32
CA GLY A 77 2.06 -2.61 1.00
C GLY A 77 1.71 -3.05 2.40
N ASN A 78 2.32 -4.15 2.85
CA ASN A 78 2.06 -4.68 4.19
C ASN A 78 3.35 -5.12 4.85
N LYS A 79 4.41 -5.27 4.06
CA LYS A 79 5.72 -5.68 4.57
C LYS A 79 6.82 -5.37 3.57
N ARG A 80 7.46 -4.21 3.73
CA ARG A 80 8.54 -3.80 2.84
C ARG A 80 9.70 -4.78 2.90
N CYS A 81 10.13 -5.24 1.74
CA CYS A 81 11.24 -6.19 1.65
C CYS A 81 12.48 -5.52 1.05
N ILE A 82 12.81 -4.34 1.55
CA ILE A 82 13.97 -3.61 1.06
C ILE A 82 15.13 -3.69 2.06
N LEU A 83 14.80 -3.97 3.32
CA LEU A 83 15.81 -4.08 4.36
C LEU A 83 16.61 -5.36 4.20
N LEU A 84 17.87 -5.22 3.80
CA LEU A 84 18.76 -6.37 3.61
C LEU A 84 18.17 -7.35 2.61
N GLU A 85 18.73 -8.55 2.56
CA GLU A 85 18.25 -9.59 1.65
C GLU A 85 17.56 -10.72 2.41
N ASP A 86 17.64 -10.67 3.74
CA ASP A 86 17.03 -11.68 4.58
C ASP A 86 15.54 -11.40 4.79
N ASP A 1 -8.92 -19.88 -2.16
CA ASP A 1 -8.81 -20.07 -0.69
C ASP A 1 -7.64 -21.00 -0.35
N TYR A 2 -6.53 -20.82 -1.05
CA TYR A 2 -5.34 -21.65 -0.82
C TYR A 2 -4.09 -20.79 -0.81
N LYS A 3 -2.92 -21.45 -0.74
CA LYS A 3 -1.65 -20.76 -0.73
C LYS A 3 -1.22 -20.40 -2.15
N ASP A 4 0.00 -19.85 -2.27
CA ASP A 4 0.53 -19.47 -3.57
C ASP A 4 2.06 -19.54 -3.57
N ASP A 5 2.65 -19.28 -2.41
CA ASP A 5 4.11 -19.30 -2.28
C ASP A 5 4.61 -20.72 -2.06
N ASP A 6 5.93 -20.89 -2.11
CA ASP A 6 6.53 -22.21 -1.91
C ASP A 6 7.10 -22.34 -0.50
N ASP A 7 7.59 -21.24 0.04
CA ASP A 7 8.15 -21.23 1.39
C ASP A 7 8.03 -19.85 2.03
N LYS A 8 8.80 -18.90 1.52
CA LYS A 8 8.77 -17.54 2.04
C LYS A 8 8.66 -16.52 0.90
N VAL A 9 8.68 -15.24 1.26
CA VAL A 9 8.59 -14.17 0.28
C VAL A 9 9.79 -14.18 -0.66
N LYS A 10 9.54 -13.94 -1.94
CA LYS A 10 10.61 -13.92 -2.93
C LYS A 10 11.08 -12.50 -3.20
N LEU A 11 11.79 -11.93 -2.23
CA LEU A 11 12.31 -10.57 -2.35
C LEU A 11 11.19 -9.58 -2.63
N THR A 12 10.01 -9.85 -2.09
CA THR A 12 8.86 -8.98 -2.29
C THR A 12 8.50 -8.24 -1.00
N CYS A 13 7.95 -7.04 -1.15
CA CYS A 13 7.56 -6.24 0.00
C CYS A 13 6.17 -5.63 -0.19
N TYR A 14 5.83 -5.34 -1.45
CA TYR A 14 4.53 -4.76 -1.77
C TYR A 14 3.99 -5.32 -3.09
N GLN A 15 2.82 -4.84 -3.49
CA GLN A 15 2.19 -5.29 -4.73
C GLN A 15 1.64 -4.11 -5.52
N ASN A 16 1.66 -4.23 -6.84
CA ASN A 16 1.16 -3.18 -7.71
C ASN A 16 0.00 -3.67 -8.57
N GLY A 17 -1.19 -3.16 -8.30
CA GLY A 17 -2.37 -3.56 -9.06
C GLY A 17 -3.46 -4.15 -8.18
N VAL A 18 -3.56 -3.66 -6.96
CA VAL A 18 -4.57 -4.14 -6.03
C VAL A 18 -5.23 -2.99 -5.28
N SER A 19 -6.43 -2.62 -5.71
CA SER A 19 -7.16 -1.53 -5.08
C SER A 19 -8.04 -2.07 -3.94
N PHE A 20 -7.91 -1.45 -2.77
CA PHE A 20 -8.68 -1.86 -1.61
C PHE A 20 -10.02 -1.13 -1.53
N THR A 21 -11.00 -1.78 -0.91
CA THR A 21 -12.33 -1.20 -0.77
C THR A 21 -13.17 -1.98 0.24
N GLY A 22 -14.33 -1.44 0.57
CA GLY A 22 -15.21 -2.09 1.53
C GLY A 22 -14.90 -1.71 2.97
N GLY A 23 -13.62 -1.74 3.32
CA GLY A 23 -13.22 -1.39 4.66
C GLY A 23 -13.16 0.11 4.88
N LYS A 24 -12.87 0.52 6.11
CA LYS A 24 -12.79 1.93 6.44
C LYS A 24 -11.35 2.35 6.72
N ALA A 25 -10.78 3.13 5.81
CA ALA A 25 -9.40 3.59 5.95
C ALA A 25 -9.30 4.62 7.08
N ILE A 26 -8.35 4.40 7.99
CA ILE A 26 -8.13 5.30 9.11
C ILE A 26 -7.73 6.69 8.60
N SER A 27 -7.24 6.73 7.37
CA SER A 27 -6.80 7.97 6.76
C SER A 27 -6.51 7.77 5.28
N GLU A 28 -6.89 8.76 4.48
CA GLU A 28 -6.68 8.69 3.04
C GLU A 28 -5.93 9.93 2.55
N ALA A 29 -5.02 9.73 1.61
CA ALA A 29 -4.23 10.83 1.07
C ALA A 29 -4.44 10.96 -0.44
N LYS A 30 -5.31 11.88 -0.83
CA LYS A 30 -5.59 12.11 -2.24
C LYS A 30 -4.33 12.51 -2.98
N ALA A 31 -3.60 11.52 -3.50
CA ALA A 31 -2.37 11.77 -4.22
C ALA A 31 -2.34 11.04 -5.56
N ALA A 32 -1.53 11.53 -6.48
CA ALA A 32 -1.41 10.92 -7.79
C ALA A 32 -0.21 9.97 -7.84
N SER A 33 0.51 9.89 -6.73
CA SER A 33 1.67 9.02 -6.64
C SER A 33 1.78 8.40 -5.24
N SER A 34 2.08 7.11 -5.19
CA SER A 34 2.21 6.39 -3.92
C SER A 34 3.25 7.05 -3.04
N GLN A 35 4.25 7.66 -3.65
CA GLN A 35 5.31 8.33 -2.92
C GLN A 35 4.75 9.32 -1.92
N ALA A 36 3.76 10.10 -2.36
CA ALA A 36 3.13 11.08 -1.49
C ALA A 36 2.36 10.41 -0.38
N CYS A 37 1.86 9.21 -0.65
CA CYS A 37 1.09 8.44 0.32
C CYS A 37 2.03 7.84 1.36
N GLN A 38 3.30 7.63 0.96
CA GLN A 38 4.29 7.06 1.86
C GLN A 38 4.71 8.09 2.90
N GLU A 39 4.99 9.31 2.45
CA GLU A 39 5.41 10.38 3.34
C GLU A 39 4.25 10.80 4.24
N LEU A 40 3.04 10.75 3.69
CA LEU A 40 1.84 11.11 4.43
C LEU A 40 1.60 10.14 5.57
N CYS A 41 1.47 8.86 5.23
CA CYS A 41 1.24 7.83 6.23
C CYS A 41 2.38 7.78 7.24
N GLU A 42 3.56 8.22 6.81
CA GLU A 42 4.74 8.22 7.68
C GLU A 42 4.56 9.21 8.82
N LYS A 43 3.79 10.27 8.56
CA LYS A 43 3.54 11.29 9.56
C LYS A 43 2.50 10.82 10.58
N ASP A 44 1.77 9.78 10.22
CA ASP A 44 0.75 9.22 11.11
C ASP A 44 1.22 7.91 11.73
N ALA A 45 0.70 7.61 12.91
CA ALA A 45 1.06 6.38 13.62
C ALA A 45 -0.02 5.32 13.47
N LYS A 46 -1.21 5.74 13.03
CA LYS A 46 -2.33 4.83 12.86
C LYS A 46 -2.23 4.12 11.51
N CYS A 47 -1.11 4.31 10.83
CA CYS A 47 -0.89 3.67 9.53
C CYS A 47 -0.02 2.43 9.66
N ARG A 48 -0.32 1.41 8.87
CA ARG A 48 0.43 0.16 8.90
C ARG A 48 0.44 -0.49 7.53
N PHE A 49 -0.68 -0.40 6.82
CA PHE A 49 -0.81 -0.98 5.49
C PHE A 49 -1.42 0.01 4.51
N PHE A 50 -0.58 0.88 3.94
CA PHE A 50 -1.04 1.87 2.99
C PHE A 50 -1.56 1.21 1.71
N THR A 51 -2.40 1.93 0.98
CA THR A 51 -2.97 1.41 -0.26
C THR A 51 -3.45 2.54 -1.17
N LEU A 52 -2.63 2.90 -2.14
CA LEU A 52 -2.96 3.96 -3.09
C LEU A 52 -3.53 3.38 -4.37
N ALA A 53 -4.42 4.13 -5.02
CA ALA A 53 -5.05 3.68 -6.26
C ALA A 53 -4.66 4.59 -7.42
N SER A 54 -3.41 5.05 -7.41
CA SER A 54 -2.90 5.92 -8.46
C SER A 54 -3.62 7.27 -8.48
N GLY A 55 -4.63 7.41 -7.63
CA GLY A 55 -5.38 8.64 -7.57
C GLY A 55 -5.88 8.97 -6.17
N LYS A 56 -5.79 8.00 -5.28
CA LYS A 56 -6.23 8.18 -3.90
C LYS A 56 -5.57 7.16 -2.97
N CYS A 57 -4.82 7.66 -2.00
CA CYS A 57 -4.12 6.79 -1.05
C CYS A 57 -5.04 6.44 0.11
N SER A 58 -4.82 5.28 0.73
CA SER A 58 -5.63 4.83 1.85
C SER A 58 -4.82 3.93 2.77
N LEU A 59 -4.54 4.42 3.97
CA LEU A 59 -3.77 3.66 4.95
C LEU A 59 -4.69 2.97 5.94
N PHE A 60 -4.46 1.68 6.17
CA PHE A 60 -5.28 0.91 7.10
C PHE A 60 -4.44 0.36 8.25
N ALA A 61 -4.84 0.69 9.47
CA ALA A 61 -4.14 0.24 10.66
C ALA A 61 -4.15 -1.28 10.78
N ASP A 62 -5.29 -1.87 10.41
CA ASP A 62 -5.44 -3.33 10.47
C ASP A 62 -6.59 -3.79 9.59
N ASP A 63 -6.64 -5.09 9.32
CA ASP A 63 -7.69 -5.66 8.49
C ASP A 63 -8.99 -5.82 9.29
N ALA A 64 -10.06 -5.23 8.78
CA ALA A 64 -11.36 -5.31 9.44
C ALA A 64 -12.47 -5.58 8.43
N ALA A 65 -12.33 -5.02 7.23
CA ALA A 65 -13.32 -5.20 6.18
C ALA A 65 -12.74 -4.84 4.82
N LEU A 66 -11.51 -4.32 4.81
CA LEU A 66 -10.85 -3.94 3.57
C LEU A 66 -10.54 -5.16 2.72
N ARG A 67 -10.82 -5.06 1.42
CA ARG A 67 -10.57 -6.16 0.49
C ARG A 67 -10.30 -5.64 -0.91
N PRO A 68 -9.71 -6.47 -1.78
CA PRO A 68 -9.40 -6.11 -3.16
C PRO A 68 -10.65 -6.01 -4.03
N THR A 69 -10.45 -5.74 -5.32
CA THR A 69 -11.56 -5.62 -6.26
C THR A 69 -11.07 -5.65 -7.70
N LYS A 70 -9.99 -4.91 -7.95
CA LYS A 70 -9.41 -4.83 -9.28
C LYS A 70 -7.99 -4.28 -9.23
N SER A 71 -7.46 -3.87 -10.38
CA SER A 71 -6.12 -3.32 -10.46
C SER A 71 -6.16 -1.81 -10.64
N ASP A 72 -6.48 -1.37 -11.86
CA ASP A 72 -6.57 0.04 -12.17
C ASP A 72 -5.28 0.77 -11.77
N GLY A 73 -4.16 0.06 -11.85
CA GLY A 73 -2.88 0.65 -11.49
C GLY A 73 -2.79 1.02 -10.02
N ALA A 74 -3.43 0.22 -9.17
CA ALA A 74 -3.41 0.46 -7.74
C ALA A 74 -2.10 0.00 -7.12
N VAL A 75 -2.04 0.02 -5.79
CA VAL A 75 -0.84 -0.40 -5.08
C VAL A 75 -1.11 -0.51 -3.58
N SER A 76 -0.47 -1.49 -2.94
CA SER A 76 -0.64 -1.70 -1.50
C SER A 76 0.58 -2.40 -0.92
N GLY A 77 1.04 -1.91 0.23
CA GLY A 77 2.20 -2.51 0.88
C GLY A 77 2.06 -2.55 2.39
N ASN A 78 3.00 -3.24 3.04
CA ASN A 78 2.98 -3.36 4.49
C ASN A 78 4.01 -2.43 5.13
N LYS A 79 4.93 -1.93 4.31
CA LYS A 79 5.98 -1.03 4.79
C LYS A 79 6.78 -1.66 5.92
N ARG A 80 7.15 -2.93 5.74
CA ARG A 80 7.93 -3.65 6.74
C ARG A 80 9.32 -3.96 6.23
N CYS A 81 9.44 -5.02 5.42
CA CYS A 81 10.72 -5.43 4.86
C CYS A 81 11.75 -5.67 5.96
N ILE A 82 11.77 -6.89 6.47
CA ILE A 82 12.72 -7.25 7.53
C ILE A 82 14.16 -7.14 7.04
N LEU A 83 15.03 -6.63 7.92
CA LEU A 83 16.44 -6.47 7.58
C LEU A 83 17.29 -6.35 8.84
N LEU A 84 16.68 -5.87 9.92
CA LEU A 84 17.38 -5.70 11.19
C LEU A 84 16.99 -6.79 12.17
N GLU A 85 17.89 -7.11 13.10
CA GLU A 85 17.64 -8.14 14.09
C GLU A 85 17.26 -7.51 15.43
N ASP A 86 17.38 -6.18 15.52
CA ASP A 86 17.05 -5.46 16.74
C ASP A 86 15.55 -5.51 17.01
N ASP A 1 32.16 -11.43 13.46
CA ASP A 1 31.64 -10.12 13.91
C ASP A 1 30.30 -9.81 13.28
N TYR A 2 29.75 -8.64 13.61
CA TYR A 2 28.45 -8.21 13.08
C TYR A 2 27.37 -9.23 13.42
N LYS A 3 26.21 -9.07 12.79
CA LYS A 3 25.08 -9.97 13.03
C LYS A 3 25.17 -11.21 12.14
N ASP A 4 24.09 -11.97 12.08
CA ASP A 4 24.05 -13.18 11.27
C ASP A 4 24.26 -12.86 9.80
N ASP A 5 23.85 -11.67 9.39
CA ASP A 5 24.00 -11.24 8.01
C ASP A 5 25.18 -10.29 7.85
N ASP A 6 25.21 -9.56 6.74
CA ASP A 6 26.29 -8.62 6.46
C ASP A 6 25.73 -7.29 5.96
N ASP A 7 24.61 -7.35 5.26
CA ASP A 7 23.97 -6.15 4.72
C ASP A 7 22.88 -5.64 5.66
N LYS A 8 22.27 -4.52 5.30
CA LYS A 8 21.20 -3.94 6.11
C LYS A 8 19.96 -4.81 6.10
N VAL A 9 19.05 -4.56 7.03
CA VAL A 9 17.82 -5.33 7.13
C VAL A 9 16.70 -4.69 6.31
N LYS A 10 15.63 -5.43 6.08
CA LYS A 10 14.50 -4.94 5.30
C LYS A 10 13.37 -4.50 6.23
N LEU A 11 12.96 -3.23 6.09
CA LEU A 11 11.89 -2.69 6.92
C LEU A 11 10.80 -2.06 6.04
N THR A 12 10.99 -2.14 4.73
CA THR A 12 10.03 -1.57 3.79
C THR A 12 9.75 -2.55 2.65
N CYS A 13 8.48 -2.92 2.49
CA CYS A 13 8.08 -3.84 1.44
C CYS A 13 6.79 -3.37 0.77
N TYR A 14 6.56 -3.84 -0.45
CA TYR A 14 5.37 -3.47 -1.20
C TYR A 14 4.58 -4.72 -1.61
N GLN A 15 3.39 -4.50 -2.17
CA GLN A 15 2.54 -5.60 -2.62
C GLN A 15 1.48 -5.11 -3.60
N ASN A 16 1.20 -5.92 -4.61
CA ASN A 16 0.20 -5.57 -5.62
C ASN A 16 -1.19 -5.96 -5.16
N GLY A 17 -1.62 -5.39 -4.04
CA GLY A 17 -2.94 -5.70 -3.51
C GLY A 17 -4.04 -4.89 -4.19
N VAL A 18 -3.66 -4.15 -5.23
CA VAL A 18 -4.61 -3.32 -5.98
C VAL A 18 -5.41 -2.40 -5.06
N SER A 19 -6.33 -1.64 -5.65
CA SER A 19 -7.15 -0.72 -4.88
C SER A 19 -8.00 -1.48 -3.86
N PHE A 20 -8.03 -0.98 -2.63
CA PHE A 20 -8.79 -1.61 -1.56
C PHE A 20 -10.10 -0.87 -1.30
N THR A 21 -11.06 -1.57 -0.72
CA THR A 21 -12.36 -0.98 -0.42
C THR A 21 -13.13 -1.83 0.58
N GLY A 22 -14.25 -1.29 1.07
CA GLY A 22 -15.07 -2.02 2.03
C GLY A 22 -14.58 -1.84 3.46
N GLY A 23 -13.27 -1.87 3.65
CA GLY A 23 -12.70 -1.71 4.97
C GLY A 23 -12.85 -0.30 5.50
N LYS A 24 -12.39 -0.07 6.73
CA LYS A 24 -12.47 1.25 7.35
C LYS A 24 -11.09 1.89 7.45
N ALA A 25 -10.70 2.61 6.39
CA ALA A 25 -9.41 3.28 6.36
C ALA A 25 -9.31 4.32 7.47
N ILE A 26 -8.32 4.16 8.34
CA ILE A 26 -8.11 5.10 9.44
C ILE A 26 -7.72 6.46 8.89
N SER A 27 -7.23 6.47 7.66
CA SER A 27 -6.82 7.69 7.00
C SER A 27 -6.58 7.43 5.51
N GLU A 28 -6.62 8.48 4.71
CA GLU A 28 -6.41 8.35 3.27
C GLU A 28 -6.02 9.69 2.66
N ALA A 29 -5.13 9.64 1.67
CA ALA A 29 -4.67 10.85 1.00
C ALA A 29 -4.74 10.70 -0.52
N LYS A 30 -5.65 11.42 -1.14
CA LYS A 30 -5.82 11.37 -2.60
C LYS A 30 -4.54 11.81 -3.30
N ALA A 31 -3.71 10.84 -3.67
CA ALA A 31 -2.45 11.13 -4.35
C ALA A 31 -2.33 10.35 -5.66
N ALA A 32 -1.82 11.02 -6.69
CA ALA A 32 -1.66 10.40 -7.99
C ALA A 32 -0.43 9.48 -8.01
N SER A 33 0.37 9.58 -6.96
CA SER A 33 1.58 8.77 -6.84
C SER A 33 1.73 8.23 -5.43
N SER A 34 2.13 6.96 -5.32
CA SER A 34 2.31 6.32 -4.03
C SER A 34 3.34 7.06 -3.18
N GLN A 35 4.30 7.69 -3.84
CA GLN A 35 5.34 8.43 -3.15
C GLN A 35 4.73 9.43 -2.17
N ALA A 36 3.66 10.08 -2.60
CA ALA A 36 2.97 11.05 -1.76
C ALA A 36 2.29 10.36 -0.58
N CYS A 37 1.77 9.16 -0.85
CA CYS A 37 1.10 8.37 0.19
C CYS A 37 2.13 7.84 1.19
N GLN A 38 3.38 7.76 0.75
CA GLN A 38 4.46 7.27 1.59
C GLN A 38 4.82 8.31 2.65
N GLU A 39 5.01 9.55 2.20
CA GLU A 39 5.35 10.64 3.12
C GLU A 39 4.17 10.94 4.04
N LEU A 40 2.97 10.85 3.50
CA LEU A 40 1.76 11.10 4.27
C LEU A 40 1.60 10.06 5.37
N CYS A 41 1.62 8.79 4.96
CA CYS A 41 1.47 7.68 5.90
C CYS A 41 2.58 7.72 6.96
N GLU A 42 3.74 8.25 6.59
CA GLU A 42 4.87 8.34 7.49
C GLU A 42 4.60 9.34 8.61
N LYS A 43 3.74 10.32 8.32
CA LYS A 43 3.40 11.35 9.29
C LYS A 43 2.24 10.90 10.18
N ASP A 44 1.72 9.71 9.91
CA ASP A 44 0.62 9.15 10.68
C ASP A 44 1.11 8.07 11.65
N ALA A 45 0.41 7.92 12.75
CA ALA A 45 0.77 6.92 13.76
C ALA A 45 -0.04 5.64 13.59
N LYS A 46 -1.31 5.80 13.25
CA LYS A 46 -2.20 4.65 13.05
C LYS A 46 -1.99 4.03 11.67
N CYS A 47 -0.98 4.52 10.95
CA CYS A 47 -0.67 4.02 9.62
C CYS A 47 0.26 2.82 9.69
N ARG A 48 -0.10 1.76 8.97
CA ARG A 48 0.70 0.54 8.96
C ARG A 48 0.68 -0.10 7.57
N PHE A 49 -0.52 -0.31 7.04
CA PHE A 49 -0.67 -0.91 5.72
C PHE A 49 -1.41 0.03 4.78
N PHE A 50 -0.66 0.91 4.12
CA PHE A 50 -1.24 1.87 3.18
C PHE A 50 -1.71 1.17 1.91
N THR A 51 -2.48 1.88 1.10
CA THR A 51 -3.00 1.34 -0.14
C THR A 51 -3.40 2.45 -1.11
N LEU A 52 -2.50 2.79 -2.03
CA LEU A 52 -2.76 3.83 -3.01
C LEU A 52 -3.47 3.27 -4.23
N ALA A 53 -4.09 4.15 -5.02
CA ALA A 53 -4.80 3.74 -6.22
C ALA A 53 -4.46 4.65 -7.39
N SER A 54 -5.33 4.66 -8.40
CA SER A 54 -5.11 5.49 -9.58
C SER A 54 -4.96 6.95 -9.19
N GLY A 55 -5.42 7.30 -7.99
CA GLY A 55 -5.31 8.68 -7.53
C GLY A 55 -5.90 8.86 -6.14
N LYS A 56 -5.69 7.87 -5.28
CA LYS A 56 -6.19 7.93 -3.91
C LYS A 56 -5.53 6.89 -3.03
N CYS A 57 -4.88 7.33 -1.97
CA CYS A 57 -4.20 6.44 -1.05
C CYS A 57 -5.04 6.24 0.21
N SER A 58 -4.91 5.07 0.83
CA SER A 58 -5.66 4.76 2.05
C SER A 58 -4.83 3.90 3.00
N LEU A 59 -4.63 4.39 4.21
CA LEU A 59 -3.84 3.66 5.20
C LEU A 59 -4.75 2.89 6.15
N PHE A 60 -4.39 1.64 6.42
CA PHE A 60 -5.18 0.79 7.31
C PHE A 60 -4.31 0.24 8.44
N ALA A 61 -4.71 0.54 9.68
CA ALA A 61 -3.98 0.08 10.85
C ALA A 61 -4.05 -1.45 10.98
N ASP A 62 -5.15 -2.02 10.53
CA ASP A 62 -5.35 -3.47 10.59
C ASP A 62 -6.39 -3.92 9.57
N ASP A 63 -6.33 -5.20 9.21
CA ASP A 63 -7.27 -5.76 8.24
C ASP A 63 -8.59 -6.11 8.91
N ALA A 64 -9.69 -5.67 8.30
CA ALA A 64 -11.02 -5.93 8.84
C ALA A 64 -11.97 -6.40 7.75
N ALA A 65 -11.94 -5.71 6.62
CA ALA A 65 -12.80 -6.06 5.49
C ALA A 65 -12.33 -5.36 4.21
N LEU A 66 -11.14 -4.78 4.26
CA LEU A 66 -10.57 -4.08 3.11
C LEU A 66 -10.22 -5.08 2.00
N ARG A 67 -11.17 -5.30 1.09
CA ARG A 67 -10.96 -6.22 -0.02
C ARG A 67 -10.63 -5.46 -1.31
N PRO A 68 -10.10 -6.16 -2.32
CA PRO A 68 -9.74 -5.54 -3.60
C PRO A 68 -10.97 -5.10 -4.39
N THR A 69 -10.73 -4.56 -5.58
CA THR A 69 -11.82 -4.10 -6.44
C THR A 69 -11.35 -3.91 -7.87
N LYS A 70 -10.13 -3.40 -8.03
CA LYS A 70 -9.56 -3.17 -9.35
C LYS A 70 -8.07 -2.85 -9.26
N SER A 71 -7.31 -3.23 -10.27
CA SER A 71 -5.88 -2.97 -10.30
C SER A 71 -5.54 -1.90 -11.33
N ASP A 72 -6.50 -1.01 -11.59
CA ASP A 72 -6.31 0.07 -12.55
C ASP A 72 -5.35 1.12 -12.00
N GLY A 73 -4.05 0.91 -12.21
CA GLY A 73 -3.05 1.85 -11.73
C GLY A 73 -3.04 1.97 -10.22
N ALA A 74 -3.36 0.87 -9.55
CA ALA A 74 -3.38 0.83 -8.09
C ALA A 74 -2.19 0.05 -7.54
N VAL A 75 -1.90 0.27 -6.26
CA VAL A 75 -0.79 -0.41 -5.60
C VAL A 75 -0.84 -0.20 -4.08
N SER A 76 -0.53 -1.24 -3.33
CA SER A 76 -0.55 -1.17 -1.88
C SER A 76 0.81 -1.56 -1.30
N GLY A 77 0.89 -1.60 0.03
CA GLY A 77 2.13 -1.96 0.69
C GLY A 77 1.90 -2.60 2.05
N ASN A 78 2.46 -3.78 2.25
CA ASN A 78 2.30 -4.48 3.53
C ASN A 78 3.66 -4.70 4.18
N LYS A 79 3.65 -4.99 5.49
CA LYS A 79 4.87 -5.22 6.24
C LYS A 79 5.38 -6.64 6.03
N ARG A 80 4.57 -7.45 5.34
CA ARG A 80 4.94 -8.84 5.08
C ARG A 80 4.79 -9.17 3.60
N CYS A 81 5.86 -9.68 3.00
CA CYS A 81 5.85 -10.03 1.58
C CYS A 81 5.83 -11.55 1.40
N ILE A 82 5.17 -12.24 2.33
CA ILE A 82 5.08 -13.69 2.28
C ILE A 82 4.28 -14.15 1.06
N LEU A 83 3.33 -13.31 0.63
CA LEU A 83 2.50 -13.63 -0.53
C LEU A 83 3.33 -13.66 -1.81
N LEU A 84 3.47 -14.85 -2.37
CA LEU A 84 4.24 -15.02 -3.60
C LEU A 84 3.34 -15.51 -4.74
N GLU A 85 3.52 -14.92 -5.92
CA GLU A 85 2.73 -15.30 -7.09
C GLU A 85 3.36 -16.49 -7.81
N ASP A 86 2.51 -17.29 -8.45
CA ASP A 86 2.97 -18.46 -9.18
C ASP A 86 2.20 -18.64 -10.48
N ASP A 1 18.39 2.00 -29.46
CA ASP A 1 17.58 3.24 -29.39
C ASP A 1 17.96 4.08 -28.18
N TYR A 2 17.15 5.10 -27.89
CA TYR A 2 17.41 5.98 -26.76
C TYR A 2 17.33 5.21 -25.44
N LYS A 3 18.11 5.65 -24.46
CA LYS A 3 18.12 5.01 -23.14
C LYS A 3 18.48 3.53 -23.27
N ASP A 4 18.26 2.78 -22.19
CA ASP A 4 18.57 1.36 -22.17
C ASP A 4 17.31 0.53 -21.90
N ASP A 5 16.43 1.08 -21.06
CA ASP A 5 15.19 0.40 -20.70
C ASP A 5 14.19 1.37 -20.10
N ASP A 6 14.36 1.66 -18.81
CA ASP A 6 13.48 2.59 -18.10
C ASP A 6 14.25 3.39 -17.07
N ASP A 7 15.28 2.78 -16.50
CA ASP A 7 16.11 3.44 -15.49
C ASP A 7 15.27 3.88 -14.29
N LYS A 8 14.76 5.12 -14.34
CA LYS A 8 13.94 5.66 -13.27
C LYS A 8 14.69 5.60 -11.93
N VAL A 9 13.94 5.78 -10.84
CA VAL A 9 14.53 5.75 -9.51
C VAL A 9 13.64 4.99 -8.53
N LYS A 10 13.84 3.69 -8.43
CA LYS A 10 13.05 2.85 -7.54
C LYS A 10 13.83 2.56 -6.25
N LEU A 11 13.31 3.05 -5.13
CA LEU A 11 13.94 2.84 -3.84
C LEU A 11 12.98 2.15 -2.86
N THR A 12 11.70 2.47 -2.98
CA THR A 12 10.68 1.88 -2.12
C THR A 12 10.29 0.49 -2.60
N CYS A 13 9.40 -0.17 -1.86
CA CYS A 13 8.94 -1.50 -2.21
C CYS A 13 7.42 -1.57 -2.21
N TYR A 14 6.84 -1.95 -3.34
CA TYR A 14 5.39 -2.06 -3.47
C TYR A 14 4.96 -3.52 -3.44
N GLN A 15 3.65 -3.75 -3.57
CA GLN A 15 3.10 -5.09 -3.57
C GLN A 15 1.70 -5.11 -4.20
N ASN A 16 1.32 -6.27 -4.73
CA ASN A 16 0.02 -6.43 -5.37
C ASN A 16 -0.18 -5.39 -6.48
N GLY A 17 -1.43 -5.22 -6.91
CA GLY A 17 -1.73 -4.27 -7.95
C GLY A 17 -3.21 -3.98 -8.07
N VAL A 18 -3.91 -4.07 -6.93
CA VAL A 18 -5.35 -3.82 -6.91
C VAL A 18 -5.72 -2.90 -5.75
N SER A 19 -6.72 -2.05 -5.96
CA SER A 19 -7.17 -1.12 -4.93
C SER A 19 -7.86 -1.87 -3.81
N PHE A 20 -8.22 -1.14 -2.75
CA PHE A 20 -8.89 -1.74 -1.61
C PHE A 20 -10.18 -1.01 -1.27
N THR A 21 -11.13 -1.72 -0.67
CA THR A 21 -12.41 -1.14 -0.29
C THR A 21 -13.07 -1.95 0.83
N GLY A 22 -14.14 -1.40 1.38
CA GLY A 22 -14.84 -2.07 2.46
C GLY A 22 -14.22 -1.80 3.81
N GLY A 23 -12.90 -1.74 3.85
CA GLY A 23 -12.21 -1.49 5.10
C GLY A 23 -12.44 -0.08 5.62
N LYS A 24 -11.91 0.21 6.80
CA LYS A 24 -12.07 1.52 7.41
C LYS A 24 -10.74 2.28 7.43
N ALA A 25 -10.43 2.96 6.33
CA ALA A 25 -9.20 3.73 6.23
C ALA A 25 -9.16 4.83 7.28
N ILE A 26 -8.25 4.71 8.23
CA ILE A 26 -8.13 5.71 9.29
C ILE A 26 -7.61 7.03 8.74
N SER A 27 -7.21 7.01 7.47
CA SER A 27 -6.70 8.19 6.79
C SER A 27 -6.44 7.92 5.32
N GLU A 28 -6.76 8.89 4.48
CA GLU A 28 -6.58 8.75 3.04
C GLU A 28 -5.80 9.93 2.48
N ALA A 29 -4.93 9.67 1.53
CA ALA A 29 -4.12 10.72 0.92
C ALA A 29 -4.35 10.79 -0.58
N LYS A 30 -5.19 11.75 -1.00
CA LYS A 30 -5.50 11.93 -2.42
C LYS A 30 -4.22 12.17 -3.21
N ALA A 31 -3.62 11.09 -3.71
CA ALA A 31 -2.40 11.19 -4.48
C ALA A 31 -2.39 10.20 -5.64
N ALA A 32 -1.68 10.55 -6.70
CA ALA A 32 -1.59 9.69 -7.89
C ALA A 32 -0.34 8.80 -7.82
N SER A 33 0.44 8.97 -6.76
CA SER A 33 1.66 8.19 -6.58
C SER A 33 1.75 7.67 -5.15
N SER A 34 2.11 6.39 -5.01
CA SER A 34 2.23 5.77 -3.70
C SER A 34 3.26 6.50 -2.84
N GLN A 35 4.28 7.05 -3.49
CA GLN A 35 5.34 7.78 -2.79
C GLN A 35 4.75 8.84 -1.88
N ALA A 36 3.73 9.54 -2.37
CA ALA A 36 3.07 10.58 -1.61
C ALA A 36 2.35 9.98 -0.40
N CYS A 37 1.75 8.82 -0.60
CA CYS A 37 1.03 8.14 0.47
C CYS A 37 2.02 7.61 1.51
N GLN A 38 3.26 7.42 1.09
CA GLN A 38 4.30 6.94 1.99
C GLN A 38 4.71 8.01 2.99
N GLU A 39 4.92 9.21 2.49
CA GLU A 39 5.31 10.34 3.34
C GLU A 39 4.13 10.78 4.21
N LEU A 40 2.93 10.72 3.64
CA LEU A 40 1.73 11.11 4.37
C LEU A 40 1.49 10.17 5.56
N CYS A 41 1.39 8.89 5.27
CA CYS A 41 1.16 7.89 6.31
C CYS A 41 2.31 7.88 7.32
N GLU A 42 3.49 8.29 6.87
CA GLU A 42 4.66 8.34 7.74
C GLU A 42 4.45 9.37 8.86
N LYS A 43 3.77 10.45 8.53
CA LYS A 43 3.50 11.51 9.50
C LYS A 43 2.40 11.08 10.48
N ASP A 44 1.79 9.94 10.21
CA ASP A 44 0.73 9.42 11.06
C ASP A 44 1.29 8.46 12.11
N ALA A 45 0.48 8.14 13.11
CA ALA A 45 0.88 7.23 14.17
C ALA A 45 -0.10 6.08 14.32
N LYS A 46 -0.94 5.88 13.30
CA LYS A 46 -1.93 4.82 13.32
C LYS A 46 -1.96 4.09 11.98
N CYS A 47 -0.99 4.39 11.13
CA CYS A 47 -0.91 3.76 9.81
C CYS A 47 0.02 2.56 9.83
N ARG A 48 -0.57 1.37 9.93
CA ARG A 48 0.20 0.14 9.93
C ARG A 48 0.40 -0.37 8.51
N PHE A 49 -0.54 -0.02 7.64
CA PHE A 49 -0.48 -0.42 6.24
C PHE A 49 -0.94 0.71 5.34
N PHE A 50 -0.75 0.56 4.03
CA PHE A 50 -1.15 1.58 3.07
C PHE A 50 -1.64 0.94 1.77
N THR A 51 -2.51 1.67 1.06
CA THR A 51 -3.06 1.18 -0.19
C THR A 51 -3.46 2.34 -1.10
N LEU A 52 -2.64 2.61 -2.11
CA LEU A 52 -2.90 3.68 -3.05
C LEU A 52 -3.70 3.17 -4.26
N ALA A 53 -4.28 4.10 -5.01
CA ALA A 53 -5.07 3.74 -6.18
C ALA A 53 -4.70 4.62 -7.38
N SER A 54 -5.59 4.67 -8.36
CA SER A 54 -5.37 5.47 -9.57
C SER A 54 -5.06 6.92 -9.20
N GLY A 55 -5.61 7.37 -8.08
CA GLY A 55 -5.38 8.74 -7.65
C GLY A 55 -5.89 9.00 -6.25
N LYS A 56 -5.78 7.99 -5.39
CA LYS A 56 -6.24 8.12 -4.00
C LYS A 56 -5.58 7.06 -3.13
N CYS A 57 -4.94 7.51 -2.05
CA CYS A 57 -4.28 6.61 -1.12
C CYS A 57 -5.15 6.34 0.10
N SER A 58 -4.95 5.20 0.73
CA SER A 58 -5.71 4.82 1.91
C SER A 58 -4.90 3.91 2.82
N LEU A 59 -4.59 4.39 4.01
CA LEU A 59 -3.82 3.61 4.98
C LEU A 59 -4.76 2.90 5.95
N PHE A 60 -4.38 1.69 6.35
CA PHE A 60 -5.19 0.90 7.27
C PHE A 60 -4.34 0.36 8.41
N ALA A 61 -4.81 0.58 9.64
CA ALA A 61 -4.10 0.11 10.83
C ALA A 61 -4.26 -1.40 11.00
N ASP A 62 -5.41 -1.81 11.51
CA ASP A 62 -5.69 -3.23 11.72
C ASP A 62 -7.20 -3.48 11.81
N ASP A 63 -7.76 -4.05 10.75
CA ASP A 63 -9.19 -4.34 10.70
C ASP A 63 -9.46 -5.58 9.85
N ALA A 64 -8.62 -5.77 8.83
CA ALA A 64 -8.77 -6.91 7.94
C ALA A 64 -10.12 -6.90 7.23
N ALA A 65 -10.78 -5.74 7.26
CA ALA A 65 -12.09 -5.59 6.62
C ALA A 65 -11.95 -4.99 5.22
N LEU A 66 -10.72 -4.98 4.71
CA LEU A 66 -10.44 -4.45 3.39
C LEU A 66 -10.34 -5.56 2.35
N ARG A 67 -10.80 -5.28 1.14
CA ARG A 67 -10.76 -6.25 0.06
C ARG A 67 -10.56 -5.57 -1.29
N PRO A 68 -10.12 -6.33 -2.31
CA PRO A 68 -9.89 -5.78 -3.65
C PRO A 68 -11.19 -5.38 -4.34
N THR A 69 -11.07 -4.80 -5.54
CA THR A 69 -12.23 -4.38 -6.30
C THR A 69 -11.88 -4.18 -7.78
N LYS A 70 -10.68 -3.67 -8.03
CA LYS A 70 -10.23 -3.44 -9.40
C LYS A 70 -8.72 -3.23 -9.44
N SER A 71 -8.17 -3.12 -10.65
CA SER A 71 -6.74 -2.91 -10.82
C SER A 71 -6.47 -1.83 -11.86
N ASP A 72 -6.70 -0.57 -11.46
CA ASP A 72 -6.48 0.56 -12.36
C ASP A 72 -5.38 1.46 -11.82
N GLY A 73 -4.16 0.96 -11.82
CA GLY A 73 -3.03 1.74 -11.34
C GLY A 73 -3.00 1.82 -9.83
N ALA A 74 -3.63 0.85 -9.17
CA ALA A 74 -3.68 0.83 -7.71
C ALA A 74 -2.56 -0.04 -7.15
N VAL A 75 -1.97 0.40 -6.04
CA VAL A 75 -0.88 -0.33 -5.40
C VAL A 75 -1.15 -0.52 -3.91
N SER A 76 -0.44 -1.46 -3.29
CA SER A 76 -0.60 -1.73 -1.87
C SER A 76 0.71 -2.23 -1.27
N GLY A 77 0.79 -2.21 0.06
CA GLY A 77 2.00 -2.67 0.74
C GLY A 77 1.75 -3.03 2.19
N ASN A 78 2.80 -3.49 2.86
CA ASN A 78 2.68 -3.88 4.27
C ASN A 78 3.90 -3.40 5.05
N LYS A 79 4.00 -3.84 6.30
CA LYS A 79 5.11 -3.47 7.16
C LYS A 79 6.43 -4.02 6.64
N ARG A 80 6.41 -5.29 6.22
CA ARG A 80 7.60 -5.94 5.70
C ARG A 80 7.97 -5.39 4.33
N CYS A 81 9.19 -5.66 3.90
CA CYS A 81 9.66 -5.19 2.60
C CYS A 81 10.87 -6.01 2.12
N ILE A 82 10.59 -7.21 1.61
CA ILE A 82 11.64 -8.09 1.13
C ILE A 82 11.72 -8.06 -0.39
N LEU A 83 12.93 -8.18 -0.91
CA LEU A 83 13.14 -8.17 -2.36
C LEU A 83 14.33 -9.04 -2.75
N LEU A 84 14.68 -9.97 -1.88
CA LEU A 84 15.80 -10.87 -2.12
C LEU A 84 15.39 -12.02 -3.03
N GLU A 85 16.32 -12.49 -3.86
CA GLU A 85 16.05 -13.59 -4.77
C GLU A 85 16.13 -14.93 -4.06
N ASP A 86 15.41 -15.91 -4.58
CA ASP A 86 15.40 -17.26 -4.00
C ASP A 86 15.52 -18.32 -5.07
N ASP A 1 36.15 -13.75 -9.11
CA ASP A 1 34.89 -14.18 -8.44
C ASP A 1 33.68 -13.95 -9.34
N TYR A 2 32.49 -14.09 -8.78
CA TYR A 2 31.26 -13.91 -9.53
C TYR A 2 31.06 -12.45 -9.90
N LYS A 3 29.95 -12.16 -10.58
CA LYS A 3 29.64 -10.80 -11.00
C LYS A 3 29.54 -9.86 -9.79
N ASP A 4 30.28 -8.75 -9.85
CA ASP A 4 30.28 -7.78 -8.77
C ASP A 4 28.89 -7.22 -8.54
N ASP A 5 28.11 -7.12 -9.63
CA ASP A 5 26.76 -6.60 -9.54
C ASP A 5 25.74 -7.73 -9.41
N ASP A 6 24.67 -7.48 -8.66
CA ASP A 6 23.63 -8.48 -8.45
C ASP A 6 22.30 -7.80 -8.16
N ASP A 7 22.34 -6.65 -7.50
CA ASP A 7 21.14 -5.91 -7.16
C ASP A 7 20.91 -4.76 -8.13
N LYS A 8 19.64 -4.42 -8.35
CA LYS A 8 19.28 -3.34 -9.26
C LYS A 8 19.47 -1.98 -8.59
N VAL A 9 19.21 -0.92 -9.34
CA VAL A 9 19.36 0.44 -8.82
C VAL A 9 18.01 0.99 -8.35
N LYS A 10 17.02 0.10 -8.24
CA LYS A 10 15.69 0.51 -7.80
C LYS A 10 15.45 0.08 -6.36
N LEU A 11 15.16 1.06 -5.49
CA LEU A 11 14.91 0.79 -4.08
C LEU A 11 13.42 0.88 -3.77
N THR A 12 12.60 0.87 -4.83
CA THR A 12 11.14 0.94 -4.67
C THR A 12 10.61 -0.27 -3.92
N CYS A 13 9.55 -0.05 -3.13
CA CYS A 13 8.94 -1.12 -2.35
C CYS A 13 7.43 -1.13 -2.55
N TYR A 14 6.96 -1.97 -3.47
CA TYR A 14 5.54 -2.08 -3.75
C TYR A 14 5.01 -3.45 -3.35
N GLN A 15 3.69 -3.56 -3.23
CA GLN A 15 3.05 -4.82 -2.87
C GLN A 15 1.68 -4.95 -3.50
N ASN A 16 1.32 -6.17 -3.91
CA ASN A 16 0.03 -6.43 -4.54
C ASN A 16 -0.17 -5.57 -5.78
N GLY A 17 -1.38 -5.54 -6.30
CA GLY A 17 -1.68 -4.76 -7.48
C GLY A 17 -3.15 -4.42 -7.58
N VAL A 18 -3.71 -3.86 -6.50
CA VAL A 18 -5.12 -3.49 -6.48
C VAL A 18 -5.45 -2.69 -5.21
N SER A 19 -6.41 -1.77 -5.33
CA SER A 19 -6.81 -0.95 -4.20
C SER A 19 -7.53 -1.79 -3.14
N PHE A 20 -8.24 -1.14 -2.23
CA PHE A 20 -8.96 -1.83 -1.18
C PHE A 20 -10.32 -1.19 -0.92
N THR A 21 -11.22 -1.95 -0.32
CA THR A 21 -12.56 -1.46 -0.01
C THR A 21 -13.18 -2.24 1.14
N GLY A 22 -14.35 -1.80 1.59
CA GLY A 22 -15.03 -2.47 2.68
C GLY A 22 -14.51 -2.04 4.04
N GLY A 23 -13.19 -1.94 4.16
CA GLY A 23 -12.58 -1.54 5.41
C GLY A 23 -12.80 -0.07 5.71
N LYS A 24 -12.26 0.39 6.84
CA LYS A 24 -12.41 1.79 7.23
C LYS A 24 -11.05 2.48 7.31
N ALA A 25 -10.63 3.08 6.21
CA ALA A 25 -9.35 3.78 6.16
C ALA A 25 -9.31 4.89 7.20
N ILE A 26 -8.41 4.77 8.17
CA ILE A 26 -8.27 5.77 9.21
C ILE A 26 -7.76 7.08 8.65
N SER A 27 -7.32 7.06 7.39
CA SER A 27 -6.82 8.24 6.72
C SER A 27 -6.54 7.95 5.25
N GLU A 28 -6.83 8.93 4.40
CA GLU A 28 -6.62 8.79 2.97
C GLU A 28 -5.79 9.96 2.43
N ALA A 29 -4.90 9.66 1.49
CA ALA A 29 -4.05 10.68 0.90
C ALA A 29 -4.29 10.80 -0.60
N LYS A 30 -5.10 11.78 -1.00
CA LYS A 30 -5.40 12.00 -2.41
C LYS A 30 -4.12 12.29 -3.18
N ALA A 31 -3.47 11.23 -3.66
CA ALA A 31 -2.23 11.37 -4.41
C ALA A 31 -2.25 10.52 -5.67
N ALA A 32 -1.41 10.89 -6.64
CA ALA A 32 -1.33 10.17 -7.90
C ALA A 32 -0.16 9.18 -7.87
N SER A 33 0.65 9.27 -6.83
CA SER A 33 1.80 8.38 -6.66
C SER A 33 1.86 7.82 -5.26
N SER A 34 2.18 6.54 -5.15
CA SER A 34 2.26 5.86 -3.86
C SER A 34 3.30 6.53 -2.97
N GLN A 35 4.36 7.04 -3.58
CA GLN A 35 5.43 7.70 -2.83
C GLN A 35 4.86 8.77 -1.90
N ALA A 36 3.86 9.50 -2.39
CA ALA A 36 3.23 10.54 -1.60
C ALA A 36 2.46 9.94 -0.43
N CYS A 37 1.83 8.80 -0.68
CA CYS A 37 1.06 8.11 0.35
C CYS A 37 2.00 7.55 1.42
N GLN A 38 3.24 7.29 1.02
CA GLN A 38 4.24 6.76 1.95
C GLN A 38 4.65 7.82 2.96
N GLU A 39 4.96 9.02 2.48
CA GLU A 39 5.36 10.11 3.34
C GLU A 39 4.19 10.59 4.20
N LEU A 40 3.00 10.53 3.63
CA LEU A 40 1.80 10.95 4.34
C LEU A 40 1.53 10.02 5.52
N CYS A 41 1.38 8.74 5.24
CA CYS A 41 1.11 7.75 6.28
C CYS A 41 2.25 7.72 7.30
N GLU A 42 3.45 8.09 6.85
CA GLU A 42 4.61 8.11 7.72
C GLU A 42 4.46 9.14 8.83
N LYS A 43 3.72 10.21 8.53
CA LYS A 43 3.50 11.27 9.50
C LYS A 43 2.36 10.91 10.46
N ASP A 44 1.64 9.84 10.14
CA ASP A 44 0.54 9.39 10.97
C ASP A 44 1.02 8.34 11.98
N ALA A 45 0.23 8.15 13.04
CA ALA A 45 0.57 7.18 14.08
C ALA A 45 -0.48 6.08 14.17
N LYS A 46 -1.32 5.98 13.14
CA LYS A 46 -2.37 4.97 13.10
C LYS A 46 -2.32 4.19 11.80
N CYS A 47 -1.27 4.42 11.02
CA CYS A 47 -1.09 3.74 9.74
C CYS A 47 -0.18 2.53 9.89
N ARG A 48 -0.44 1.49 9.10
CA ARG A 48 0.36 0.28 9.14
C ARG A 48 0.41 -0.37 7.76
N PHE A 49 -0.73 -0.37 7.07
CA PHE A 49 -0.82 -0.95 5.74
C PHE A 49 -1.52 0.00 4.77
N PHE A 50 -0.74 0.87 4.14
CA PHE A 50 -1.29 1.83 3.19
C PHE A 50 -1.75 1.15 1.92
N THR A 51 -2.55 1.85 1.12
CA THR A 51 -3.08 1.31 -0.12
C THR A 51 -3.46 2.43 -1.08
N LEU A 52 -2.57 2.71 -2.03
CA LEU A 52 -2.80 3.76 -3.02
C LEU A 52 -3.52 3.20 -4.24
N ALA A 53 -4.19 4.07 -4.98
CA ALA A 53 -4.91 3.67 -6.18
C ALA A 53 -4.52 4.54 -7.37
N SER A 54 -5.38 4.54 -8.39
CA SER A 54 -5.13 5.34 -9.60
C SER A 54 -4.88 6.80 -9.25
N GLY A 55 -5.45 7.25 -8.13
CA GLY A 55 -5.28 8.63 -7.72
C GLY A 55 -5.85 8.89 -6.33
N LYS A 56 -5.66 7.94 -5.42
CA LYS A 56 -6.16 8.07 -4.06
C LYS A 56 -5.52 7.04 -3.14
N CYS A 57 -4.88 7.51 -2.08
CA CYS A 57 -4.22 6.63 -1.12
C CYS A 57 -5.14 6.37 0.07
N SER A 58 -4.95 5.22 0.72
CA SER A 58 -5.74 4.86 1.88
C SER A 58 -4.95 3.94 2.82
N LEU A 59 -4.67 4.44 4.02
CA LEU A 59 -3.93 3.65 4.99
C LEU A 59 -4.89 2.89 5.91
N PHE A 60 -4.44 1.73 6.39
CA PHE A 60 -5.27 0.91 7.27
C PHE A 60 -4.45 0.37 8.44
N ALA A 61 -4.88 0.69 9.66
CA ALA A 61 -4.19 0.24 10.86
C ALA A 61 -4.18 -1.28 10.94
N ASP A 62 -5.30 -1.85 11.39
CA ASP A 62 -5.43 -3.30 11.52
C ASP A 62 -6.25 -3.88 10.38
N ASP A 63 -5.89 -5.08 9.94
CA ASP A 63 -6.60 -5.75 8.86
C ASP A 63 -7.97 -6.22 9.31
N ALA A 64 -9.01 -5.53 8.87
CA ALA A 64 -10.38 -5.88 9.23
C ALA A 64 -11.03 -6.74 8.15
N ALA A 65 -11.51 -6.08 7.09
CA ALA A 65 -12.15 -6.78 5.99
C ALA A 65 -11.90 -6.07 4.66
N LEU A 66 -10.85 -5.26 4.63
CA LEU A 66 -10.49 -4.52 3.43
C LEU A 66 -10.13 -5.47 2.29
N ARG A 67 -11.04 -5.61 1.34
CA ARG A 67 -10.82 -6.49 0.19
C ARG A 67 -10.52 -5.68 -1.08
N PRO A 68 -9.95 -6.33 -2.10
CA PRO A 68 -9.61 -5.67 -3.36
C PRO A 68 -10.86 -5.31 -4.18
N THR A 69 -10.67 -4.51 -5.22
CA THR A 69 -11.77 -4.09 -6.07
C THR A 69 -11.26 -3.38 -7.33
N LYS A 70 -10.05 -2.83 -7.24
CA LYS A 70 -9.46 -2.12 -8.37
C LYS A 70 -8.66 -3.06 -9.27
N SER A 71 -7.73 -2.49 -10.03
CA SER A 71 -6.90 -3.28 -10.93
C SER A 71 -5.42 -2.95 -10.73
N ASP A 72 -4.61 -3.19 -11.76
CA ASP A 72 -3.19 -2.91 -11.70
C ASP A 72 -2.92 -1.42 -11.49
N GLY A 73 -3.93 -0.60 -11.75
CA GLY A 73 -3.79 0.83 -11.59
C GLY A 73 -3.62 1.23 -10.13
N ALA A 74 -3.90 0.31 -9.22
CA ALA A 74 -3.78 0.57 -7.80
C ALA A 74 -2.68 -0.29 -7.17
N VAL A 75 -1.90 0.30 -6.28
CA VAL A 75 -0.82 -0.41 -5.61
C VAL A 75 -0.88 -0.20 -4.10
N SER A 76 -0.65 -1.28 -3.35
CA SER A 76 -0.67 -1.22 -1.89
C SER A 76 0.67 -1.64 -1.31
N GLY A 77 0.73 -1.72 0.02
CA GLY A 77 1.96 -2.11 0.69
C GLY A 77 1.73 -2.56 2.11
N ASN A 78 2.79 -3.08 2.74
CA ASN A 78 2.70 -3.56 4.11
C ASN A 78 4.06 -3.47 4.80
N LYS A 79 4.05 -3.60 6.13
CA LYS A 79 5.27 -3.54 6.92
C LYS A 79 6.03 -2.24 6.65
N ARG A 80 5.30 -1.14 6.59
CA ARG A 80 5.89 0.17 6.33
C ARG A 80 6.61 0.19 5.00
N CYS A 81 7.92 -0.09 5.03
CA CYS A 81 8.73 -0.10 3.82
C CYS A 81 8.63 1.23 3.07
N ILE A 82 9.50 2.16 3.42
CA ILE A 82 9.51 3.48 2.80
C ILE A 82 10.77 3.66 1.95
N LEU A 83 10.90 4.84 1.34
CA LEU A 83 12.06 5.14 0.51
C LEU A 83 13.33 5.22 1.34
N LEU A 84 14.19 4.22 1.17
CA LEU A 84 15.45 4.16 1.90
C LEU A 84 15.21 4.19 3.42
N GLU A 85 14.94 3.01 3.99
CA GLU A 85 14.70 2.90 5.42
C GLU A 85 15.95 3.23 6.22
N ASP A 86 15.85 4.25 7.08
CA ASP A 86 16.98 4.67 7.90
C ASP A 86 17.26 3.64 8.99
N ASP A 1 3.34 -35.09 -13.09
CA ASP A 1 4.39 -34.53 -13.97
C ASP A 1 5.79 -34.90 -13.47
N TYR A 2 6.80 -34.22 -14.00
CA TYR A 2 8.18 -34.49 -13.60
C TYR A 2 8.39 -34.18 -12.12
N LYS A 3 9.51 -34.64 -11.58
CA LYS A 3 9.84 -34.41 -10.17
C LYS A 3 8.76 -34.99 -9.26
N ASP A 4 8.82 -34.64 -7.98
CA ASP A 4 7.85 -35.11 -7.01
C ASP A 4 6.91 -34.00 -6.59
N ASP A 5 7.37 -33.15 -5.68
CA ASP A 5 6.58 -32.03 -5.19
C ASP A 5 7.17 -30.70 -5.64
N ASP A 6 6.70 -29.62 -5.04
CA ASP A 6 7.19 -28.28 -5.38
C ASP A 6 7.57 -27.50 -4.13
N ASP A 7 6.71 -27.55 -3.12
CA ASP A 7 6.94 -26.86 -1.86
C ASP A 7 7.20 -25.38 -2.10
N LYS A 8 6.13 -24.60 -2.23
CA LYS A 8 6.25 -23.17 -2.45
C LYS A 8 6.29 -22.41 -1.14
N VAL A 9 6.81 -21.18 -1.18
CA VAL A 9 6.91 -20.34 0.01
C VAL A 9 6.75 -18.87 -0.34
N LYS A 10 5.90 -18.18 0.40
CA LYS A 10 5.66 -16.76 0.17
C LYS A 10 6.91 -15.94 0.48
N LEU A 11 7.48 -15.33 -0.56
CA LEU A 11 8.68 -14.51 -0.39
C LEU A 11 8.42 -13.08 -0.84
N THR A 12 7.17 -12.78 -1.18
CA THR A 12 6.79 -11.44 -1.62
C THR A 12 6.92 -10.43 -0.49
N CYS A 13 7.16 -9.17 -0.85
CA CYS A 13 7.30 -8.10 0.13
C CYS A 13 6.51 -6.87 -0.28
N TYR A 14 5.77 -6.98 -1.38
CA TYR A 14 4.96 -5.87 -1.88
C TYR A 14 3.68 -6.39 -2.53
N GLN A 15 2.75 -5.47 -2.79
CA GLN A 15 1.48 -5.83 -3.41
C GLN A 15 0.86 -4.63 -4.11
N ASN A 16 1.06 -4.54 -5.42
CA ASN A 16 0.53 -3.44 -6.21
C ASN A 16 -0.55 -3.93 -7.17
N GLY A 17 -1.38 -4.84 -6.69
CA GLY A 17 -2.44 -5.38 -7.52
C GLY A 17 -3.48 -4.33 -7.88
N VAL A 18 -4.47 -4.15 -7.01
CA VAL A 18 -5.52 -3.16 -7.24
C VAL A 18 -5.86 -2.42 -5.96
N SER A 19 -6.77 -1.44 -6.07
CA SER A 19 -7.18 -0.64 -4.91
C SER A 19 -7.78 -1.54 -3.84
N PHE A 20 -8.02 -0.98 -2.65
CA PHE A 20 -8.59 -1.75 -1.55
C PHE A 20 -9.91 -1.13 -1.09
N THR A 21 -10.90 -2.00 -0.85
CA THR A 21 -12.21 -1.55 -0.40
C THR A 21 -12.78 -2.50 0.65
N GLY A 22 -14.00 -2.23 1.08
CA GLY A 22 -14.64 -3.08 2.09
C GLY A 22 -14.24 -2.70 3.50
N GLY A 23 -12.99 -2.28 3.66
CA GLY A 23 -12.51 -1.89 4.98
C GLY A 23 -12.71 -0.42 5.26
N LYS A 24 -12.37 0.01 6.47
CA LYS A 24 -12.52 1.41 6.87
C LYS A 24 -11.16 2.07 7.04
N ALA A 25 -10.69 2.73 5.98
CA ALA A 25 -9.41 3.41 6.01
C ALA A 25 -9.37 4.47 7.11
N ILE A 26 -8.38 4.35 8.00
CA ILE A 26 -8.24 5.30 9.10
C ILE A 26 -7.90 6.69 8.57
N SER A 27 -7.34 6.72 7.37
CA SER A 27 -6.96 7.98 6.74
C SER A 27 -6.63 7.76 5.26
N GLU A 28 -7.01 8.72 4.44
CA GLU A 28 -6.76 8.64 3.01
C GLU A 28 -6.04 9.89 2.52
N ALA A 29 -5.10 9.69 1.59
CA ALA A 29 -4.33 10.80 1.04
C ALA A 29 -4.54 10.93 -0.46
N LYS A 30 -5.41 11.86 -0.86
CA LYS A 30 -5.68 12.08 -2.27
C LYS A 30 -4.40 12.45 -3.02
N ALA A 31 -3.71 11.44 -3.54
CA ALA A 31 -2.47 11.65 -4.27
C ALA A 31 -2.41 10.80 -5.54
N ALA A 32 -1.78 11.34 -6.57
CA ALA A 32 -1.64 10.63 -7.83
C ALA A 32 -0.38 9.79 -7.85
N SER A 33 0.37 9.83 -6.75
CA SER A 33 1.60 9.08 -6.63
C SER A 33 1.75 8.50 -5.23
N SER A 34 2.09 7.22 -5.15
CA SER A 34 2.26 6.54 -3.86
C SER A 34 3.28 7.27 -2.99
N GLN A 35 4.25 7.90 -3.63
CA GLN A 35 5.29 8.64 -2.92
C GLN A 35 4.67 9.62 -1.91
N ALA A 36 3.68 10.36 -2.36
CA ALA A 36 3.00 11.33 -1.51
C ALA A 36 2.26 10.62 -0.39
N CYS A 37 1.79 9.41 -0.66
CA CYS A 37 1.08 8.61 0.32
C CYS A 37 2.05 8.04 1.35
N GLN A 38 3.31 7.89 0.94
CA GLN A 38 4.35 7.37 1.81
C GLN A 38 4.73 8.40 2.88
N GLU A 39 4.95 9.63 2.44
CA GLU A 39 5.33 10.71 3.35
C GLU A 39 4.14 11.08 4.25
N LEU A 40 2.94 11.00 3.68
CA LEU A 40 1.72 11.32 4.42
C LEU A 40 1.50 10.33 5.55
N CYS A 41 1.42 9.04 5.19
CA CYS A 41 1.21 7.99 6.16
C CYS A 41 2.36 7.93 7.17
N GLU A 42 3.54 8.36 6.74
CA GLU A 42 4.70 8.36 7.61
C GLU A 42 4.53 9.34 8.77
N LYS A 43 3.74 10.38 8.53
CA LYS A 43 3.49 11.39 9.55
C LYS A 43 2.34 10.96 10.47
N ASP A 44 1.81 9.77 10.23
CA ASP A 44 0.72 9.24 11.02
C ASP A 44 1.06 7.85 11.56
N ALA A 45 1.07 7.72 12.89
CA ALA A 45 1.38 6.46 13.54
C ALA A 45 0.20 5.49 13.41
N LYS A 46 -0.92 5.98 12.92
CA LYS A 46 -2.10 5.15 12.75
C LYS A 46 -2.09 4.43 11.41
N CYS A 47 -0.95 4.52 10.72
CA CYS A 47 -0.81 3.87 9.42
C CYS A 47 0.07 2.62 9.54
N ARG A 48 -0.37 1.54 8.89
CA ARG A 48 0.37 0.29 8.92
C ARG A 48 0.42 -0.34 7.52
N PHE A 49 -0.74 -0.49 6.90
CA PHE A 49 -0.83 -1.07 5.56
C PHE A 49 -1.42 -0.06 4.58
N PHE A 50 -0.57 0.83 4.07
CA PHE A 50 -1.01 1.84 3.12
C PHE A 50 -1.42 1.20 1.80
N THR A 51 -2.28 1.90 1.05
CA THR A 51 -2.75 1.39 -0.24
C THR A 51 -3.21 2.54 -1.13
N LEU A 52 -2.36 2.92 -2.08
CA LEU A 52 -2.67 4.00 -3.01
C LEU A 52 -3.31 3.45 -4.27
N ALA A 53 -4.02 4.31 -5.00
CA ALA A 53 -4.68 3.92 -6.24
C ALA A 53 -4.29 4.84 -7.38
N SER A 54 -5.10 4.84 -8.43
CA SER A 54 -4.85 5.68 -9.60
C SER A 54 -4.72 7.15 -9.20
N GLY A 55 -5.24 7.49 -8.03
CA GLY A 55 -5.17 8.86 -7.54
C GLY A 55 -5.79 9.02 -6.17
N LYS A 56 -5.64 8.01 -5.33
CA LYS A 56 -6.20 8.05 -3.97
C LYS A 56 -5.49 7.05 -3.06
N CYS A 57 -4.83 7.58 -2.03
CA CYS A 57 -4.13 6.74 -1.07
C CYS A 57 -5.03 6.40 0.12
N SER A 58 -4.77 5.25 0.75
CA SER A 58 -5.56 4.81 1.89
C SER A 58 -4.73 3.96 2.84
N LEU A 59 -4.48 4.50 4.03
CA LEU A 59 -3.70 3.78 5.03
C LEU A 59 -4.62 3.05 6.00
N PHE A 60 -4.31 1.78 6.25
CA PHE A 60 -5.13 0.96 7.16
C PHE A 60 -4.32 0.50 8.36
N ALA A 61 -4.77 0.89 9.55
CA ALA A 61 -4.10 0.51 10.79
C ALA A 61 -4.26 -0.97 11.08
N ASP A 62 -5.48 -1.36 11.41
CA ASP A 62 -5.78 -2.76 11.71
C ASP A 62 -6.94 -3.27 10.85
N ASP A 63 -7.87 -2.36 10.52
CA ASP A 63 -9.03 -2.71 9.71
C ASP A 63 -9.75 -3.92 10.28
N ALA A 64 -10.54 -4.58 9.43
CA ALA A 64 -11.29 -5.76 9.85
C ALA A 64 -10.97 -6.96 8.96
N ALA A 65 -10.75 -6.71 7.68
CA ALA A 65 -10.43 -7.76 6.73
C ALA A 65 -9.67 -7.22 5.51
N LEU A 66 -10.06 -6.02 5.07
CA LEU A 66 -9.41 -5.38 3.93
C LEU A 66 -9.52 -6.26 2.68
N ARG A 67 -10.54 -6.02 1.87
CA ARG A 67 -10.76 -6.78 0.65
C ARG A 67 -10.30 -6.01 -0.58
N PRO A 68 -10.00 -6.70 -1.68
CA PRO A 68 -9.54 -6.07 -2.92
C PRO A 68 -10.61 -5.17 -3.52
N THR A 69 -10.36 -4.67 -4.73
CA THR A 69 -11.29 -3.78 -5.42
C THR A 69 -11.40 -4.15 -6.90
N LYS A 70 -10.71 -3.40 -7.75
CA LYS A 70 -10.73 -3.63 -9.19
C LYS A 70 -9.78 -2.70 -9.92
N SER A 71 -9.49 -1.55 -9.31
CA SER A 71 -8.61 -0.55 -9.90
C SER A 71 -7.30 -1.18 -10.37
N ASP A 72 -7.22 -1.46 -11.67
CA ASP A 72 -6.02 -2.05 -12.25
C ASP A 72 -4.93 -1.01 -12.44
N GLY A 73 -4.18 -0.74 -11.36
CA GLY A 73 -3.12 0.25 -11.43
C GLY A 73 -2.70 0.73 -10.06
N ALA A 74 -3.52 0.45 -9.05
CA ALA A 74 -3.23 0.87 -7.69
C ALA A 74 -1.92 0.25 -7.19
N VAL A 75 -1.31 0.90 -6.19
CA VAL A 75 -0.06 0.41 -5.62
C VAL A 75 -0.13 0.39 -4.10
N SER A 76 -0.20 -0.81 -3.53
CA SER A 76 -0.27 -0.97 -2.08
C SER A 76 1.02 -1.60 -1.55
N GLY A 77 1.09 -1.72 -0.22
CA GLY A 77 2.27 -2.30 0.41
C GLY A 77 2.02 -2.66 1.86
N ASN A 78 1.92 -3.96 2.13
CA ASN A 78 1.69 -4.44 3.49
C ASN A 78 2.90 -5.21 4.01
N LYS A 79 3.41 -4.79 5.16
CA LYS A 79 4.56 -5.43 5.78
C LYS A 79 5.75 -5.45 4.82
N ARG A 80 6.53 -4.38 4.84
CA ARG A 80 7.70 -4.27 3.97
C ARG A 80 8.79 -5.25 4.40
N CYS A 81 9.81 -5.39 3.56
CA CYS A 81 10.92 -6.30 3.86
C CYS A 81 12.18 -5.52 4.22
N ILE A 82 12.12 -4.79 5.34
CA ILE A 82 13.25 -4.00 5.80
C ILE A 82 14.06 -4.76 6.84
N LEU A 83 15.23 -5.25 6.44
CA LEU A 83 16.10 -6.00 7.33
C LEU A 83 17.44 -5.30 7.49
N LEU A 84 17.76 -4.94 8.73
CA LEU A 84 19.03 -4.26 9.02
C LEU A 84 19.62 -4.74 10.35
N GLU A 85 20.90 -4.47 10.55
CA GLU A 85 21.58 -4.87 11.78
C GLU A 85 21.48 -6.37 11.99
N ASP A 86 21.47 -7.11 10.89
CA ASP A 86 21.38 -8.57 10.95
C ASP A 86 22.65 -9.17 11.53
N ASP A 1 -10.24 -27.93 -5.18
CA ASP A 1 -11.17 -28.61 -6.11
C ASP A 1 -10.65 -28.57 -7.54
N TYR A 2 -10.10 -29.69 -8.00
CA TYR A 2 -9.56 -29.79 -9.36
C TYR A 2 -8.53 -28.71 -9.62
N LYS A 3 -8.20 -28.50 -10.89
CA LYS A 3 -7.23 -27.49 -11.28
C LYS A 3 -5.88 -27.74 -10.61
N ASP A 4 -5.68 -27.13 -9.44
CA ASP A 4 -4.44 -27.29 -8.70
C ASP A 4 -4.54 -28.43 -7.69
N ASP A 5 -3.53 -28.55 -6.83
CA ASP A 5 -3.51 -29.59 -5.81
C ASP A 5 -4.18 -29.11 -4.52
N ASP A 6 -3.46 -28.31 -3.74
CA ASP A 6 -3.99 -27.78 -2.49
C ASP A 6 -4.39 -26.33 -2.65
N ASP A 7 -3.41 -25.43 -2.53
CA ASP A 7 -3.66 -24.00 -2.65
C ASP A 7 -3.09 -23.46 -3.95
N LYS A 8 -3.51 -22.24 -4.31
CA LYS A 8 -3.03 -21.61 -5.53
C LYS A 8 -1.71 -20.88 -5.30
N VAL A 9 -1.24 -20.17 -6.31
CA VAL A 9 0.01 -19.42 -6.21
C VAL A 9 -0.22 -18.04 -5.62
N LYS A 10 0.87 -17.37 -5.25
CA LYS A 10 0.79 -16.04 -4.68
C LYS A 10 0.68 -14.97 -5.76
N LEU A 11 0.24 -13.78 -5.38
CA LEU A 11 0.08 -12.68 -6.32
C LEU A 11 0.60 -11.37 -5.72
N THR A 12 1.87 -11.37 -5.33
CA THR A 12 2.49 -10.20 -4.74
C THR A 12 1.78 -9.76 -3.46
N CYS A 13 2.34 -10.14 -2.32
CA CYS A 13 1.75 -9.80 -1.03
C CYS A 13 2.24 -8.43 -0.56
N TYR A 14 2.68 -7.60 -1.51
CA TYR A 14 3.17 -6.27 -1.20
C TYR A 14 2.53 -5.22 -2.11
N GLN A 15 3.12 -5.05 -3.29
CA GLN A 15 2.61 -4.07 -4.26
C GLN A 15 1.23 -4.49 -4.77
N ASN A 16 1.03 -5.80 -4.92
CA ASN A 16 -0.24 -6.33 -5.41
C ASN A 16 -0.58 -5.77 -6.78
N GLY A 17 -1.28 -4.65 -6.81
CA GLY A 17 -1.66 -4.03 -8.07
C GLY A 17 -3.10 -3.59 -8.09
N VAL A 18 -3.85 -3.93 -7.04
CA VAL A 18 -5.25 -3.57 -6.94
C VAL A 18 -5.52 -2.76 -5.67
N SER A 19 -6.50 -1.85 -5.75
CA SER A 19 -6.85 -1.01 -4.62
C SER A 19 -7.50 -1.85 -3.51
N PHE A 20 -8.07 -1.17 -2.52
CA PHE A 20 -8.72 -1.87 -1.41
C PHE A 20 -10.05 -1.22 -1.05
N THR A 21 -10.99 -2.04 -0.60
CA THR A 21 -12.32 -1.55 -0.23
C THR A 21 -12.91 -2.38 0.92
N GLY A 22 -14.07 -1.96 1.41
CA GLY A 22 -14.72 -2.68 2.48
C GLY A 22 -14.14 -2.33 3.85
N GLY A 23 -12.85 -2.04 3.89
CA GLY A 23 -12.21 -1.69 5.14
C GLY A 23 -12.34 -0.21 5.48
N LYS A 24 -12.17 0.11 6.76
CA LYS A 24 -12.27 1.49 7.22
C LYS A 24 -10.89 2.13 7.31
N ALA A 25 -10.49 2.79 6.23
CA ALA A 25 -9.19 3.46 6.19
C ALA A 25 -9.07 4.53 7.27
N ILE A 26 -8.12 4.34 8.18
CA ILE A 26 -7.90 5.29 9.26
C ILE A 26 -7.58 6.67 8.70
N SER A 27 -7.08 6.69 7.48
CA SER A 27 -6.72 7.93 6.81
C SER A 27 -6.46 7.69 5.33
N GLU A 28 -6.72 8.71 4.53
CA GLU A 28 -6.55 8.61 3.09
C GLU A 28 -5.89 9.87 2.54
N ALA A 29 -4.97 9.69 1.59
CA ALA A 29 -4.27 10.81 0.99
C ALA A 29 -4.50 10.87 -0.52
N LYS A 30 -5.43 11.71 -0.94
CA LYS A 30 -5.75 11.86 -2.36
C LYS A 30 -4.50 12.27 -3.14
N ALA A 31 -3.77 11.27 -3.63
CA ALA A 31 -2.55 11.52 -4.38
C ALA A 31 -2.50 10.68 -5.65
N ALA A 32 -1.72 11.14 -6.62
CA ALA A 32 -1.58 10.44 -7.89
C ALA A 32 -0.36 9.53 -7.86
N SER A 33 0.37 9.56 -6.76
CA SER A 33 1.57 8.74 -6.59
C SER A 33 1.71 8.27 -5.14
N SER A 34 2.16 7.04 -4.96
CA SER A 34 2.35 6.46 -3.64
C SER A 34 3.37 7.25 -2.84
N GLN A 35 4.34 7.83 -3.54
CA GLN A 35 5.39 8.61 -2.90
C GLN A 35 4.77 9.63 -1.95
N ALA A 36 3.64 10.19 -2.35
CA ALA A 36 2.93 11.15 -1.54
C ALA A 36 2.21 10.45 -0.39
N CYS A 37 1.77 9.22 -0.65
CA CYS A 37 1.07 8.44 0.37
C CYS A 37 2.07 7.92 1.40
N GLN A 38 3.34 7.89 1.02
CA GLN A 38 4.40 7.42 1.90
C GLN A 38 4.76 8.51 2.92
N GLU A 39 5.01 9.72 2.42
CA GLU A 39 5.35 10.84 3.28
C GLU A 39 4.16 11.22 4.16
N LEU A 40 2.96 11.01 3.63
CA LEU A 40 1.73 11.33 4.36
C LEU A 40 1.54 10.35 5.51
N CYS A 41 1.52 9.06 5.19
CA CYS A 41 1.34 8.03 6.20
C CYS A 41 2.49 8.05 7.21
N GLU A 42 3.65 8.52 6.77
CA GLU A 42 4.83 8.59 7.64
C GLU A 42 4.62 9.61 8.74
N LYS A 43 3.76 10.59 8.49
CA LYS A 43 3.46 11.64 9.47
C LYS A 43 2.29 11.24 10.34
N ASP A 44 1.89 9.98 10.27
CA ASP A 44 0.77 9.47 11.06
C ASP A 44 1.20 8.32 11.94
N ALA A 45 0.57 8.20 13.10
CA ALA A 45 0.89 7.13 14.05
C ALA A 45 -0.19 6.06 14.05
N LYS A 46 -1.05 6.09 13.04
CA LYS A 46 -2.12 5.11 12.92
C LYS A 46 -2.04 4.38 11.58
N CYS A 47 -0.95 4.60 10.86
CA CYS A 47 -0.74 3.94 9.57
C CYS A 47 0.13 2.70 9.72
N ARG A 48 -0.13 1.70 8.88
CA ARG A 48 0.62 0.46 8.91
C ARG A 48 0.67 -0.18 7.53
N PHE A 49 -0.49 -0.27 6.89
CA PHE A 49 -0.59 -0.87 5.56
C PHE A 49 -1.31 0.07 4.60
N PHE A 50 -0.54 0.95 3.96
CA PHE A 50 -1.10 1.92 3.03
C PHE A 50 -1.57 1.22 1.75
N THR A 51 -2.38 1.93 0.96
CA THR A 51 -2.90 1.38 -0.28
C THR A 51 -3.39 2.49 -1.20
N LEU A 52 -2.56 2.88 -2.17
CA LEU A 52 -2.90 3.93 -3.11
C LEU A 52 -3.33 3.34 -4.45
N ALA A 53 -4.33 3.95 -5.07
CA ALA A 53 -4.84 3.48 -6.35
C ALA A 53 -4.49 4.46 -7.47
N SER A 54 -3.29 5.03 -7.39
CA SER A 54 -2.82 5.98 -8.39
C SER A 54 -3.66 7.25 -8.41
N GLY A 55 -4.71 7.27 -7.60
CA GLY A 55 -5.59 8.43 -7.54
C GLY A 55 -6.04 8.76 -6.14
N LYS A 56 -5.91 7.80 -5.22
CA LYS A 56 -6.32 7.99 -3.84
C LYS A 56 -5.62 6.99 -2.93
N CYS A 57 -4.84 7.51 -1.99
CA CYS A 57 -4.13 6.66 -1.03
C CYS A 57 -5.00 6.35 0.17
N SER A 58 -4.74 5.21 0.81
CA SER A 58 -5.52 4.79 1.97
C SER A 58 -4.68 3.93 2.91
N LEU A 59 -4.42 4.44 4.11
CA LEU A 59 -3.63 3.71 5.09
C LEU A 59 -4.53 2.96 6.06
N PHE A 60 -4.21 1.68 6.29
CA PHE A 60 -4.99 0.85 7.18
C PHE A 60 -4.14 0.31 8.33
N ALA A 61 -4.52 0.64 9.55
CA ALA A 61 -3.79 0.19 10.74
C ALA A 61 -3.95 -1.31 10.95
N ASP A 62 -5.05 -1.68 11.62
CA ASP A 62 -5.32 -3.09 11.90
C ASP A 62 -6.21 -3.70 10.81
N ASP A 63 -6.66 -4.93 11.04
CA ASP A 63 -7.52 -5.61 10.09
C ASP A 63 -8.85 -4.87 9.90
N ALA A 64 -9.41 -4.96 8.71
CA ALA A 64 -10.67 -4.29 8.41
C ALA A 64 -11.44 -5.05 7.32
N ALA A 65 -11.06 -6.31 7.11
CA ALA A 65 -11.72 -7.14 6.11
C ALA A 65 -11.68 -6.48 4.73
N LEU A 66 -10.61 -5.73 4.48
CA LEU A 66 -10.45 -5.05 3.20
C LEU A 66 -10.39 -6.05 2.05
N ARG A 67 -10.59 -5.56 0.83
CA ARG A 67 -10.56 -6.42 -0.35
C ARG A 67 -10.31 -5.60 -1.61
N PRO A 68 -9.66 -6.22 -2.62
CA PRO A 68 -9.36 -5.54 -3.89
C PRO A 68 -10.60 -5.36 -4.75
N THR A 69 -10.49 -4.51 -5.77
CA THR A 69 -11.60 -4.26 -6.67
C THR A 69 -11.11 -3.92 -8.08
N LYS A 70 -10.57 -2.73 -8.24
CA LYS A 70 -10.05 -2.29 -9.53
C LYS A 70 -8.57 -1.93 -9.44
N SER A 71 -7.79 -2.40 -10.42
CA SER A 71 -6.37 -2.13 -10.44
C SER A 71 -6.08 -0.71 -10.91
N ASP A 72 -6.15 -0.49 -12.22
CA ASP A 72 -5.91 0.82 -12.80
C ASP A 72 -4.58 1.40 -12.31
N GLY A 73 -3.57 0.54 -12.20
CA GLY A 73 -2.27 0.98 -11.74
C GLY A 73 -2.21 1.18 -10.24
N ALA A 74 -2.98 0.38 -9.50
CA ALA A 74 -3.00 0.47 -8.05
C ALA A 74 -1.74 -0.11 -7.44
N VAL A 75 -1.57 0.08 -6.14
CA VAL A 75 -0.41 -0.43 -5.43
C VAL A 75 -0.59 -0.29 -3.92
N SER A 76 -0.06 -1.27 -3.17
CA SER A 76 -0.17 -1.25 -1.72
C SER A 76 1.15 -1.66 -1.07
N GLY A 77 1.17 -1.68 0.26
CA GLY A 77 2.37 -2.05 0.97
C GLY A 77 2.08 -2.53 2.38
N ASN A 78 2.50 -3.76 2.69
CA ASN A 78 2.27 -4.34 4.01
C ASN A 78 3.60 -4.67 4.68
N LYS A 79 4.66 -4.75 3.89
CA LYS A 79 5.99 -5.07 4.41
C LYS A 79 5.98 -6.38 5.19
N ARG A 80 5.05 -7.26 4.85
CA ARG A 80 4.93 -8.55 5.52
C ARG A 80 4.99 -9.69 4.51
N CYS A 81 4.43 -10.84 4.89
CA CYS A 81 4.41 -12.00 4.01
C CYS A 81 5.83 -12.41 3.61
N ILE A 82 6.57 -12.96 4.57
CA ILE A 82 7.95 -13.38 4.31
C ILE A 82 8.02 -14.90 4.11
N LEU A 83 8.94 -15.34 3.24
CA LEU A 83 9.11 -16.75 2.97
C LEU A 83 10.06 -17.39 3.98
N LEU A 84 9.53 -18.34 4.75
CA LEU A 84 10.32 -19.02 5.76
C LEU A 84 9.97 -20.51 5.81
N GLU A 85 8.69 -20.81 5.67
CA GLU A 85 8.21 -22.19 5.69
C GLU A 85 7.91 -22.69 4.29
N ASP A 86 8.41 -21.97 3.28
CA ASP A 86 8.19 -22.33 1.90
C ASP A 86 9.51 -22.68 1.21
N ASP A 1 26.80 8.62 -22.20
CA ASP A 1 26.74 9.76 -21.24
C ASP A 1 25.72 9.50 -20.14
N TYR A 2 25.44 10.53 -19.34
CA TYR A 2 24.48 10.42 -18.24
C TYR A 2 23.13 10.97 -18.65
N LYS A 3 22.19 10.99 -17.71
CA LYS A 3 20.85 11.49 -17.96
C LYS A 3 20.53 12.67 -17.05
N ASP A 4 20.51 12.40 -15.75
CA ASP A 4 20.22 13.44 -14.76
C ASP A 4 20.94 13.15 -13.45
N ASP A 5 20.37 12.23 -12.67
CA ASP A 5 20.96 11.86 -11.38
C ASP A 5 21.81 10.61 -11.52
N ASP A 6 22.30 10.11 -10.39
CA ASP A 6 23.14 8.92 -10.38
C ASP A 6 22.38 7.73 -9.80
N ASP A 7 22.22 7.73 -8.48
CA ASP A 7 21.52 6.65 -7.79
C ASP A 7 20.02 6.69 -8.11
N LYS A 8 19.50 5.55 -8.56
CA LYS A 8 18.09 5.45 -8.91
C LYS A 8 17.27 4.97 -7.72
N VAL A 9 15.94 5.05 -7.85
CA VAL A 9 15.05 4.63 -6.77
C VAL A 9 14.60 3.19 -6.96
N LYS A 10 14.08 2.59 -5.90
CA LYS A 10 13.60 1.21 -5.95
C LYS A 10 12.15 1.11 -5.50
N LEU A 11 11.38 0.27 -6.16
CA LEU A 11 9.97 0.08 -5.84
C LEU A 11 9.54 -1.37 -6.07
N THR A 12 10.51 -2.27 -6.05
CA THR A 12 10.23 -3.70 -6.25
C THR A 12 9.50 -4.29 -5.06
N CYS A 13 9.51 -3.57 -3.95
CA CYS A 13 8.85 -4.02 -2.73
C CYS A 13 7.43 -3.46 -2.63
N TYR A 14 6.46 -4.25 -3.05
CA TYR A 14 5.06 -3.83 -3.02
C TYR A 14 4.14 -5.01 -2.71
N GLN A 15 2.84 -4.77 -2.83
CA GLN A 15 1.85 -5.82 -2.56
C GLN A 15 0.54 -5.50 -3.26
N ASN A 16 -0.30 -6.53 -3.43
CA ASN A 16 -1.59 -6.38 -4.09
C ASN A 16 -1.43 -5.77 -5.48
N GLY A 17 -2.52 -5.22 -6.01
CA GLY A 17 -2.47 -4.61 -7.32
C GLY A 17 -3.70 -3.78 -7.62
N VAL A 18 -4.67 -3.81 -6.71
CA VAL A 18 -5.90 -3.06 -6.89
C VAL A 18 -6.26 -2.28 -5.62
N SER A 19 -7.15 -1.31 -5.75
CA SER A 19 -7.57 -0.49 -4.62
C SER A 19 -8.31 -1.36 -3.60
N PHE A 20 -8.43 -0.87 -2.38
CA PHE A 20 -9.10 -1.60 -1.32
C PHE A 20 -10.44 -0.97 -0.96
N THR A 21 -11.40 -1.80 -0.59
CA THR A 21 -12.73 -1.34 -0.21
C THR A 21 -13.34 -2.22 0.88
N GLY A 22 -14.34 -1.68 1.57
CA GLY A 22 -14.99 -2.43 2.62
C GLY A 22 -14.22 -2.38 3.93
N GLY A 23 -12.98 -1.90 3.87
CA GLY A 23 -12.15 -1.82 5.06
C GLY A 23 -12.32 -0.51 5.79
N LYS A 24 -11.92 -0.48 7.05
CA LYS A 24 -12.03 0.73 7.87
C LYS A 24 -10.75 1.57 7.77
N ALA A 25 -10.57 2.22 6.62
CA ALA A 25 -9.40 3.05 6.40
C ALA A 25 -9.26 4.10 7.50
N ILE A 26 -8.06 4.19 8.07
CA ILE A 26 -7.81 5.17 9.13
C ILE A 26 -7.55 6.54 8.54
N SER A 27 -7.16 6.58 7.27
CA SER A 27 -6.90 7.83 6.58
C SER A 27 -6.60 7.58 5.11
N GLU A 28 -6.92 8.57 4.28
CA GLU A 28 -6.71 8.47 2.85
C GLU A 28 -6.22 9.80 2.28
N ALA A 29 -5.27 9.74 1.35
CA ALA A 29 -4.73 10.95 0.75
C ALA A 29 -4.77 10.87 -0.78
N LYS A 30 -5.61 11.70 -1.39
CA LYS A 30 -5.75 11.74 -2.84
C LYS A 30 -4.45 12.22 -3.48
N ALA A 31 -3.52 11.28 -3.71
CA ALA A 31 -2.25 11.61 -4.31
C ALA A 31 -2.06 10.89 -5.64
N ALA A 32 -1.36 11.54 -6.56
CA ALA A 32 -1.11 10.97 -7.88
C ALA A 32 0.12 10.06 -7.85
N SER A 33 0.68 9.89 -6.66
CA SER A 33 1.86 9.05 -6.49
C SER A 33 1.91 8.46 -5.09
N SER A 34 2.17 7.15 -5.00
CA SER A 34 2.24 6.47 -3.72
C SER A 34 3.32 7.08 -2.84
N GLN A 35 4.37 7.59 -3.47
CA GLN A 35 5.47 8.20 -2.75
C GLN A 35 4.93 9.26 -1.78
N ALA A 36 3.91 9.97 -2.23
CA ALA A 36 3.28 10.99 -1.40
C ALA A 36 2.42 10.34 -0.33
N CYS A 37 1.92 9.15 -0.62
CA CYS A 37 1.08 8.42 0.32
C CYS A 37 1.93 7.81 1.44
N GLN A 38 3.19 7.54 1.12
CA GLN A 38 4.11 6.98 2.09
C GLN A 38 4.59 8.04 3.06
N GLU A 39 4.87 9.23 2.54
CA GLU A 39 5.34 10.33 3.36
C GLU A 39 4.24 10.81 4.30
N LEU A 40 3.00 10.77 3.84
CA LEU A 40 1.87 11.18 4.65
C LEU A 40 1.55 10.13 5.71
N CYS A 41 1.66 8.86 5.31
CA CYS A 41 1.39 7.76 6.22
C CYS A 41 2.45 7.69 7.31
N GLU A 42 3.66 8.12 6.98
CA GLU A 42 4.77 8.11 7.92
C GLU A 42 4.49 9.04 9.10
N LYS A 43 3.81 10.15 8.82
CA LYS A 43 3.48 11.13 9.85
C LYS A 43 2.36 10.60 10.75
N ASP A 44 1.66 9.58 10.28
CA ASP A 44 0.57 8.98 11.04
C ASP A 44 0.99 7.65 11.65
N ALA A 45 0.85 7.53 12.97
CA ALA A 45 1.21 6.31 13.68
C ALA A 45 0.08 5.30 13.64
N LYS A 46 -0.89 5.52 12.75
CA LYS A 46 -2.03 4.64 12.62
C LYS A 46 -2.03 3.94 11.26
N CYS A 47 -0.94 4.10 10.53
CA CYS A 47 -0.81 3.49 9.21
C CYS A 47 0.23 2.37 9.22
N ARG A 48 -0.16 1.20 8.72
CA ARG A 48 0.74 0.05 8.68
C ARG A 48 0.73 -0.58 7.28
N PHE A 49 -0.45 -0.61 6.66
CA PHE A 49 -0.61 -1.18 5.34
C PHE A 49 -1.34 -0.20 4.41
N PHE A 50 -0.59 0.69 3.79
CA PHE A 50 -1.18 1.68 2.89
C PHE A 50 -1.75 1.02 1.64
N THR A 51 -2.52 1.79 0.88
CA THR A 51 -3.15 1.29 -0.34
C THR A 51 -3.50 2.43 -1.28
N LEU A 52 -2.56 2.79 -2.15
CA LEU A 52 -2.77 3.87 -3.11
C LEU A 52 -3.37 3.34 -4.40
N ALA A 53 -4.04 4.21 -5.15
CA ALA A 53 -4.66 3.83 -6.40
C ALA A 53 -4.23 4.76 -7.53
N SER A 54 -5.01 4.78 -8.61
CA SER A 54 -4.72 5.63 -9.76
C SER A 54 -4.56 7.09 -9.34
N GLY A 55 -5.13 7.43 -8.19
CA GLY A 55 -5.03 8.79 -7.70
C GLY A 55 -5.67 8.96 -6.33
N LYS A 56 -5.60 7.91 -5.51
CA LYS A 56 -6.17 7.95 -4.17
C LYS A 56 -5.48 6.95 -3.25
N CYS A 57 -4.82 7.48 -2.22
CA CYS A 57 -4.11 6.63 -1.26
C CYS A 57 -5.02 6.24 -0.10
N SER A 58 -4.74 5.10 0.51
CA SER A 58 -5.54 4.62 1.64
C SER A 58 -4.68 3.85 2.63
N LEU A 59 -4.36 4.48 3.76
CA LEU A 59 -3.56 3.84 4.78
C LEU A 59 -4.45 3.14 5.80
N PHE A 60 -4.16 1.87 6.06
CA PHE A 60 -4.95 1.07 7.01
C PHE A 60 -4.09 0.65 8.19
N ALA A 61 -4.68 0.69 9.39
CA ALA A 61 -3.99 0.31 10.61
C ALA A 61 -3.95 -1.21 10.76
N ASP A 62 -5.01 -1.78 11.32
CA ASP A 62 -5.08 -3.22 11.52
C ASP A 62 -5.94 -3.87 10.45
N ASP A 63 -5.92 -5.20 10.41
CA ASP A 63 -6.70 -5.96 9.43
C ASP A 63 -8.14 -6.11 9.89
N ALA A 64 -9.05 -5.37 9.23
CA ALA A 64 -10.46 -5.42 9.57
C ALA A 64 -11.22 -6.29 8.58
N ALA A 65 -11.50 -5.73 7.41
CA ALA A 65 -12.23 -6.45 6.37
C ALA A 65 -12.01 -5.80 5.00
N LEU A 66 -10.86 -5.16 4.83
CA LEU A 66 -10.52 -4.51 3.57
C LEU A 66 -10.23 -5.53 2.48
N ARG A 67 -11.13 -5.65 1.52
CA ARG A 67 -10.95 -6.60 0.43
C ARG A 67 -10.71 -5.86 -0.89
N PRO A 68 -10.23 -6.57 -1.92
CA PRO A 68 -9.94 -5.97 -3.23
C PRO A 68 -11.22 -5.50 -3.92
N THR A 69 -11.05 -4.86 -5.07
CA THR A 69 -12.19 -4.34 -5.83
C THR A 69 -11.82 -4.14 -7.30
N LYS A 70 -10.66 -4.67 -7.68
CA LYS A 70 -10.17 -4.55 -9.06
C LYS A 70 -9.90 -3.09 -9.43
N SER A 71 -8.66 -2.81 -9.82
CA SER A 71 -8.27 -1.46 -10.19
C SER A 71 -7.59 -1.44 -11.55
N ASP A 72 -6.90 -0.34 -11.85
CA ASP A 72 -6.21 -0.20 -13.13
C ASP A 72 -4.70 -0.16 -12.92
N GLY A 73 -4.27 0.35 -11.77
CA GLY A 73 -2.86 0.44 -11.46
C GLY A 73 -2.60 0.79 -10.01
N ALA A 74 -3.50 0.37 -9.13
CA ALA A 74 -3.36 0.63 -7.71
C ALA A 74 -2.25 -0.20 -7.09
N VAL A 75 -1.56 0.37 -6.11
CA VAL A 75 -0.46 -0.32 -5.44
C VAL A 75 -0.61 -0.25 -3.93
N SER A 76 -0.51 -1.40 -3.27
CA SER A 76 -0.64 -1.47 -1.82
C SER A 76 0.60 -2.08 -1.19
N GLY A 77 0.60 -2.19 0.13
CA GLY A 77 1.74 -2.77 0.83
C GLY A 77 1.91 -2.20 2.22
N ASN A 78 3.05 -2.50 2.85
CA ASN A 78 3.34 -2.01 4.19
C ASN A 78 4.53 -1.05 4.18
N LYS A 79 4.74 -0.39 5.31
CA LYS A 79 5.85 0.56 5.43
C LYS A 79 7.08 -0.11 6.05
N ARG A 80 7.15 -1.43 5.92
CA ARG A 80 8.27 -2.19 6.46
C ARG A 80 9.28 -2.51 5.37
N CYS A 81 9.41 -1.61 4.40
CA CYS A 81 10.34 -1.79 3.30
C CYS A 81 10.93 -0.45 2.86
N ILE A 82 11.11 0.45 3.82
CA ILE A 82 11.67 1.77 3.54
C ILE A 82 13.12 1.86 3.99
N LEU A 83 13.69 0.73 4.41
CA LEU A 83 15.06 0.68 4.87
C LEU A 83 16.03 0.92 3.71
N LEU A 84 17.27 1.29 4.05
CA LEU A 84 18.29 1.55 3.04
C LEU A 84 19.58 0.81 3.37
N GLU A 85 20.62 1.05 2.57
CA GLU A 85 21.91 0.41 2.78
C GLU A 85 22.93 1.40 3.35
N ASP A 86 22.45 2.59 3.72
CA ASP A 86 23.32 3.62 4.27
C ASP A 86 23.59 3.36 5.76
N ASP A 1 -5.50 -20.74 -17.39
CA ASP A 1 -4.09 -20.59 -17.82
C ASP A 1 -3.17 -20.34 -16.63
N TYR A 2 -1.92 -20.00 -16.91
CA TYR A 2 -0.94 -19.74 -15.85
C TYR A 2 -0.72 -18.23 -15.69
N LYS A 3 0.29 -17.88 -14.90
CA LYS A 3 0.61 -16.48 -14.65
C LYS A 3 1.96 -16.12 -15.26
N ASP A 4 3.03 -16.45 -14.55
CA ASP A 4 4.38 -16.16 -15.01
C ASP A 4 5.16 -17.45 -15.26
N ASP A 5 6.44 -17.31 -15.58
CA ASP A 5 7.29 -18.46 -15.84
C ASP A 5 8.52 -18.45 -14.94
N ASP A 6 8.99 -17.26 -14.60
CA ASP A 6 10.16 -17.12 -13.74
C ASP A 6 10.18 -15.74 -13.07
N ASP A 7 10.31 -14.70 -13.88
CA ASP A 7 10.34 -13.33 -13.36
C ASP A 7 11.47 -13.15 -12.35
N LYS A 8 11.44 -12.04 -11.63
CA LYS A 8 12.45 -11.73 -10.63
C LYS A 8 11.99 -12.17 -9.24
N VAL A 9 12.95 -12.39 -8.34
CA VAL A 9 12.65 -12.81 -6.99
C VAL A 9 11.97 -11.69 -6.20
N LYS A 10 11.24 -12.06 -5.16
CA LYS A 10 10.54 -11.09 -4.33
C LYS A 10 10.54 -11.52 -2.86
N LEU A 11 10.94 -10.59 -1.99
CA LEU A 11 10.99 -10.88 -0.56
C LEU A 11 9.85 -10.17 0.17
N THR A 12 9.62 -8.91 -0.18
CA THR A 12 8.56 -8.13 0.43
C THR A 12 7.25 -8.29 -0.32
N CYS A 13 6.16 -7.80 0.27
CA CYS A 13 4.84 -7.89 -0.35
C CYS A 13 4.51 -6.60 -1.09
N TYR A 14 4.74 -6.61 -2.39
CA TYR A 14 4.47 -5.44 -3.23
C TYR A 14 3.33 -5.72 -4.20
N GLN A 15 2.48 -4.72 -4.42
CA GLN A 15 1.34 -4.86 -5.33
C GLN A 15 1.17 -3.62 -6.19
N ASN A 16 1.21 -3.79 -7.49
CA ASN A 16 1.06 -2.68 -8.43
C ASN A 16 -0.17 -2.86 -9.31
N GLY A 17 -1.24 -3.40 -8.72
CA GLY A 17 -2.46 -3.63 -9.47
C GLY A 17 -3.56 -4.21 -8.61
N VAL A 18 -3.53 -3.91 -7.32
CA VAL A 18 -4.53 -4.40 -6.39
C VAL A 18 -5.00 -3.31 -5.45
N SER A 19 -6.24 -2.86 -5.64
CA SER A 19 -6.81 -1.81 -4.81
C SER A 19 -7.44 -2.39 -3.55
N PHE A 20 -7.95 -1.52 -2.69
CA PHE A 20 -8.58 -1.96 -1.44
C PHE A 20 -9.87 -1.21 -1.18
N THR A 21 -10.82 -1.88 -0.53
CA THR A 21 -12.11 -1.27 -0.21
C THR A 21 -12.85 -2.08 0.84
N GLY A 22 -13.99 -1.57 1.27
CA GLY A 22 -14.79 -2.25 2.28
C GLY A 22 -14.30 -1.96 3.70
N GLY A 23 -12.98 -1.94 3.87
CA GLY A 23 -12.41 -1.67 5.17
C GLY A 23 -12.64 -0.25 5.62
N LYS A 24 -12.09 0.12 6.77
CA LYS A 24 -12.24 1.46 7.32
C LYS A 24 -10.89 2.17 7.42
N ALA A 25 -10.49 2.84 6.35
CA ALA A 25 -9.22 3.56 6.31
C ALA A 25 -9.23 4.68 7.34
N ILE A 26 -8.21 4.70 8.21
CA ILE A 26 -8.11 5.72 9.24
C ILE A 26 -7.72 7.06 8.62
N SER A 27 -7.33 7.01 7.34
CA SER A 27 -6.94 8.20 6.61
C SER A 27 -6.64 7.86 5.15
N GLU A 28 -7.08 8.72 4.25
CA GLU A 28 -6.88 8.51 2.84
C GLU A 28 -6.38 9.79 2.16
N ALA A 29 -5.40 9.63 1.29
CA ALA A 29 -4.83 10.77 0.57
C ALA A 29 -5.31 10.81 -0.87
N LYS A 30 -4.97 11.87 -1.59
CA LYS A 30 -5.36 12.02 -2.98
C LYS A 30 -4.12 12.17 -3.87
N ALA A 31 -3.05 11.49 -3.48
CA ALA A 31 -1.80 11.53 -4.24
C ALA A 31 -1.86 10.65 -5.47
N ALA A 32 -0.94 10.87 -6.40
CA ALA A 32 -0.89 10.08 -7.63
C ALA A 32 0.16 8.99 -7.52
N SER A 33 1.10 9.17 -6.60
CA SER A 33 2.17 8.20 -6.37
C SER A 33 2.20 7.75 -4.92
N SER A 34 2.45 6.46 -4.72
CA SER A 34 2.51 5.89 -3.38
C SER A 34 3.55 6.60 -2.52
N GLN A 35 4.60 7.10 -3.16
CA GLN A 35 5.66 7.80 -2.46
C GLN A 35 5.08 8.89 -1.56
N ALA A 36 4.14 9.64 -2.10
CA ALA A 36 3.49 10.70 -1.34
C ALA A 36 2.59 10.13 -0.25
N CYS A 37 2.04 8.95 -0.53
CA CYS A 37 1.16 8.27 0.42
C CYS A 37 1.97 7.71 1.59
N GLN A 38 3.25 7.48 1.35
CA GLN A 38 4.14 6.96 2.38
C GLN A 38 4.55 8.05 3.34
N GLU A 39 4.90 9.21 2.80
CA GLU A 39 5.32 10.34 3.62
C GLU A 39 4.14 10.93 4.38
N LEU A 40 2.94 10.81 3.80
CA LEU A 40 1.73 11.33 4.44
C LEU A 40 1.32 10.44 5.61
N CYS A 41 1.31 9.14 5.38
CA CYS A 41 0.93 8.18 6.41
C CYS A 41 1.99 8.13 7.51
N GLU A 42 3.23 8.42 7.14
CA GLU A 42 4.33 8.41 8.10
C GLU A 42 4.12 9.48 9.17
N LYS A 43 3.46 10.57 8.78
CA LYS A 43 3.20 11.67 9.70
C LYS A 43 2.09 11.29 10.68
N ASP A 44 1.37 10.23 10.36
CA ASP A 44 0.28 9.75 11.21
C ASP A 44 0.71 8.52 12.00
N ALA A 45 0.27 8.44 13.24
CA ALA A 45 0.61 7.31 14.11
C ALA A 45 -0.48 6.24 14.07
N LYS A 46 -1.32 6.30 13.04
CA LYS A 46 -2.40 5.34 12.89
C LYS A 46 -2.26 4.55 11.59
N CYS A 47 -1.13 4.75 10.90
CA CYS A 47 -0.87 4.06 9.65
C CYS A 47 -0.04 2.81 9.87
N ARG A 48 -0.28 1.79 9.06
CA ARG A 48 0.45 0.53 9.16
C ARG A 48 0.55 -0.14 7.79
N PHE A 49 -0.54 -0.11 7.04
CA PHE A 49 -0.58 -0.71 5.72
C PHE A 49 -1.30 0.21 4.73
N PHE A 50 -0.55 1.12 4.13
CA PHE A 50 -1.11 2.06 3.17
C PHE A 50 -1.54 1.35 1.89
N THR A 51 -2.38 2.00 1.11
CA THR A 51 -2.88 1.42 -0.15
C THR A 51 -3.36 2.51 -1.10
N LEU A 52 -2.54 2.80 -2.10
CA LEU A 52 -2.87 3.82 -3.10
C LEU A 52 -3.55 3.20 -4.31
N ALA A 53 -4.39 3.98 -4.99
CA ALA A 53 -5.09 3.51 -6.17
C ALA A 53 -4.71 4.31 -7.40
N SER A 54 -3.44 4.66 -7.49
CA SER A 54 -2.92 5.43 -8.62
C SER A 54 -3.50 6.84 -8.65
N GLY A 55 -4.40 7.13 -7.72
CA GLY A 55 -5.02 8.45 -7.66
C GLY A 55 -5.60 8.76 -6.30
N LYS A 56 -5.48 7.82 -5.37
CA LYS A 56 -6.00 8.01 -4.01
C LYS A 56 -5.37 7.03 -3.04
N CYS A 57 -4.67 7.57 -2.05
CA CYS A 57 -4.01 6.74 -1.04
C CYS A 57 -4.99 6.35 0.06
N SER A 58 -4.70 5.25 0.75
CA SER A 58 -5.55 4.78 1.84
C SER A 58 -4.75 3.93 2.82
N LEU A 59 -4.46 4.49 3.99
CA LEU A 59 -3.72 3.78 5.00
C LEU A 59 -4.65 2.98 5.91
N PHE A 60 -4.18 1.84 6.39
CA PHE A 60 -4.99 0.98 7.25
C PHE A 60 -4.19 0.51 8.46
N ALA A 61 -4.69 0.81 9.66
CA ALA A 61 -4.02 0.41 10.89
C ALA A 61 -4.15 -1.09 11.11
N ASP A 62 -3.97 -1.53 12.36
CA ASP A 62 -4.06 -2.94 12.70
C ASP A 62 -5.49 -3.44 12.52
N ASP A 63 -5.79 -3.94 11.32
CA ASP A 63 -7.12 -4.46 11.01
C ASP A 63 -7.06 -5.49 9.90
N ALA A 64 -8.22 -5.84 9.36
CA ALA A 64 -8.29 -6.83 8.29
C ALA A 64 -9.63 -6.75 7.56
N ALA A 65 -10.38 -5.69 7.83
CA ALA A 65 -11.68 -5.49 7.19
C ALA A 65 -11.52 -5.02 5.74
N LEU A 66 -10.28 -4.71 5.36
CA LEU A 66 -9.99 -4.26 4.00
C LEU A 66 -9.83 -5.44 3.05
N ARG A 67 -10.44 -5.35 1.88
CA ARG A 67 -10.35 -6.40 0.88
C ARG A 67 -10.15 -5.82 -0.51
N PRO A 68 -9.68 -6.65 -1.48
CA PRO A 68 -9.44 -6.21 -2.86
C PRO A 68 -10.74 -5.90 -3.59
N THR A 69 -10.62 -5.52 -4.86
CA THR A 69 -11.78 -5.19 -5.68
C THR A 69 -11.44 -5.21 -7.16
N LYS A 70 -10.32 -4.58 -7.51
CA LYS A 70 -9.88 -4.51 -8.90
C LYS A 70 -8.43 -4.06 -8.98
N SER A 71 -8.01 -3.60 -10.16
CA SER A 71 -6.65 -3.14 -10.37
C SER A 71 -6.58 -1.62 -10.45
N ASP A 72 -6.92 -1.08 -11.62
CA ASP A 72 -6.91 0.36 -11.83
C ASP A 72 -5.53 0.96 -11.53
N GLY A 73 -4.50 0.14 -11.69
CA GLY A 73 -3.15 0.59 -11.43
C GLY A 73 -2.92 0.96 -9.97
N ALA A 74 -3.69 0.35 -9.09
CA ALA A 74 -3.57 0.62 -7.66
C ALA A 74 -2.27 0.04 -7.09
N VAL A 75 -1.55 0.85 -6.33
CA VAL A 75 -0.29 0.42 -5.73
C VAL A 75 -0.38 0.40 -4.21
N SER A 76 -0.46 -0.81 -3.65
CA SER A 76 -0.55 -0.97 -2.20
C SER A 76 0.78 -1.44 -1.62
N GLY A 77 0.89 -1.43 -0.30
CA GLY A 77 2.10 -1.86 0.35
C GLY A 77 1.85 -2.49 1.71
N ASN A 78 2.92 -2.97 2.34
CA ASN A 78 2.80 -3.61 3.65
C ASN A 78 3.99 -3.22 4.55
N LYS A 79 4.00 -3.77 5.75
CA LYS A 79 5.07 -3.49 6.70
C LYS A 79 5.78 -4.77 7.12
N ARG A 80 5.00 -5.78 7.51
CA ARG A 80 5.55 -7.06 7.93
C ARG A 80 5.18 -8.15 6.94
N CYS A 81 3.88 -8.34 6.72
CA CYS A 81 3.39 -9.36 5.80
C CYS A 81 3.91 -10.73 6.18
N ILE A 82 3.20 -11.39 7.10
CA ILE A 82 3.59 -12.73 7.55
C ILE A 82 2.57 -13.77 7.13
N LEU A 83 3.04 -14.81 6.44
CA LEU A 83 2.18 -15.89 5.98
C LEU A 83 2.88 -17.23 6.03
N LEU A 84 2.40 -18.11 6.91
CA LEU A 84 2.99 -19.43 7.07
C LEU A 84 1.93 -20.46 7.47
N GLU A 85 1.40 -20.29 8.67
CA GLU A 85 0.38 -21.21 9.18
C GLU A 85 -1.03 -20.62 8.97
N ASP A 86 -1.09 -19.51 8.25
CA ASP A 86 -2.36 -18.85 7.98
C ASP A 86 -3.09 -18.50 9.27
N ASP A 1 17.95 -5.87 -15.29
CA ASP A 1 19.21 -5.68 -16.07
C ASP A 1 20.44 -5.85 -15.18
N TYR A 2 21.60 -5.49 -15.72
CA TYR A 2 22.85 -5.62 -14.98
C TYR A 2 23.15 -4.34 -14.21
N LYS A 3 24.41 -4.19 -13.80
CA LYS A 3 24.83 -3.01 -13.04
C LYS A 3 24.57 -1.74 -13.84
N ASP A 4 24.36 -0.63 -13.13
CA ASP A 4 24.11 0.66 -13.77
C ASP A 4 25.40 1.44 -13.95
N ASP A 5 26.34 1.23 -13.04
CA ASP A 5 27.62 1.91 -13.09
C ASP A 5 28.75 1.02 -12.60
N ASP A 6 28.88 0.90 -11.28
CA ASP A 6 29.91 0.07 -10.68
C ASP A 6 29.37 -0.69 -9.48
N ASP A 7 28.34 -0.13 -8.85
CA ASP A 7 27.72 -0.75 -7.68
C ASP A 7 26.28 -1.14 -7.97
N LYS A 8 25.76 -2.09 -7.20
CA LYS A 8 24.38 -2.54 -7.36
C LYS A 8 23.39 -1.42 -7.05
N VAL A 9 22.11 -1.68 -7.31
CA VAL A 9 21.07 -0.69 -7.06
C VAL A 9 19.88 -1.32 -6.33
N LYS A 10 18.89 -0.50 -6.02
CA LYS A 10 17.69 -0.98 -5.33
C LYS A 10 16.45 -0.77 -6.19
N LEU A 11 15.43 -1.58 -5.95
CA LEU A 11 14.18 -1.49 -6.70
C LEU A 11 13.03 -1.11 -5.80
N THR A 12 13.35 -0.62 -4.60
CA THR A 12 12.34 -0.22 -3.62
C THR A 12 11.39 -1.37 -3.29
N CYS A 13 10.32 -1.06 -2.58
CA CYS A 13 9.35 -2.07 -2.19
C CYS A 13 7.97 -1.74 -2.77
N TYR A 14 7.30 -2.76 -3.31
CA TYR A 14 5.98 -2.58 -3.90
C TYR A 14 5.12 -3.82 -3.70
N GLN A 15 3.81 -3.67 -3.91
CA GLN A 15 2.88 -4.78 -3.77
C GLN A 15 1.57 -4.49 -4.48
N ASN A 16 1.46 -4.98 -5.72
CA ASN A 16 0.25 -4.77 -6.51
C ASN A 16 -0.91 -5.58 -5.95
N GLY A 17 -1.58 -5.01 -4.94
CA GLY A 17 -2.71 -5.69 -4.33
C GLY A 17 -4.03 -5.07 -4.70
N VAL A 18 -4.00 -4.13 -5.66
CA VAL A 18 -5.22 -3.46 -6.11
C VAL A 18 -5.84 -2.62 -4.99
N SER A 19 -6.65 -1.63 -5.37
CA SER A 19 -7.31 -0.77 -4.40
C SER A 19 -8.11 -1.60 -3.40
N PHE A 20 -8.30 -1.04 -2.21
CA PHE A 20 -9.04 -1.74 -1.16
C PHE A 20 -10.39 -1.07 -0.90
N THR A 21 -11.34 -1.85 -0.39
CA THR A 21 -12.67 -1.34 -0.09
C THR A 21 -13.27 -2.07 1.11
N GLY A 22 -14.31 -1.47 1.69
CA GLY A 22 -14.97 -2.08 2.83
C GLY A 22 -14.21 -1.85 4.13
N GLY A 23 -12.89 -1.77 4.03
CA GLY A 23 -12.07 -1.55 5.21
C GLY A 23 -12.27 -0.18 5.81
N LYS A 24 -11.94 -0.04 7.09
CA LYS A 24 -12.08 1.22 7.79
C LYS A 24 -10.81 2.06 7.67
N ALA A 25 -10.60 2.65 6.50
CA ALA A 25 -9.42 3.48 6.27
C ALA A 25 -9.30 4.58 7.32
N ILE A 26 -8.31 4.44 8.20
CA ILE A 26 -8.10 5.43 9.26
C ILE A 26 -7.77 6.79 8.66
N SER A 27 -7.34 6.78 7.41
CA SER A 27 -6.99 8.00 6.70
C SER A 27 -6.72 7.71 5.23
N GLU A 28 -7.00 8.69 4.39
CA GLU A 28 -6.80 8.53 2.95
C GLU A 28 -6.21 9.80 2.36
N ALA A 29 -5.26 9.62 1.44
CA ALA A 29 -4.62 10.76 0.78
C ALA A 29 -5.05 10.85 -0.68
N LYS A 30 -4.64 11.92 -1.35
CA LYS A 30 -4.97 12.12 -2.75
C LYS A 30 -3.69 12.28 -3.57
N ALA A 31 -3.00 11.17 -3.79
CA ALA A 31 -1.76 11.17 -4.56
C ALA A 31 -1.84 10.24 -5.76
N ALA A 32 -0.94 10.43 -6.72
CA ALA A 32 -0.89 9.59 -7.91
C ALA A 32 0.16 8.50 -7.76
N SER A 33 1.04 8.68 -6.79
CA SER A 33 2.11 7.71 -6.53
C SER A 33 2.17 7.36 -5.05
N SER A 34 2.35 6.07 -4.76
CA SER A 34 2.42 5.61 -3.37
C SER A 34 3.48 6.37 -2.58
N GLN A 35 4.48 6.88 -3.31
CA GLN A 35 5.55 7.64 -2.67
C GLN A 35 4.99 8.73 -1.77
N ALA A 36 4.08 9.53 -2.32
CA ALA A 36 3.44 10.60 -1.56
C ALA A 36 2.64 10.03 -0.41
N CYS A 37 2.07 8.85 -0.63
CA CYS A 37 1.27 8.17 0.39
C CYS A 37 2.18 7.61 1.48
N GLN A 38 3.46 7.44 1.14
CA GLN A 38 4.44 6.91 2.09
C GLN A 38 4.82 7.98 3.10
N GLU A 39 5.10 9.19 2.60
CA GLU A 39 5.48 10.30 3.47
C GLU A 39 4.29 10.71 4.33
N LEU A 40 3.10 10.64 3.75
CA LEU A 40 1.86 10.99 4.45
C LEU A 40 1.60 9.99 5.57
N CYS A 41 1.62 8.70 5.21
CA CYS A 41 1.38 7.64 6.17
C CYS A 41 2.40 7.70 7.31
N GLU A 42 3.58 8.21 7.02
CA GLU A 42 4.63 8.32 8.02
C GLU A 42 4.26 9.34 9.10
N LYS A 43 3.57 10.39 8.70
CA LYS A 43 3.15 11.43 9.64
C LYS A 43 1.96 10.97 10.47
N ASP A 44 1.38 9.84 10.09
CA ASP A 44 0.23 9.30 10.81
C ASP A 44 0.67 8.21 11.80
N ALA A 45 -0.03 8.12 12.92
CA ALA A 45 0.28 7.13 13.94
C ALA A 45 -0.59 5.89 13.79
N LYS A 46 -1.83 6.10 13.37
CA LYS A 46 -2.78 4.99 13.17
C LYS A 46 -2.57 4.33 11.82
N CYS A 47 -1.50 4.73 11.13
CA CYS A 47 -1.18 4.18 9.82
C CYS A 47 -0.28 2.96 9.95
N ARG A 48 -0.46 2.01 9.04
CA ARG A 48 0.35 0.78 9.05
C ARG A 48 0.42 0.17 7.66
N PHE A 49 -0.74 -0.16 7.10
CA PHE A 49 -0.80 -0.75 5.77
C PHE A 49 -1.54 0.17 4.81
N PHE A 50 -0.80 1.05 4.15
CA PHE A 50 -1.39 1.98 3.19
C PHE A 50 -1.83 1.27 1.92
N THR A 51 -2.61 1.95 1.09
CA THR A 51 -3.10 1.37 -0.15
C THR A 51 -3.49 2.46 -1.14
N LEU A 52 -2.63 2.68 -2.14
CA LEU A 52 -2.88 3.69 -3.16
C LEU A 52 -3.63 3.09 -4.34
N ALA A 53 -4.35 3.92 -5.08
CA ALA A 53 -5.10 3.47 -6.24
C ALA A 53 -4.75 4.28 -7.48
N SER A 54 -3.47 4.60 -7.62
CA SER A 54 -2.98 5.39 -8.75
C SER A 54 -3.53 6.80 -8.74
N GLY A 55 -4.39 7.10 -7.77
CA GLY A 55 -4.97 8.42 -7.67
C GLY A 55 -5.58 8.70 -6.31
N LYS A 56 -5.37 7.79 -5.36
CA LYS A 56 -5.90 7.95 -4.01
C LYS A 56 -5.28 6.96 -3.04
N CYS A 57 -4.65 7.48 -1.99
CA CYS A 57 -4.02 6.63 -0.99
C CYS A 57 -5.01 6.30 0.14
N SER A 58 -4.77 5.19 0.83
CA SER A 58 -5.64 4.77 1.93
C SER A 58 -4.87 3.93 2.94
N LEU A 59 -4.64 4.48 4.12
CA LEU A 59 -3.92 3.79 5.18
C LEU A 59 -4.89 3.03 6.09
N PHE A 60 -4.54 1.79 6.40
CA PHE A 60 -5.38 0.95 7.25
C PHE A 60 -4.60 0.44 8.46
N ALA A 61 -5.17 0.64 9.64
CA ALA A 61 -4.54 0.21 10.89
C ALA A 61 -4.78 -1.28 11.13
N ASP A 62 -4.77 -1.69 12.39
CA ASP A 62 -4.98 -3.09 12.75
C ASP A 62 -6.39 -3.53 12.37
N ASP A 63 -6.53 -4.07 11.16
CA ASP A 63 -7.83 -4.54 10.67
C ASP A 63 -7.65 -5.51 9.52
N ALA A 64 -8.77 -6.03 9.01
CA ALA A 64 -8.74 -6.97 7.90
C ALA A 64 -10.07 -6.98 7.15
N ALA A 65 -10.93 -6.01 7.46
CA ALA A 65 -12.22 -5.91 6.81
C ALA A 65 -12.08 -5.42 5.38
N LEU A 66 -10.90 -4.90 5.04
CA LEU A 66 -10.63 -4.41 3.69
C LEU A 66 -10.66 -5.54 2.68
N ARG A 67 -10.92 -5.20 1.42
CA ARG A 67 -10.97 -6.20 0.36
C ARG A 67 -10.71 -5.56 -1.01
N PRO A 68 -10.13 -6.32 -1.95
CA PRO A 68 -9.83 -5.80 -3.29
C PRO A 68 -11.09 -5.64 -4.14
N THR A 69 -10.96 -4.92 -5.25
CA THR A 69 -12.09 -4.68 -6.14
C THR A 69 -11.67 -4.78 -7.60
N LYS A 70 -10.46 -5.28 -7.83
CA LYS A 70 -9.93 -5.43 -9.19
C LYS A 70 -9.74 -4.09 -9.86
N SER A 71 -8.50 -3.80 -10.27
CA SER A 71 -8.18 -2.54 -10.93
C SER A 71 -6.81 -2.61 -11.60
N ASP A 72 -6.72 -2.00 -12.78
CA ASP A 72 -5.47 -1.99 -13.53
C ASP A 72 -4.72 -0.67 -13.33
N GLY A 73 -4.08 -0.52 -12.18
CA GLY A 73 -3.35 0.69 -11.89
C GLY A 73 -3.12 0.90 -10.41
N ALA A 74 -4.04 0.37 -9.59
CA ALA A 74 -3.94 0.49 -8.15
C ALA A 74 -2.79 -0.35 -7.60
N VAL A 75 -2.38 -0.07 -6.36
CA VAL A 75 -1.31 -0.79 -5.73
C VAL A 75 -1.23 -0.47 -4.24
N SER A 76 -1.04 -1.51 -3.42
CA SER A 76 -0.95 -1.35 -1.99
C SER A 76 0.47 -1.56 -1.49
N GLY A 77 0.67 -1.43 -0.18
CA GLY A 77 2.00 -1.60 0.39
C GLY A 77 1.96 -1.98 1.85
N ASN A 78 3.10 -2.43 2.38
CA ASN A 78 3.18 -2.83 3.78
C ASN A 78 4.22 -2.00 4.52
N LYS A 79 4.27 -2.15 5.84
CA LYS A 79 5.21 -1.41 6.66
C LYS A 79 6.64 -1.88 6.40
N ARG A 80 6.95 -3.09 6.82
CA ARG A 80 8.28 -3.65 6.63
C ARG A 80 8.28 -4.74 5.56
N CYS A 81 9.23 -4.67 4.64
CA CYS A 81 9.34 -5.65 3.57
C CYS A 81 10.77 -5.75 3.07
N ILE A 82 11.55 -6.64 3.67
CA ILE A 82 12.94 -6.84 3.28
C ILE A 82 13.48 -8.16 3.83
N LEU A 83 14.35 -8.80 3.05
CA LEU A 83 14.93 -10.08 3.46
C LEU A 83 16.45 -10.05 3.33
N LEU A 84 17.12 -10.93 4.08
CA LEU A 84 18.57 -10.99 4.05
C LEU A 84 19.04 -12.36 3.58
N GLU A 85 20.10 -12.36 2.76
CA GLU A 85 20.65 -13.60 2.23
C GLU A 85 21.41 -14.37 3.31
N ASP A 86 21.33 -15.70 3.25
CA ASP A 86 22.01 -16.54 4.22
C ASP A 86 22.70 -17.72 3.54
N ASP A 1 15.18 -9.77 -28.00
CA ASP A 1 15.42 -9.93 -26.54
C ASP A 1 15.11 -8.63 -25.79
N TYR A 2 14.08 -8.68 -24.95
CA TYR A 2 13.64 -7.52 -24.15
C TYR A 2 13.67 -6.23 -24.96
N LYS A 3 13.70 -5.11 -24.26
CA LYS A 3 13.73 -3.80 -24.91
C LYS A 3 14.91 -2.96 -24.42
N ASP A 4 14.73 -2.30 -23.28
CA ASP A 4 15.78 -1.47 -22.70
C ASP A 4 15.63 -1.39 -21.19
N ASP A 5 14.71 -0.53 -20.74
CA ASP A 5 14.47 -0.36 -19.30
C ASP A 5 13.03 -0.69 -18.95
N ASP A 6 12.64 -0.39 -17.72
CA ASP A 6 11.28 -0.65 -17.25
C ASP A 6 10.77 0.49 -16.39
N ASP A 7 11.20 0.51 -15.12
CA ASP A 7 10.79 1.54 -14.19
C ASP A 7 11.72 2.74 -14.26
N LYS A 8 11.35 3.81 -13.57
CA LYS A 8 12.16 5.04 -13.56
C LYS A 8 12.98 5.12 -12.28
N VAL A 9 12.34 4.86 -11.15
CA VAL A 9 13.02 4.91 -9.86
C VAL A 9 12.50 3.82 -8.92
N LYS A 10 13.41 3.27 -8.12
CA LYS A 10 13.05 2.21 -7.19
C LYS A 10 13.41 2.60 -5.76
N LEU A 11 12.53 2.29 -4.82
CA LEU A 11 12.76 2.62 -3.41
C LEU A 11 12.22 1.51 -2.51
N THR A 12 10.89 1.45 -2.40
CA THR A 12 10.25 0.44 -1.56
C THR A 12 9.56 -0.63 -2.42
N CYS A 13 9.42 -1.82 -1.85
CA CYS A 13 8.77 -2.93 -2.56
C CYS A 13 7.29 -2.67 -2.76
N TYR A 14 6.68 -3.40 -3.69
CA TYR A 14 5.26 -3.25 -3.97
C TYR A 14 4.49 -4.50 -3.57
N GLN A 15 3.17 -4.39 -3.58
CA GLN A 15 2.30 -5.52 -3.21
C GLN A 15 0.94 -5.40 -3.87
N ASN A 16 0.47 -6.51 -4.46
CA ASN A 16 -0.82 -6.53 -5.13
C ASN A 16 -0.90 -5.47 -6.22
N GLY A 17 -2.11 -5.22 -6.70
CA GLY A 17 -2.30 -4.22 -7.75
C GLY A 17 -3.76 -3.85 -7.93
N VAL A 18 -4.55 -4.03 -6.87
CA VAL A 18 -5.97 -3.70 -6.91
C VAL A 18 -6.35 -2.76 -5.77
N SER A 19 -7.20 -1.78 -6.08
CA SER A 19 -7.64 -0.81 -5.08
C SER A 19 -8.38 -1.52 -3.94
N PHE A 20 -8.27 -0.96 -2.75
CA PHE A 20 -8.92 -1.54 -1.58
C PHE A 20 -10.11 -0.70 -1.13
N THR A 21 -11.13 -1.38 -0.60
CA THR A 21 -12.33 -0.69 -0.14
C THR A 21 -12.98 -1.46 1.01
N GLY A 22 -13.84 -0.77 1.76
CA GLY A 22 -14.51 -1.40 2.89
C GLY A 22 -13.63 -1.48 4.13
N GLY A 23 -12.31 -1.35 3.92
CA GLY A 23 -11.39 -1.42 5.04
C GLY A 23 -11.54 -0.24 5.98
N LYS A 24 -10.95 -0.35 7.16
CA LYS A 24 -11.01 0.71 8.15
C LYS A 24 -9.89 1.72 7.95
N ALA A 25 -9.87 2.37 6.79
CA ALA A 25 -8.85 3.35 6.48
C ALA A 25 -8.87 4.48 7.50
N ILE A 26 -7.87 4.51 8.37
CA ILE A 26 -7.78 5.54 9.40
C ILE A 26 -7.38 6.88 8.78
N SER A 27 -7.03 6.84 7.49
CA SER A 27 -6.64 8.03 6.77
C SER A 27 -6.36 7.70 5.31
N GLU A 28 -6.78 8.58 4.42
CA GLU A 28 -6.59 8.38 2.98
C GLU A 28 -6.17 9.68 2.31
N ALA A 29 -5.25 9.57 1.36
CA ALA A 29 -4.76 10.74 0.63
C ALA A 29 -4.76 10.51 -0.87
N LYS A 30 -5.69 11.15 -1.57
CA LYS A 30 -5.79 11.01 -3.02
C LYS A 30 -4.49 11.45 -3.69
N ALA A 31 -3.62 10.48 -3.94
CA ALA A 31 -2.33 10.77 -4.58
C ALA A 31 -2.11 9.88 -5.79
N ALA A 32 -1.44 10.43 -6.81
CA ALA A 32 -1.17 9.70 -8.03
C ALA A 32 0.11 8.86 -7.89
N SER A 33 0.71 8.93 -6.71
CA SER A 33 1.94 8.19 -6.44
C SER A 33 1.94 7.65 -5.01
N SER A 34 2.28 6.38 -4.86
CA SER A 34 2.32 5.74 -3.55
C SER A 34 3.30 6.46 -2.63
N GLN A 35 4.39 6.95 -3.21
CA GLN A 35 5.41 7.66 -2.44
C GLN A 35 4.77 8.79 -1.62
N ALA A 36 3.82 9.48 -2.22
CA ALA A 36 3.13 10.57 -1.56
C ALA A 36 2.35 10.07 -0.35
N CYS A 37 1.76 8.90 -0.49
CA CYS A 37 0.98 8.28 0.58
C CYS A 37 1.90 7.89 1.73
N GLN A 38 3.16 7.59 1.41
CA GLN A 38 4.14 7.19 2.41
C GLN A 38 4.48 8.36 3.31
N GLU A 39 4.73 9.52 2.72
CA GLU A 39 5.07 10.72 3.47
C GLU A 39 3.93 11.14 4.39
N LEU A 40 2.70 11.05 3.87
CA LEU A 40 1.52 11.41 4.66
C LEU A 40 1.32 10.44 5.81
N CYS A 41 1.51 9.14 5.52
CA CYS A 41 1.35 8.10 6.53
C CYS A 41 2.37 8.29 7.67
N GLU A 42 3.55 8.79 7.32
CA GLU A 42 4.60 9.01 8.30
C GLU A 42 4.19 10.08 9.30
N LYS A 43 3.39 11.04 8.84
CA LYS A 43 2.93 12.13 9.70
C LYS A 43 1.95 11.61 10.74
N ASP A 44 1.30 10.49 10.43
CA ASP A 44 0.34 9.89 11.35
C ASP A 44 1.04 9.04 12.41
N ALA A 45 0.25 8.35 13.22
CA ALA A 45 0.80 7.50 14.27
C ALA A 45 -0.03 6.23 14.44
N LYS A 46 -0.86 5.94 13.44
CA LYS A 46 -1.71 4.75 13.47
C LYS A 46 -1.67 4.04 12.13
N CYS A 47 -0.78 4.48 11.24
CA CYS A 47 -0.65 3.89 9.92
C CYS A 47 0.39 2.77 9.92
N ARG A 48 -0.08 1.53 9.82
CA ARG A 48 0.80 0.38 9.79
C ARG A 48 0.99 -0.11 8.35
N PHE A 49 -0.04 0.09 7.54
CA PHE A 49 0.01 -0.32 6.13
C PHE A 49 -0.50 0.81 5.24
N PHE A 50 -0.55 0.55 3.93
CA PHE A 50 -1.02 1.55 2.98
C PHE A 50 -1.50 0.88 1.69
N THR A 51 -2.39 1.56 0.97
CA THR A 51 -2.93 1.04 -0.27
C THR A 51 -3.35 2.17 -1.21
N LEU A 52 -2.51 2.46 -2.20
CA LEU A 52 -2.79 3.52 -3.17
C LEU A 52 -3.55 2.95 -4.36
N ALA A 53 -4.20 3.83 -5.12
CA ALA A 53 -4.95 3.42 -6.29
C ALA A 53 -4.63 4.29 -7.50
N SER A 54 -3.36 4.66 -7.63
CA SER A 54 -2.90 5.49 -8.74
C SER A 54 -3.54 6.88 -8.71
N GLY A 55 -4.41 7.10 -7.74
CA GLY A 55 -5.08 8.38 -7.61
C GLY A 55 -5.72 8.58 -6.25
N LYS A 56 -5.69 7.53 -5.44
CA LYS A 56 -6.28 7.58 -4.10
C LYS A 56 -5.58 6.61 -3.16
N CYS A 57 -4.92 7.14 -2.15
CA CYS A 57 -4.20 6.32 -1.18
C CYS A 57 -5.07 6.07 0.06
N SER A 58 -4.77 4.99 0.76
CA SER A 58 -5.51 4.63 1.97
C SER A 58 -4.65 3.75 2.87
N LEU A 59 -4.28 4.27 4.03
CA LEU A 59 -3.47 3.52 4.98
C LEU A 59 -4.36 2.77 5.96
N PHE A 60 -3.92 1.59 6.37
CA PHE A 60 -4.68 0.77 7.31
C PHE A 60 -3.82 0.29 8.46
N ALA A 61 -4.31 0.53 9.68
CA ALA A 61 -3.59 0.13 10.88
C ALA A 61 -3.54 -1.39 11.02
N ASP A 62 -4.57 -1.96 11.65
CA ASP A 62 -4.64 -3.40 11.84
C ASP A 62 -6.08 -3.87 11.90
N ASP A 63 -6.70 -4.03 10.74
CA ASP A 63 -8.09 -4.47 10.66
C ASP A 63 -8.30 -5.39 9.47
N ALA A 64 -9.26 -6.29 9.57
CA ALA A 64 -9.57 -7.23 8.49
C ALA A 64 -10.96 -6.98 7.92
N ALA A 65 -11.03 -6.19 6.86
CA ALA A 65 -12.29 -5.87 6.21
C ALA A 65 -12.07 -5.16 4.89
N LEU A 66 -10.79 -4.99 4.52
CA LEU A 66 -10.45 -4.32 3.27
C LEU A 66 -10.31 -5.32 2.13
N ARG A 67 -11.19 -5.19 1.13
CA ARG A 67 -11.17 -6.09 -0.01
C ARG A 67 -10.96 -5.30 -1.31
N PRO A 68 -10.58 -5.98 -2.40
CA PRO A 68 -10.35 -5.34 -3.70
C PRO A 68 -11.64 -4.81 -4.31
N THR A 69 -11.51 -4.09 -5.43
CA THR A 69 -12.67 -3.54 -6.11
C THR A 69 -12.41 -3.39 -7.61
N LYS A 70 -11.23 -2.88 -7.96
CA LYS A 70 -10.86 -2.69 -9.35
C LYS A 70 -9.35 -2.49 -9.49
N SER A 71 -8.76 -3.19 -10.45
CA SER A 71 -7.32 -3.09 -10.69
C SER A 71 -7.03 -2.25 -11.93
N ASP A 72 -7.20 -0.94 -11.80
CA ASP A 72 -6.96 -0.03 -12.92
C ASP A 72 -5.54 0.56 -12.83
N GLY A 73 -4.74 0.01 -11.93
CA GLY A 73 -3.38 0.49 -11.76
C GLY A 73 -3.05 0.81 -10.32
N ALA A 74 -3.83 0.25 -9.39
CA ALA A 74 -3.63 0.48 -7.98
C ALA A 74 -2.36 -0.21 -7.48
N VAL A 75 -1.79 0.31 -6.40
CA VAL A 75 -0.57 -0.24 -5.82
C VAL A 75 -0.64 -0.25 -4.30
N SER A 76 -0.63 -1.46 -3.72
CA SER A 76 -0.69 -1.60 -2.27
C SER A 76 0.67 -2.04 -1.72
N GLY A 77 0.75 -2.11 -0.39
CA GLY A 77 1.99 -2.53 0.24
C GLY A 77 1.83 -2.81 1.72
N ASN A 78 2.85 -3.38 2.34
CA ASN A 78 2.82 -3.69 3.76
C ASN A 78 4.16 -3.40 4.42
N LYS A 79 5.18 -3.14 3.59
CA LYS A 79 6.52 -2.84 4.09
C LYS A 79 7.03 -3.97 4.97
N ARG A 80 7.60 -5.00 4.35
CA ARG A 80 8.13 -6.14 5.08
C ARG A 80 9.41 -6.66 4.44
N CYS A 81 10.03 -5.81 3.62
CA CYS A 81 11.27 -6.18 2.94
C CYS A 81 12.43 -5.31 3.40
N ILE A 82 12.65 -5.27 4.72
CA ILE A 82 13.72 -4.49 5.29
C ILE A 82 15.08 -5.16 5.08
N LEU A 83 15.05 -6.49 4.98
CA LEU A 83 16.28 -7.25 4.78
C LEU A 83 16.18 -8.11 3.52
N LEU A 84 15.57 -9.29 3.65
CA LEU A 84 15.41 -10.19 2.53
C LEU A 84 14.31 -11.22 2.82
N GLU A 85 13.76 -11.18 4.02
CA GLU A 85 12.71 -12.10 4.42
C GLU A 85 11.36 -11.38 4.53
N ASP A 86 10.29 -12.10 4.26
CA ASP A 86 8.95 -11.53 4.32
C ASP A 86 8.14 -12.16 5.46
N ASP A 1 -5.55 -32.08 -11.63
CA ASP A 1 -4.77 -31.97 -12.89
C ASP A 1 -5.24 -30.77 -13.72
N TYR A 2 -5.49 -29.65 -13.04
CA TYR A 2 -5.93 -28.44 -13.70
C TYR A 2 -5.62 -27.21 -12.85
N LYS A 3 -5.99 -26.04 -13.37
CA LYS A 3 -5.76 -24.78 -12.66
C LYS A 3 -4.27 -24.59 -12.36
N ASP A 4 -3.97 -23.60 -11.53
CA ASP A 4 -2.58 -23.31 -11.16
C ASP A 4 -2.52 -22.48 -9.89
N ASP A 5 -3.47 -21.57 -9.74
CA ASP A 5 -3.52 -20.70 -8.56
C ASP A 5 -4.96 -20.49 -8.10
N ASP A 6 -5.16 -19.48 -7.25
CA ASP A 6 -6.48 -19.17 -6.74
C ASP A 6 -7.20 -18.16 -7.63
N ASP A 7 -6.85 -16.89 -7.46
CA ASP A 7 -7.45 -15.82 -8.25
C ASP A 7 -6.40 -15.11 -9.10
N LYS A 8 -6.68 -15.00 -10.39
CA LYS A 8 -5.76 -14.35 -11.33
C LYS A 8 -4.39 -15.01 -11.30
N VAL A 9 -3.39 -14.32 -11.87
CA VAL A 9 -2.04 -14.84 -11.90
C VAL A 9 -1.11 -14.02 -11.01
N LYS A 10 -1.69 -13.42 -9.97
CA LYS A 10 -0.91 -12.61 -9.04
C LYS A 10 -0.24 -13.48 -7.99
N LEU A 11 0.84 -12.96 -7.40
CA LEU A 11 1.58 -13.70 -6.38
C LEU A 11 2.43 -12.75 -5.54
N THR A 12 2.90 -11.67 -6.16
CA THR A 12 3.72 -10.68 -5.47
C THR A 12 2.91 -9.91 -4.44
N CYS A 13 3.53 -9.62 -3.30
CA CYS A 13 2.87 -8.88 -2.24
C CYS A 13 3.25 -7.40 -2.26
N TYR A 14 4.12 -7.04 -3.21
CA TYR A 14 4.57 -5.66 -3.35
C TYR A 14 3.83 -4.96 -4.48
N GLN A 15 3.31 -3.76 -4.18
CA GLN A 15 2.57 -2.96 -5.16
C GLN A 15 1.18 -3.55 -5.43
N ASN A 16 1.04 -4.85 -5.23
CA ASN A 16 -0.24 -5.54 -5.46
C ASN A 16 -0.73 -5.31 -6.88
N GLY A 17 -1.54 -4.28 -7.07
CA GLY A 17 -2.07 -3.98 -8.39
C GLY A 17 -3.52 -3.55 -8.34
N VAL A 18 -4.20 -3.86 -7.25
CA VAL A 18 -5.61 -3.49 -7.08
C VAL A 18 -5.82 -2.72 -5.79
N SER A 19 -6.79 -1.80 -5.81
CA SER A 19 -7.10 -0.99 -4.64
C SER A 19 -7.72 -1.84 -3.54
N PHE A 20 -8.06 -1.22 -2.42
CA PHE A 20 -8.66 -1.93 -1.30
C PHE A 20 -10.00 -1.31 -0.90
N THR A 21 -10.94 -2.14 -0.48
CA THR A 21 -12.25 -1.68 -0.07
C THR A 21 -12.79 -2.50 1.09
N GLY A 22 -13.92 -2.06 1.65
CA GLY A 22 -14.52 -2.77 2.77
C GLY A 22 -13.89 -2.41 4.09
N GLY A 23 -12.59 -2.12 4.07
CA GLY A 23 -11.88 -1.76 5.28
C GLY A 23 -12.26 -0.37 5.77
N LYS A 24 -11.62 0.06 6.86
CA LYS A 24 -11.90 1.37 7.42
C LYS A 24 -10.67 2.26 7.37
N ALA A 25 -10.47 2.94 6.25
CA ALA A 25 -9.33 3.82 6.08
C ALA A 25 -9.37 4.97 7.09
N ILE A 26 -8.51 4.89 8.10
CA ILE A 26 -8.46 5.92 9.13
C ILE A 26 -7.93 7.23 8.56
N SER A 27 -7.41 7.17 7.34
CA SER A 27 -6.87 8.34 6.67
C SER A 27 -6.55 8.02 5.21
N GLU A 28 -6.84 8.99 4.34
CA GLU A 28 -6.59 8.81 2.92
C GLU A 28 -5.82 10.01 2.36
N ALA A 29 -4.88 9.73 1.46
CA ALA A 29 -4.09 10.78 0.85
C ALA A 29 -4.26 10.80 -0.67
N LYS A 30 -5.14 11.67 -1.15
CA LYS A 30 -5.40 11.80 -2.57
C LYS A 30 -4.12 12.15 -3.33
N ALA A 31 -3.40 11.11 -3.75
CA ALA A 31 -2.15 11.29 -4.48
C ALA A 31 -2.08 10.41 -5.71
N ALA A 32 -1.29 10.83 -6.69
CA ALA A 32 -1.12 10.08 -7.93
C ALA A 32 0.10 9.18 -7.85
N SER A 33 0.79 9.22 -6.72
CA SER A 33 1.99 8.41 -6.51
C SER A 33 2.04 7.89 -5.09
N SER A 34 2.35 6.60 -4.95
CA SER A 34 2.43 5.97 -3.64
C SER A 34 3.45 6.69 -2.74
N GLN A 35 4.48 7.24 -3.36
CA GLN A 35 5.51 7.96 -2.62
C GLN A 35 4.90 9.03 -1.74
N ALA A 36 3.95 9.78 -2.28
CA ALA A 36 3.27 10.83 -1.54
C ALA A 36 2.47 10.24 -0.39
N CYS A 37 1.97 9.02 -0.59
CA CYS A 37 1.20 8.34 0.44
C CYS A 37 2.12 7.82 1.54
N GLN A 38 3.38 7.62 1.18
CA GLN A 38 4.39 7.14 2.14
C GLN A 38 4.73 8.24 3.14
N GLU A 39 4.95 9.44 2.64
CA GLU A 39 5.29 10.58 3.48
C GLU A 39 4.09 10.98 4.33
N LEU A 40 2.91 10.88 3.74
CA LEU A 40 1.68 11.23 4.43
C LEU A 40 1.43 10.27 5.60
N CYS A 41 1.38 8.98 5.30
CA CYS A 41 1.15 7.97 6.31
C CYS A 41 2.26 8.01 7.37
N GLU A 42 3.42 8.52 6.99
CA GLU A 42 4.55 8.62 7.90
C GLU A 42 4.27 9.66 8.99
N LYS A 43 3.57 10.71 8.62
CA LYS A 43 3.23 11.78 9.55
C LYS A 43 2.13 11.32 10.52
N ASP A 44 1.51 10.19 10.20
CA ASP A 44 0.45 9.64 11.03
C ASP A 44 1.00 8.55 11.95
N ALA A 45 0.22 8.21 12.98
CA ALA A 45 0.63 7.18 13.92
C ALA A 45 -0.35 6.01 13.93
N LYS A 46 -1.44 6.16 13.17
CA LYS A 46 -2.46 5.11 13.10
C LYS A 46 -2.34 4.35 11.78
N CYS A 47 -1.28 4.62 11.03
CA CYS A 47 -1.05 3.95 9.76
C CYS A 47 -0.15 2.74 9.92
N ARG A 48 -0.56 1.62 9.36
CA ARG A 48 0.22 0.39 9.44
C ARG A 48 0.32 -0.28 8.08
N PHE A 49 -0.80 -0.29 7.34
CA PHE A 49 -0.84 -0.89 6.02
C PHE A 49 -1.50 0.05 5.01
N PHE A 50 -0.68 0.86 4.36
CA PHE A 50 -1.19 1.82 3.38
C PHE A 50 -1.60 1.11 2.09
N THR A 51 -2.40 1.80 1.28
CA THR A 51 -2.87 1.25 0.02
C THR A 51 -3.28 2.35 -0.95
N LEU A 52 -2.40 2.66 -1.90
CA LEU A 52 -2.67 3.70 -2.89
C LEU A 52 -3.42 3.14 -4.08
N ALA A 53 -4.08 4.01 -4.83
CA ALA A 53 -4.84 3.60 -6.01
C ALA A 53 -4.41 4.40 -7.24
N SER A 54 -5.26 4.40 -8.25
CA SER A 54 -4.98 5.13 -9.49
C SER A 54 -4.74 6.62 -9.21
N GLY A 55 -5.22 7.08 -8.05
CA GLY A 55 -5.05 8.47 -7.70
C GLY A 55 -5.61 8.78 -6.32
N LYS A 56 -5.49 7.84 -5.40
CA LYS A 56 -5.99 8.02 -4.04
C LYS A 56 -5.37 7.01 -3.09
N CYS A 57 -4.68 7.50 -2.07
CA CYS A 57 -4.04 6.64 -1.09
C CYS A 57 -4.96 6.39 0.09
N SER A 58 -4.78 5.25 0.76
CA SER A 58 -5.61 4.90 1.91
C SER A 58 -4.84 4.02 2.88
N LEU A 59 -4.62 4.52 4.09
CA LEU A 59 -3.90 3.77 5.11
C LEU A 59 -4.89 3.05 6.03
N PHE A 60 -4.47 1.90 6.55
CA PHE A 60 -5.32 1.11 7.44
C PHE A 60 -4.55 0.61 8.65
N ALA A 61 -5.06 0.93 9.84
CA ALA A 61 -4.43 0.51 11.08
C ALA A 61 -4.52 -1.00 11.26
N ASP A 62 -4.32 -1.46 12.50
CA ASP A 62 -4.38 -2.88 12.81
C ASP A 62 -5.77 -3.45 12.51
N ASP A 63 -5.93 -4.01 11.32
CA ASP A 63 -7.20 -4.59 10.91
C ASP A 63 -7.00 -5.62 9.81
N ALA A 64 -8.10 -6.07 9.22
CA ALA A 64 -8.05 -7.06 8.16
C ALA A 64 -9.38 -7.17 7.44
N ALA A 65 -10.25 -6.18 7.65
CA ALA A 65 -11.56 -6.16 7.02
C ALA A 65 -11.50 -5.57 5.63
N LEU A 66 -10.28 -5.41 5.10
CA LEU A 66 -10.08 -4.84 3.78
C LEU A 66 -9.77 -5.94 2.77
N ARG A 67 -10.35 -5.81 1.58
CA ARG A 67 -10.15 -6.79 0.51
C ARG A 67 -10.08 -6.11 -0.85
N PRO A 68 -9.56 -6.82 -1.88
CA PRO A 68 -9.44 -6.28 -3.23
C PRO A 68 -10.80 -6.07 -3.89
N THR A 69 -10.81 -5.34 -5.00
CA THR A 69 -12.05 -5.06 -5.72
C THR A 69 -11.81 -5.09 -7.24
N LYS A 70 -11.25 -4.01 -7.76
CA LYS A 70 -10.98 -3.91 -9.19
C LYS A 70 -10.13 -2.68 -9.50
N SER A 71 -8.97 -2.90 -10.12
CA SER A 71 -8.08 -1.81 -10.46
C SER A 71 -7.01 -2.28 -11.45
N ASP A 72 -6.27 -1.33 -12.00
CA ASP A 72 -5.21 -1.64 -12.97
C ASP A 72 -4.05 -0.67 -12.84
N GLY A 73 -4.03 0.08 -11.73
CA GLY A 73 -2.96 1.04 -11.50
C GLY A 73 -2.74 1.31 -10.03
N ALA A 74 -3.52 0.64 -9.18
CA ALA A 74 -3.40 0.82 -7.74
C ALA A 74 -2.09 0.23 -7.22
N VAL A 75 -1.56 0.84 -6.17
CA VAL A 75 -0.31 0.38 -5.58
C VAL A 75 -0.42 0.29 -4.06
N SER A 76 -0.58 -0.93 -3.55
CA SER A 76 -0.70 -1.15 -2.11
C SER A 76 0.58 -1.74 -1.54
N GLY A 77 0.71 -1.69 -0.21
CA GLY A 77 1.89 -2.24 0.43
C GLY A 77 1.61 -2.74 1.83
N ASN A 78 2.30 -3.79 2.24
CA ASN A 78 2.12 -4.38 3.56
C ASN A 78 3.26 -3.98 4.50
N LYS A 79 4.02 -2.97 4.10
CA LYS A 79 5.15 -2.49 4.89
C LYS A 79 6.16 -3.60 5.14
N ARG A 80 7.20 -3.65 4.30
CA ARG A 80 8.25 -4.66 4.42
C ARG A 80 7.66 -6.07 4.30
N CYS A 81 7.62 -6.58 3.07
CA CYS A 81 7.09 -7.92 2.83
C CYS A 81 8.20 -8.88 2.41
N ILE A 82 9.08 -9.19 3.34
CA ILE A 82 10.20 -10.09 3.07
C ILE A 82 9.82 -11.54 3.36
N LEU A 83 8.88 -11.72 4.29
CA LEU A 83 8.42 -13.05 4.66
C LEU A 83 7.25 -13.50 3.78
N LEU A 84 7.57 -14.27 2.74
CA LEU A 84 6.56 -14.76 1.83
C LEU A 84 6.06 -16.15 2.25
N GLU A 85 6.99 -17.09 2.37
CA GLU A 85 6.65 -18.44 2.78
C GLU A 85 7.63 -18.97 3.83
N ASP A 86 7.47 -20.23 4.20
CA ASP A 86 8.34 -20.85 5.20
C ASP A 86 8.43 -22.36 4.98
N ASP A 1 21.65 8.29 1.08
CA ASP A 1 22.75 8.66 2.01
C ASP A 1 23.46 9.93 1.54
N TYR A 2 22.68 10.91 1.12
CA TYR A 2 23.22 12.18 0.64
C TYR A 2 22.50 13.36 1.29
N LYS A 3 23.27 14.20 1.99
CA LYS A 3 22.73 15.38 2.67
C LYS A 3 21.42 15.06 3.41
N ASP A 4 20.65 16.10 3.71
CA ASP A 4 19.38 15.93 4.41
C ASP A 4 18.34 16.93 3.92
N ASP A 5 18.82 17.99 3.28
CA ASP A 5 17.93 19.02 2.75
C ASP A 5 17.01 18.46 1.68
N ASP A 6 17.49 17.44 0.98
CA ASP A 6 16.72 16.80 -0.08
C ASP A 6 15.81 15.71 0.48
N ASP A 7 16.29 15.04 1.54
CA ASP A 7 15.53 13.98 2.18
C ASP A 7 15.14 12.89 1.18
N LYS A 8 16.11 12.04 0.82
CA LYS A 8 15.86 10.97 -0.14
C LYS A 8 15.59 9.66 0.59
N VAL A 9 15.05 8.68 -0.14
CA VAL A 9 14.74 7.38 0.43
C VAL A 9 15.24 6.25 -0.46
N LYS A 10 15.52 5.10 0.15
CA LYS A 10 16.00 3.94 -0.60
C LYS A 10 15.37 2.66 -0.07
N LEU A 11 14.45 2.81 0.88
CA LEU A 11 13.77 1.66 1.47
C LEU A 11 12.33 1.57 1.00
N THR A 12 12.04 2.23 -0.13
CA THR A 12 10.70 2.23 -0.69
C THR A 12 10.29 0.84 -1.17
N CYS A 13 9.01 0.54 -1.06
CA CYS A 13 8.49 -0.76 -1.49
C CYS A 13 7.12 -0.62 -2.13
N TYR A 14 6.83 -1.50 -3.09
CA TYR A 14 5.56 -1.48 -3.79
C TYR A 14 5.12 -2.89 -4.18
N GLN A 15 3.81 -3.12 -4.17
CA GLN A 15 3.26 -4.42 -4.52
C GLN A 15 1.81 -4.31 -4.96
N ASN A 16 1.51 -4.76 -6.17
CA ASN A 16 0.16 -4.71 -6.71
C ASN A 16 -0.79 -5.58 -5.90
N GLY A 17 -1.80 -4.96 -5.32
CA GLY A 17 -2.77 -5.70 -4.52
C GLY A 17 -4.19 -5.23 -4.74
N VAL A 18 -4.40 -4.46 -5.81
CA VAL A 18 -5.71 -3.93 -6.15
C VAL A 18 -6.23 -2.98 -5.08
N SER A 19 -7.06 -2.03 -5.48
CA SER A 19 -7.62 -1.05 -4.56
C SER A 19 -8.42 -1.75 -3.46
N PHE A 20 -8.31 -1.22 -2.24
CA PHE A 20 -9.01 -1.80 -1.10
C PHE A 20 -10.35 -1.11 -0.88
N THR A 21 -11.32 -1.85 -0.36
CA THR A 21 -12.65 -1.31 -0.10
C THR A 21 -13.37 -2.11 0.97
N GLY A 22 -14.52 -1.60 1.41
CA GLY A 22 -15.29 -2.28 2.44
C GLY A 22 -14.89 -1.86 3.84
N GLY A 23 -13.58 -1.78 4.07
CA GLY A 23 -13.09 -1.39 5.39
C GLY A 23 -13.16 0.11 5.60
N LYS A 24 -12.68 0.57 6.76
CA LYS A 24 -12.70 1.99 7.08
C LYS A 24 -11.28 2.52 7.23
N ALA A 25 -10.79 3.18 6.19
CA ALA A 25 -9.44 3.74 6.19
C ALA A 25 -9.32 4.84 7.24
N ILE A 26 -8.29 4.75 8.07
CA ILE A 26 -8.05 5.75 9.11
C ILE A 26 -7.67 7.09 8.49
N SER A 27 -7.19 7.03 7.26
CA SER A 27 -6.77 8.22 6.53
C SER A 27 -6.53 7.89 5.07
N GLU A 28 -6.99 8.78 4.20
CA GLU A 28 -6.82 8.58 2.76
C GLU A 28 -6.40 9.88 2.10
N ALA A 29 -5.46 9.78 1.16
CA ALA A 29 -4.96 10.94 0.45
C ALA A 29 -4.80 10.66 -1.04
N LYS A 30 -5.65 11.28 -1.85
CA LYS A 30 -5.61 11.10 -3.29
C LYS A 30 -4.29 11.59 -3.86
N ALA A 31 -3.34 10.68 -4.01
CA ALA A 31 -2.02 11.02 -4.54
C ALA A 31 -1.77 10.34 -5.87
N ALA A 32 -1.09 11.05 -6.77
CA ALA A 32 -0.78 10.51 -8.09
C ALA A 32 0.33 9.46 -8.00
N SER A 33 0.92 9.33 -6.82
CA SER A 33 1.98 8.36 -6.59
C SER A 33 1.95 7.85 -5.17
N SER A 34 2.07 6.54 -5.00
CA SER A 34 2.06 5.91 -3.68
C SER A 34 3.13 6.53 -2.78
N GLN A 35 4.21 6.98 -3.39
CA GLN A 35 5.31 7.58 -2.64
C GLN A 35 4.79 8.69 -1.72
N ALA A 36 3.96 9.56 -2.27
CA ALA A 36 3.39 10.67 -1.50
C ALA A 36 2.56 10.13 -0.33
N CYS A 37 1.90 9.01 -0.56
CA CYS A 37 1.09 8.38 0.48
C CYS A 37 1.96 7.74 1.55
N GLN A 38 3.16 7.33 1.15
CA GLN A 38 4.10 6.71 2.06
C GLN A 38 4.67 7.74 3.03
N GLU A 39 4.97 8.93 2.51
CA GLU A 39 5.52 9.99 3.34
C GLU A 39 4.51 10.46 4.37
N LEU A 40 3.27 10.63 3.95
CA LEU A 40 2.22 11.06 4.85
C LEU A 40 1.87 9.94 5.82
N CYS A 41 2.00 8.70 5.35
CA CYS A 41 1.72 7.54 6.18
C CYS A 41 2.63 7.56 7.40
N GLU A 42 3.88 7.97 7.20
CA GLU A 42 4.85 8.05 8.29
C GLU A 42 4.38 9.05 9.33
N LYS A 43 3.81 10.16 8.86
CA LYS A 43 3.32 11.20 9.75
C LYS A 43 2.08 10.71 10.50
N ASP A 44 1.20 10.03 9.79
CA ASP A 44 -0.02 9.50 10.39
C ASP A 44 0.31 8.54 11.52
N ALA A 45 -0.12 8.87 12.74
CA ALA A 45 0.14 8.04 13.90
C ALA A 45 -0.86 6.89 14.00
N LYS A 46 -1.53 6.61 12.89
CA LYS A 46 -2.51 5.52 12.85
C LYS A 46 -2.37 4.70 11.56
N CYS A 47 -1.31 4.98 10.81
CA CYS A 47 -1.07 4.27 9.56
C CYS A 47 -0.17 3.05 9.79
N ARG A 48 -0.32 2.05 8.92
CA ARG A 48 0.47 0.83 9.02
C ARG A 48 0.48 0.08 7.69
N PHE A 49 -0.66 0.07 7.02
CA PHE A 49 -0.78 -0.61 5.73
C PHE A 49 -1.46 0.29 4.70
N PHE A 50 -0.66 1.11 4.02
CA PHE A 50 -1.18 2.02 3.01
C PHE A 50 -1.70 1.26 1.80
N THR A 51 -2.52 1.93 0.99
CA THR A 51 -3.09 1.32 -0.20
C THR A 51 -3.52 2.39 -1.21
N LEU A 52 -2.62 2.72 -2.14
CA LEU A 52 -2.89 3.72 -3.16
C LEU A 52 -3.58 3.10 -4.36
N ALA A 53 -4.25 3.93 -5.15
CA ALA A 53 -4.96 3.46 -6.34
C ALA A 53 -4.61 4.31 -7.54
N SER A 54 -5.46 4.25 -8.57
CA SER A 54 -5.25 5.02 -9.79
C SER A 54 -5.11 6.51 -9.48
N GLY A 55 -5.62 6.93 -8.32
CA GLY A 55 -5.54 8.32 -7.93
C GLY A 55 -6.11 8.57 -6.55
N LYS A 56 -5.92 7.62 -5.65
CA LYS A 56 -6.42 7.74 -4.28
C LYS A 56 -5.74 6.74 -3.36
N CYS A 57 -5.05 7.26 -2.35
CA CYS A 57 -4.35 6.41 -1.39
C CYS A 57 -5.19 6.22 -0.14
N SER A 58 -4.92 5.14 0.59
CA SER A 58 -5.66 4.83 1.81
C SER A 58 -4.81 4.01 2.78
N LEU A 59 -4.50 4.62 3.93
CA LEU A 59 -3.70 3.94 4.95
C LEU A 59 -4.60 3.30 5.99
N PHE A 60 -4.39 2.00 6.23
CA PHE A 60 -5.19 1.26 7.21
C PHE A 60 -4.34 0.81 8.38
N ALA A 61 -4.80 1.09 9.59
CA ALA A 61 -4.08 0.71 10.80
C ALA A 61 -4.05 -0.80 10.96
N ASP A 62 -5.14 -1.45 10.58
CA ASP A 62 -5.25 -2.90 10.68
C ASP A 62 -6.24 -3.46 9.65
N ASP A 63 -6.24 -4.77 9.48
CA ASP A 63 -7.13 -5.42 8.53
C ASP A 63 -8.40 -5.91 9.21
N ALA A 64 -9.53 -5.33 8.86
CA ALA A 64 -10.81 -5.71 9.45
C ALA A 64 -11.71 -6.37 8.41
N ALA A 65 -11.80 -5.76 7.24
CA ALA A 65 -12.63 -6.28 6.16
C ALA A 65 -12.28 -5.62 4.83
N LEU A 66 -11.21 -4.83 4.84
CA LEU A 66 -10.77 -4.14 3.62
C LEU A 66 -10.29 -5.14 2.57
N ARG A 67 -11.15 -5.43 1.60
CA ARG A 67 -10.80 -6.37 0.54
C ARG A 67 -10.63 -5.64 -0.80
N PRO A 68 -9.97 -6.30 -1.77
CA PRO A 68 -9.74 -5.72 -3.09
C PRO A 68 -11.02 -5.58 -3.90
N THR A 69 -10.88 -5.16 -5.15
CA THR A 69 -12.03 -4.98 -6.04
C THR A 69 -11.77 -5.58 -7.41
N LYS A 70 -10.97 -4.89 -8.21
CA LYS A 70 -10.64 -5.34 -9.55
C LYS A 70 -9.54 -4.48 -10.17
N SER A 71 -9.51 -3.20 -9.78
CA SER A 71 -8.52 -2.27 -10.30
C SER A 71 -7.11 -2.69 -9.90
N ASP A 72 -6.41 -3.34 -10.83
CA ASP A 72 -5.05 -3.81 -10.57
C ASP A 72 -4.07 -2.65 -10.63
N GLY A 73 -4.54 -1.48 -11.06
CA GLY A 73 -3.70 -0.31 -11.16
C GLY A 73 -3.28 0.21 -9.80
N ALA A 74 -3.95 -0.26 -8.75
CA ALA A 74 -3.66 0.17 -7.40
C ALA A 74 -2.45 -0.58 -6.83
N VAL A 75 -1.79 0.03 -5.86
CA VAL A 75 -0.61 -0.57 -5.24
C VAL A 75 -0.71 -0.48 -3.71
N SER A 76 -0.69 -1.64 -3.06
CA SER A 76 -0.77 -1.69 -1.60
C SER A 76 0.56 -2.15 -1.00
N GLY A 77 0.68 -2.02 0.31
CA GLY A 77 1.91 -2.42 0.99
C GLY A 77 1.66 -2.90 2.40
N ASN A 78 2.67 -3.52 3.00
CA ASN A 78 2.55 -4.04 4.36
C ASN A 78 3.77 -3.64 5.19
N LYS A 79 3.82 -4.16 6.42
CA LYS A 79 4.93 -3.87 7.32
C LYS A 79 6.23 -4.42 6.78
N ARG A 80 6.23 -5.72 6.45
CA ARG A 80 7.41 -6.37 5.93
C ARG A 80 7.68 -5.96 4.49
N CYS A 81 8.70 -5.12 4.30
CA CYS A 81 9.06 -4.63 2.97
C CYS A 81 10.51 -4.97 2.65
N ILE A 82 11.10 -5.85 3.46
CA ILE A 82 12.49 -6.26 3.26
C ILE A 82 12.62 -7.78 3.29
N LEU A 83 13.53 -8.31 2.48
CA LEU A 83 13.76 -9.74 2.42
C LEU A 83 15.19 -10.06 1.99
N LEU A 84 15.66 -11.26 2.32
CA LEU A 84 17.00 -11.67 1.97
C LEU A 84 17.05 -13.18 1.67
N GLU A 85 16.27 -13.94 2.43
CA GLU A 85 16.22 -15.39 2.24
C GLU A 85 15.08 -15.78 1.32
N ASP A 86 15.08 -17.03 0.87
CA ASP A 86 14.04 -17.53 -0.02
C ASP A 86 12.89 -18.15 0.78
N ASP A 1 0.65 -26.19 -17.81
CA ASP A 1 0.90 -26.15 -16.34
C ASP A 1 -0.27 -25.50 -15.61
N TYR A 2 -0.17 -25.46 -14.27
CA TYR A 2 -1.23 -24.88 -13.46
C TYR A 2 -1.22 -23.35 -13.56
N LYS A 3 -2.13 -22.71 -12.84
CA LYS A 3 -2.23 -21.26 -12.86
C LYS A 3 -2.32 -20.70 -11.45
N ASP A 4 -2.66 -21.56 -10.49
CA ASP A 4 -2.79 -21.17 -9.10
C ASP A 4 -3.82 -20.06 -8.93
N ASP A 5 -3.37 -18.81 -9.02
CA ASP A 5 -4.25 -17.66 -8.88
C ASP A 5 -4.41 -16.92 -10.19
N ASP A 6 -3.43 -16.08 -10.51
CA ASP A 6 -3.45 -15.31 -11.75
C ASP A 6 -2.04 -15.07 -12.27
N ASP A 7 -1.36 -14.09 -11.71
CA ASP A 7 0.01 -13.77 -12.12
C ASP A 7 1.01 -14.65 -11.40
N LYS A 8 2.30 -14.38 -11.62
CA LYS A 8 3.36 -15.16 -11.00
C LYS A 8 3.49 -14.83 -9.52
N VAL A 9 4.42 -15.49 -8.84
CA VAL A 9 4.65 -15.25 -7.42
C VAL A 9 5.30 -13.89 -7.18
N LYS A 10 5.34 -13.49 -5.91
CA LYS A 10 5.93 -12.21 -5.55
C LYS A 10 7.45 -12.24 -5.71
N LEU A 11 7.96 -11.39 -6.59
CA LEU A 11 9.40 -11.33 -6.85
C LEU A 11 9.99 -10.02 -6.32
N THR A 12 9.11 -9.08 -5.97
CA THR A 12 9.53 -7.80 -5.45
C THR A 12 9.18 -7.65 -3.99
N CYS A 13 9.41 -6.46 -3.43
CA CYS A 13 9.11 -6.19 -2.03
C CYS A 13 7.60 -6.12 -1.80
N TYR A 14 7.00 -5.00 -2.19
CA TYR A 14 5.57 -4.81 -2.03
C TYR A 14 5.00 -3.93 -3.14
N GLN A 15 3.85 -4.32 -3.67
CA GLN A 15 3.20 -3.56 -4.74
C GLN A 15 1.83 -4.12 -5.05
N ASN A 16 1.72 -5.45 -5.06
CA ASN A 16 0.45 -6.12 -5.34
C ASN A 16 -0.58 -5.81 -4.26
N GLY A 17 -1.84 -6.08 -4.56
CA GLY A 17 -2.90 -5.83 -3.61
C GLY A 17 -3.94 -4.85 -4.15
N VAL A 18 -3.52 -4.01 -5.09
CA VAL A 18 -4.40 -3.02 -5.71
C VAL A 18 -5.19 -2.24 -4.66
N SER A 19 -6.17 -1.47 -5.12
CA SER A 19 -7.00 -0.67 -4.22
C SER A 19 -7.75 -1.57 -3.24
N PHE A 20 -8.35 -0.97 -2.21
CA PHE A 20 -9.09 -1.73 -1.22
C PHE A 20 -10.44 -1.10 -0.93
N THR A 21 -11.43 -1.94 -0.66
CA THR A 21 -12.77 -1.45 -0.37
C THR A 21 -13.45 -2.31 0.70
N GLY A 22 -14.60 -1.86 1.17
CA GLY A 22 -15.33 -2.58 2.20
C GLY A 22 -14.92 -2.19 3.59
N GLY A 23 -13.61 -2.09 3.82
CA GLY A 23 -13.11 -1.72 5.14
C GLY A 23 -13.21 -0.22 5.38
N LYS A 24 -12.78 0.21 6.56
CA LYS A 24 -12.83 1.62 6.93
C LYS A 24 -11.42 2.20 7.05
N ALA A 25 -10.99 2.90 6.01
CA ALA A 25 -9.65 3.50 6.00
C ALA A 25 -9.53 4.56 7.08
N ILE A 26 -8.58 4.37 7.99
CA ILE A 26 -8.36 5.32 9.07
C ILE A 26 -7.99 6.69 8.52
N SER A 27 -7.46 6.71 7.30
CA SER A 27 -7.06 7.94 6.65
C SER A 27 -6.79 7.71 5.17
N GLU A 28 -6.88 8.77 4.38
CA GLU A 28 -6.64 8.69 2.96
C GLU A 28 -5.89 9.93 2.46
N ALA A 29 -4.94 9.71 1.57
CA ALA A 29 -4.15 10.80 1.02
C ALA A 29 -4.33 10.92 -0.49
N LYS A 30 -5.17 11.85 -0.92
CA LYS A 30 -5.42 12.06 -2.35
C LYS A 30 -4.13 12.40 -3.08
N ALA A 31 -3.43 11.37 -3.54
CA ALA A 31 -2.17 11.56 -4.25
C ALA A 31 -2.15 10.79 -5.56
N ALA A 32 -1.48 11.36 -6.56
CA ALA A 32 -1.37 10.72 -7.86
C ALA A 32 -0.23 9.71 -7.88
N SER A 33 0.52 9.67 -6.78
CA SER A 33 1.64 8.75 -6.66
C SER A 33 1.76 8.23 -5.24
N SER A 34 2.13 6.96 -5.10
CA SER A 34 2.27 6.33 -3.79
C SER A 34 3.35 7.02 -2.97
N GLN A 35 4.35 7.56 -3.66
CA GLN A 35 5.45 8.24 -3.00
C GLN A 35 4.90 9.26 -2.00
N ALA A 36 3.81 9.92 -2.39
CA ALA A 36 3.17 10.90 -1.53
C ALA A 36 2.41 10.20 -0.41
N CYS A 37 1.88 9.02 -0.72
CA CYS A 37 1.15 8.23 0.27
C CYS A 37 2.11 7.62 1.27
N GLN A 38 3.38 7.54 0.89
CA GLN A 38 4.42 6.99 1.75
C GLN A 38 4.82 7.99 2.82
N GLU A 39 5.14 9.21 2.39
CA GLU A 39 5.53 10.26 3.32
C GLU A 39 4.35 10.63 4.21
N LEU A 40 3.15 10.54 3.67
CA LEU A 40 1.93 10.85 4.42
C LEU A 40 1.71 9.79 5.49
N CYS A 41 1.68 8.53 5.07
CA CYS A 41 1.47 7.42 5.99
C CYS A 41 2.54 7.39 7.07
N GLU A 42 3.74 7.84 6.71
CA GLU A 42 4.86 7.87 7.65
C GLU A 42 4.60 8.88 8.76
N LYS A 43 3.88 9.95 8.44
CA LYS A 43 3.57 10.98 9.41
C LYS A 43 2.27 10.68 10.14
N ASP A 44 1.87 9.40 10.14
CA ASP A 44 0.64 8.97 10.80
C ASP A 44 0.92 7.80 11.72
N ALA A 45 0.38 7.86 12.94
CA ALA A 45 0.56 6.81 13.92
C ALA A 45 -0.44 5.67 13.69
N LYS A 46 -1.62 6.02 13.18
CA LYS A 46 -2.66 5.04 12.91
C LYS A 46 -2.44 4.37 11.56
N CYS A 47 -1.30 4.67 10.94
CA CYS A 47 -0.95 4.10 9.64
C CYS A 47 -0.15 2.81 9.80
N ARG A 48 -0.49 1.81 8.98
CA ARG A 48 0.20 0.53 9.03
C ARG A 48 0.25 -0.12 7.65
N PHE A 49 -0.92 -0.35 7.06
CA PHE A 49 -1.01 -0.96 5.75
C PHE A 49 -1.70 -0.01 4.76
N PHE A 50 -0.90 0.87 4.15
CA PHE A 50 -1.42 1.84 3.20
C PHE A 50 -1.86 1.15 1.90
N THR A 51 -2.60 1.88 1.08
CA THR A 51 -3.10 1.35 -0.19
C THR A 51 -3.46 2.47 -1.14
N LEU A 52 -2.53 2.83 -2.02
CA LEU A 52 -2.75 3.89 -2.99
C LEU A 52 -3.43 3.35 -4.25
N ALA A 53 -3.99 4.24 -5.05
CA ALA A 53 -4.66 3.85 -6.28
C ALA A 53 -4.27 4.78 -7.43
N SER A 54 -5.08 4.79 -8.48
CA SER A 54 -4.83 5.63 -9.65
C SER A 54 -4.65 7.09 -9.25
N GLY A 55 -5.19 7.45 -8.07
CA GLY A 55 -5.07 8.82 -7.60
C GLY A 55 -5.70 9.01 -6.23
N LYS A 56 -5.53 8.03 -5.36
CA LYS A 56 -6.08 8.09 -4.01
C LYS A 56 -5.43 7.06 -3.10
N CYS A 57 -4.80 7.55 -2.04
CA CYS A 57 -4.14 6.67 -1.08
C CYS A 57 -5.05 6.39 0.11
N SER A 58 -4.89 5.22 0.72
CA SER A 58 -5.71 4.83 1.87
C SER A 58 -4.93 3.95 2.83
N LEU A 59 -4.74 4.44 4.05
CA LEU A 59 -4.00 3.70 5.07
C LEU A 59 -4.98 2.94 5.99
N PHE A 60 -4.62 1.70 6.31
CA PHE A 60 -5.47 0.87 7.17
C PHE A 60 -4.67 0.33 8.35
N ALA A 61 -5.11 0.67 9.56
CA ALA A 61 -4.43 0.22 10.77
C ALA A 61 -4.71 -1.25 11.06
N ASP A 62 -5.78 -1.52 11.79
CA ASP A 62 -6.15 -2.89 12.13
C ASP A 62 -6.88 -3.56 10.97
N ASP A 63 -7.22 -4.83 11.15
CA ASP A 63 -7.91 -5.60 10.11
C ASP A 63 -9.39 -5.24 10.08
N ALA A 64 -9.78 -4.39 9.13
CA ALA A 64 -11.16 -3.97 8.98
C ALA A 64 -11.89 -4.85 7.98
N ALA A 65 -11.36 -6.04 7.76
CA ALA A 65 -11.96 -6.98 6.81
C ALA A 65 -12.06 -6.38 5.41
N LEU A 66 -11.13 -5.49 5.09
CA LEU A 66 -11.12 -4.83 3.78
C LEU A 66 -10.84 -5.85 2.68
N ARG A 67 -11.69 -5.83 1.65
CA ARG A 67 -11.54 -6.75 0.53
C ARG A 67 -10.87 -6.05 -0.66
N PRO A 68 -10.31 -6.83 -1.59
CA PRO A 68 -9.64 -6.29 -2.78
C PRO A 68 -10.62 -5.67 -3.77
N THR A 69 -10.08 -5.15 -4.86
CA THR A 69 -10.90 -4.52 -5.89
C THR A 69 -10.57 -5.06 -7.27
N LYS A 70 -11.03 -4.37 -8.31
CA LYS A 70 -10.77 -4.78 -9.68
C LYS A 70 -9.69 -3.92 -10.32
N SER A 71 -9.22 -2.92 -9.58
CA SER A 71 -8.19 -2.01 -10.08
C SER A 71 -6.89 -2.78 -10.36
N ASP A 72 -6.07 -2.22 -11.24
CA ASP A 72 -4.80 -2.84 -11.59
C ASP A 72 -3.65 -1.84 -11.47
N GLY A 73 -3.96 -0.56 -11.71
CA GLY A 73 -2.95 0.47 -11.62
C GLY A 73 -2.64 0.86 -10.18
N ALA A 74 -3.52 0.46 -9.27
CA ALA A 74 -3.34 0.76 -7.86
C ALA A 74 -2.13 0.02 -7.29
N VAL A 75 -1.76 0.37 -6.06
CA VAL A 75 -0.63 -0.27 -5.39
C VAL A 75 -0.79 -0.20 -3.88
N SER A 76 -0.54 -1.32 -3.21
CA SER A 76 -0.65 -1.37 -1.75
C SER A 76 0.57 -2.05 -1.13
N GLY A 77 0.70 -1.92 0.19
CA GLY A 77 1.82 -2.51 0.89
C GLY A 77 1.84 -2.17 2.36
N ASN A 78 2.97 -2.41 3.01
CA ASN A 78 3.11 -2.12 4.44
C ASN A 78 4.22 -1.11 4.67
N LYS A 79 5.47 -1.58 4.65
CA LYS A 79 6.62 -0.70 4.86
C LYS A 79 7.91 -1.39 4.44
N ARG A 80 8.33 -2.38 5.23
CA ARG A 80 9.55 -3.12 4.94
C ARG A 80 9.26 -4.38 4.13
N CYS A 81 10.30 -5.15 3.85
CA CYS A 81 10.14 -6.39 3.08
C CYS A 81 11.29 -7.35 3.37
N ILE A 82 11.08 -8.21 4.37
CA ILE A 82 12.10 -9.19 4.75
C ILE A 82 11.99 -10.46 3.91
N LEU A 83 11.99 -10.28 2.59
CA LEU A 83 11.89 -11.41 1.67
C LEU A 83 12.94 -11.31 0.57
N LEU A 84 13.49 -12.45 0.18
CA LEU A 84 14.51 -12.50 -0.87
C LEU A 84 13.94 -13.05 -2.16
N GLU A 85 14.72 -12.98 -3.24
CA GLU A 85 14.29 -13.48 -4.54
C GLU A 85 14.77 -14.90 -4.76
N ASP A 86 13.84 -15.85 -4.72
CA ASP A 86 14.16 -17.25 -4.92
C ASP A 86 15.21 -17.73 -3.91
N ASP A 1 15.48 0.43 -9.66
CA ASP A 1 16.79 0.62 -10.33
C ASP A 1 16.67 1.55 -11.53
N TYR A 2 17.69 1.55 -12.38
CA TYR A 2 17.70 2.39 -13.57
C TYR A 2 16.92 1.74 -14.70
N LYS A 3 16.98 2.35 -15.88
CA LYS A 3 16.28 1.82 -17.06
C LYS A 3 14.79 1.69 -16.79
N ASP A 4 14.09 0.98 -17.68
CA ASP A 4 12.66 0.78 -17.53
C ASP A 4 12.36 -0.27 -16.47
N ASP A 5 11.07 -0.58 -16.28
CA ASP A 5 10.65 -1.56 -15.29
C ASP A 5 11.03 -1.12 -13.88
N ASP A 6 10.54 -1.85 -12.90
CA ASP A 6 10.82 -1.54 -11.50
C ASP A 6 11.21 -2.80 -10.73
N ASP A 7 10.54 -3.91 -11.05
CA ASP A 7 10.81 -5.18 -10.39
C ASP A 7 10.33 -6.35 -11.24
N LYS A 8 10.75 -7.56 -10.87
CA LYS A 8 10.37 -8.75 -11.60
C LYS A 8 9.31 -9.54 -10.83
N VAL A 9 9.76 -10.28 -9.82
CA VAL A 9 8.86 -11.09 -9.01
C VAL A 9 8.54 -10.38 -7.69
N LYS A 10 7.57 -10.93 -6.95
CA LYS A 10 7.17 -10.35 -5.67
C LYS A 10 8.27 -10.51 -4.63
N LEU A 11 8.86 -9.39 -4.21
CA LEU A 11 9.91 -9.40 -3.22
C LEU A 11 9.71 -8.31 -2.18
N THR A 12 8.87 -7.33 -2.51
CA THR A 12 8.58 -6.22 -1.61
C THR A 12 7.10 -5.88 -1.62
N CYS A 13 6.67 -5.08 -0.64
CA CYS A 13 5.27 -4.67 -0.54
C CYS A 13 4.35 -5.89 -0.47
N TYR A 14 3.06 -5.66 -0.70
CA TYR A 14 2.07 -6.74 -0.66
C TYR A 14 1.47 -6.97 -2.04
N GLN A 15 0.46 -6.18 -2.37
CA GLN A 15 -0.22 -6.30 -3.66
C GLN A 15 0.05 -5.08 -4.53
N ASN A 16 1.00 -5.22 -5.46
CA ASN A 16 1.34 -4.13 -6.36
C ASN A 16 0.54 -4.21 -7.66
N GLY A 17 -0.58 -3.50 -7.70
CA GLY A 17 -1.42 -3.51 -8.89
C GLY A 17 -2.89 -3.30 -8.56
N VAL A 18 -3.42 -4.11 -7.67
CA VAL A 18 -4.83 -4.02 -7.28
C VAL A 18 -5.01 -3.03 -6.12
N SER A 19 -6.17 -2.39 -6.08
CA SER A 19 -6.47 -1.43 -5.02
C SER A 19 -7.18 -2.12 -3.86
N PHE A 20 -7.73 -1.31 -2.96
CA PHE A 20 -8.44 -1.85 -1.80
C PHE A 20 -9.75 -1.10 -1.56
N THR A 21 -10.72 -1.79 -0.97
CA THR A 21 -12.02 -1.19 -0.68
C THR A 21 -12.78 -2.01 0.35
N GLY A 22 -13.90 -1.47 0.81
CA GLY A 22 -14.71 -2.17 1.81
C GLY A 22 -14.20 -1.95 3.21
N GLY A 23 -12.88 -1.98 3.38
CA GLY A 23 -12.29 -1.77 4.70
C GLY A 23 -12.50 -0.37 5.21
N LYS A 24 -12.02 -0.11 6.43
CA LYS A 24 -12.16 1.21 7.04
C LYS A 24 -10.81 1.90 7.19
N ALA A 25 -10.37 2.56 6.12
CA ALA A 25 -9.10 3.27 6.13
C ALA A 25 -9.09 4.35 7.20
N ILE A 26 -8.15 4.26 8.13
CA ILE A 26 -8.03 5.24 9.21
C ILE A 26 -7.60 6.59 8.65
N SER A 27 -7.08 6.57 7.43
CA SER A 27 -6.62 7.79 6.77
C SER A 27 -6.38 7.55 5.29
N GLU A 28 -6.70 8.56 4.49
CA GLU A 28 -6.53 8.47 3.05
C GLU A 28 -6.02 9.80 2.49
N ALA A 29 -5.05 9.73 1.59
CA ALA A 29 -4.48 10.93 1.00
C ALA A 29 -4.63 10.92 -0.52
N LYS A 30 -5.51 11.78 -1.03
CA LYS A 30 -5.74 11.87 -2.47
C LYS A 30 -4.45 12.27 -3.20
N ALA A 31 -3.72 11.27 -3.69
CA ALA A 31 -2.47 11.50 -4.39
C ALA A 31 -2.39 10.68 -5.67
N ALA A 32 -1.51 11.08 -6.58
CA ALA A 32 -1.33 10.38 -7.84
C ALA A 32 -0.11 9.46 -7.79
N SER A 33 0.72 9.65 -6.78
CA SER A 33 1.93 8.84 -6.61
C SER A 33 2.07 8.36 -5.16
N SER A 34 2.59 7.14 -5.00
CA SER A 34 2.77 6.57 -3.67
C SER A 34 3.71 7.43 -2.83
N GLN A 35 4.60 8.16 -3.49
CA GLN A 35 5.55 9.02 -2.80
C GLN A 35 4.83 9.92 -1.80
N ALA A 36 3.68 10.45 -2.23
CA ALA A 36 2.89 11.32 -1.37
C ALA A 36 2.24 10.51 -0.26
N CYS A 37 1.81 9.29 -0.59
CA CYS A 37 1.19 8.40 0.37
C CYS A 37 2.20 7.94 1.42
N GLN A 38 3.47 7.99 1.05
CA GLN A 38 4.55 7.58 1.95
C GLN A 38 4.78 8.65 3.01
N GLU A 39 4.95 9.89 2.57
CA GLU A 39 5.18 11.00 3.50
C GLU A 39 3.94 11.23 4.37
N LEU A 40 2.77 10.94 3.81
CA LEU A 40 1.51 11.11 4.53
C LEU A 40 1.41 10.08 5.65
N CYS A 41 1.53 8.81 5.28
CA CYS A 41 1.44 7.73 6.26
C CYS A 41 2.56 7.84 7.28
N GLU A 42 3.67 8.44 6.88
CA GLU A 42 4.82 8.62 7.77
C GLU A 42 4.47 9.57 8.92
N LYS A 43 3.57 10.51 8.65
CA LYS A 43 3.14 11.47 9.65
C LYS A 43 2.01 10.91 10.49
N ASP A 44 1.43 9.81 10.04
CA ASP A 44 0.33 9.16 10.77
C ASP A 44 0.84 7.98 11.58
N ALA A 45 0.56 8.01 12.88
CA ALA A 45 0.99 6.93 13.77
C ALA A 45 -0.05 5.82 13.83
N LYS A 46 -0.97 5.82 12.88
CA LYS A 46 -2.03 4.82 12.83
C LYS A 46 -1.99 4.05 11.50
N CYS A 47 -0.96 4.32 10.71
CA CYS A 47 -0.81 3.66 9.41
C CYS A 47 0.17 2.49 9.51
N ARG A 48 -0.20 1.36 8.95
CA ARG A 48 0.64 0.17 8.97
C ARG A 48 0.74 -0.44 7.58
N PHE A 49 -0.38 -0.44 6.86
CA PHE A 49 -0.43 -1.00 5.51
C PHE A 49 -1.15 -0.05 4.56
N PHE A 50 -0.39 0.87 3.97
CA PHE A 50 -0.96 1.84 3.04
C PHE A 50 -1.40 1.16 1.75
N THR A 51 -2.24 1.84 0.98
CA THR A 51 -2.74 1.31 -0.28
C THR A 51 -3.18 2.43 -1.22
N LEU A 52 -2.31 2.80 -2.14
CA LEU A 52 -2.60 3.85 -3.11
C LEU A 52 -3.38 3.29 -4.30
N ALA A 53 -4.10 4.15 -5.00
CA ALA A 53 -4.87 3.74 -6.17
C ALA A 53 -4.58 4.62 -7.37
N SER A 54 -5.48 4.62 -8.34
CA SER A 54 -5.32 5.41 -9.55
C SER A 54 -5.07 6.88 -9.22
N GLY A 55 -5.57 7.31 -8.06
CA GLY A 55 -5.39 8.70 -7.66
C GLY A 55 -5.88 8.97 -6.24
N LYS A 56 -5.58 8.04 -5.34
CA LYS A 56 -5.99 8.18 -3.94
C LYS A 56 -5.37 7.09 -3.08
N CYS A 57 -4.63 7.51 -2.05
CA CYS A 57 -3.99 6.57 -1.14
C CYS A 57 -4.90 6.26 0.05
N SER A 58 -4.69 5.11 0.66
CA SER A 58 -5.49 4.69 1.81
C SER A 58 -4.68 3.77 2.72
N LEU A 59 -4.44 4.24 3.94
CA LEU A 59 -3.67 3.47 4.92
C LEU A 59 -4.59 2.65 5.82
N PHE A 60 -4.10 1.51 6.27
CA PHE A 60 -4.88 0.63 7.14
C PHE A 60 -4.03 0.10 8.29
N ALA A 61 -4.47 0.38 9.51
CA ALA A 61 -3.74 -0.05 10.70
C ALA A 61 -3.71 -1.59 10.81
N ASP A 62 -4.68 -2.14 11.52
CA ASP A 62 -4.76 -3.58 11.71
C ASP A 62 -6.03 -4.16 11.08
N ASP A 63 -6.80 -3.29 10.44
CA ASP A 63 -8.04 -3.72 9.80
C ASP A 63 -7.78 -4.80 8.75
N ALA A 64 -8.70 -5.74 8.62
CA ALA A 64 -8.57 -6.82 7.65
C ALA A 64 -9.80 -6.93 6.76
N ALA A 65 -10.70 -5.95 6.88
CA ALA A 65 -11.91 -5.93 6.08
C ALA A 65 -11.69 -5.25 4.75
N LEU A 66 -10.43 -4.99 4.43
CA LEU A 66 -10.07 -4.34 3.17
C LEU A 66 -9.80 -5.37 2.08
N ARG A 67 -10.75 -5.51 1.16
CA ARG A 67 -10.62 -6.46 0.06
C ARG A 67 -10.23 -5.75 -1.24
N PRO A 68 -9.74 -6.50 -2.24
CA PRO A 68 -9.34 -5.93 -3.53
C PRO A 68 -10.52 -5.42 -4.33
N THR A 69 -10.25 -4.85 -5.49
CA THR A 69 -11.30 -4.32 -6.36
C THR A 69 -10.91 -4.42 -7.82
N LYS A 70 -9.85 -3.72 -8.19
CA LYS A 70 -9.37 -3.72 -9.57
C LYS A 70 -7.90 -3.29 -9.63
N SER A 71 -7.26 -3.57 -10.77
CA SER A 71 -5.87 -3.21 -10.95
C SER A 71 -5.72 -2.04 -11.92
N ASP A 72 -6.40 -0.93 -11.61
CA ASP A 72 -6.35 0.26 -12.45
C ASP A 72 -5.35 1.27 -11.90
N GLY A 73 -4.07 1.04 -12.16
CA GLY A 73 -3.04 1.94 -11.68
C GLY A 73 -2.98 2.00 -10.17
N ALA A 74 -3.35 0.90 -9.52
CA ALA A 74 -3.34 0.83 -8.07
C ALA A 74 -2.06 0.19 -7.55
N VAL A 75 -1.84 0.27 -6.24
CA VAL A 75 -0.65 -0.29 -5.62
C VAL A 75 -0.78 -0.26 -4.09
N SER A 76 -0.30 -1.31 -3.44
CA SER A 76 -0.36 -1.39 -1.98
C SER A 76 0.82 -2.17 -1.42
N GLY A 77 1.01 -2.08 -0.11
CA GLY A 77 2.10 -2.79 0.53
C GLY A 77 2.39 -2.28 1.93
N ASN A 78 3.54 -2.65 2.48
CA ASN A 78 3.92 -2.24 3.82
C ASN A 78 4.79 -0.98 3.78
N LYS A 79 5.23 -0.52 4.94
CA LYS A 79 6.06 0.66 5.04
C LYS A 79 7.51 0.34 4.67
N ARG A 80 7.78 -0.93 4.43
CA ARG A 80 9.12 -1.37 4.06
C ARG A 80 9.30 -1.37 2.54
N CYS A 81 8.62 -0.46 1.87
CA CYS A 81 8.70 -0.36 0.41
C CYS A 81 9.56 0.83 -0.01
N ILE A 82 10.37 1.33 0.92
CA ILE A 82 11.24 2.46 0.65
C ILE A 82 12.71 2.04 0.64
N LEU A 83 12.94 0.73 0.59
CA LEU A 83 14.30 0.21 0.58
C LEU A 83 14.68 -0.31 -0.80
N LEU A 84 15.85 0.10 -1.29
CA LEU A 84 16.32 -0.31 -2.60
C LEU A 84 17.31 -1.46 -2.48
N GLU A 85 17.84 -1.66 -1.28
CA GLU A 85 18.81 -2.73 -1.02
C GLU A 85 18.10 -3.97 -0.48
N ASP A 86 16.83 -4.13 -0.83
CA ASP A 86 16.04 -5.27 -0.38
C ASP A 86 16.03 -5.37 1.15
N ASP A 1 32.46 2.73 -0.27
CA ASP A 1 32.34 4.15 0.16
C ASP A 1 31.65 4.27 1.51
N TYR A 2 31.41 5.49 1.95
CA TYR A 2 30.76 5.74 3.23
C TYR A 2 29.25 5.82 3.06
N LYS A 3 28.57 6.30 4.11
CA LYS A 3 27.11 6.43 4.08
C LYS A 3 26.45 5.07 3.85
N ASP A 4 25.14 5.09 3.61
CA ASP A 4 24.38 3.87 3.37
C ASP A 4 24.52 3.42 1.91
N ASP A 5 23.75 4.06 1.04
CA ASP A 5 23.79 3.73 -0.38
C ASP A 5 23.63 4.99 -1.23
N ASP A 6 22.87 5.96 -0.71
CA ASP A 6 22.65 7.21 -1.42
C ASP A 6 22.15 8.29 -0.47
N ASP A 7 20.87 8.23 -0.14
CA ASP A 7 20.26 9.20 0.77
C ASP A 7 19.02 8.61 1.44
N LYS A 8 18.00 8.33 0.64
CA LYS A 8 16.75 7.77 1.16
C LYS A 8 16.89 6.27 1.39
N VAL A 9 15.80 5.64 1.79
CA VAL A 9 15.79 4.20 2.04
C VAL A 9 14.43 3.60 1.75
N LYS A 10 14.40 2.28 1.58
CA LYS A 10 13.16 1.57 1.28
C LYS A 10 13.10 0.23 2.02
N LEU A 11 12.19 0.13 2.98
CA LEU A 11 12.05 -1.09 3.76
C LEU A 11 10.64 -1.66 3.61
N THR A 12 9.87 -1.10 2.68
CA THR A 12 8.50 -1.54 2.44
C THR A 12 8.45 -2.53 1.28
N CYS A 13 7.78 -3.67 1.50
CA CYS A 13 7.64 -4.68 0.47
C CYS A 13 6.60 -4.29 -0.56
N TYR A 14 6.72 -4.85 -1.76
CA TYR A 14 5.79 -4.55 -2.84
C TYR A 14 4.66 -5.58 -2.89
N GLN A 15 3.44 -5.10 -3.11
CA GLN A 15 2.28 -5.99 -3.18
C GLN A 15 1.20 -5.41 -4.09
N ASN A 16 0.92 -6.11 -5.19
CA ASN A 16 -0.09 -5.66 -6.14
C ASN A 16 -1.48 -6.10 -5.70
N GLY A 17 -1.95 -5.55 -4.59
CA GLY A 17 -3.26 -5.89 -4.08
C GLY A 17 -4.35 -4.98 -4.63
N VAL A 18 -4.02 -4.25 -5.69
CA VAL A 18 -4.96 -3.33 -6.33
C VAL A 18 -5.68 -2.45 -5.30
N SER A 19 -6.72 -1.75 -5.76
CA SER A 19 -7.49 -0.88 -4.88
C SER A 19 -8.14 -1.68 -3.76
N PHE A 20 -8.24 -1.06 -2.58
CA PHE A 20 -8.84 -1.72 -1.43
C PHE A 20 -10.16 -1.05 -1.04
N THR A 21 -11.14 -1.88 -0.67
CA THR A 21 -12.45 -1.38 -0.28
C THR A 21 -13.06 -2.25 0.81
N GLY A 22 -14.16 -1.77 1.40
CA GLY A 22 -14.82 -2.53 2.45
C GLY A 22 -14.20 -2.30 3.81
N GLY A 23 -12.89 -2.03 3.83
CA GLY A 23 -12.20 -1.79 5.07
C GLY A 23 -12.33 -0.36 5.55
N LYS A 24 -12.08 -0.13 6.83
CA LYS A 24 -12.18 1.20 7.41
C LYS A 24 -10.81 1.87 7.47
N ALA A 25 -10.48 2.60 6.40
CA ALA A 25 -9.20 3.29 6.33
C ALA A 25 -9.07 4.33 7.43
N ILE A 26 -8.00 4.24 8.22
CA ILE A 26 -7.76 5.18 9.30
C ILE A 26 -7.50 6.57 8.74
N SER A 27 -7.13 6.62 7.47
CA SER A 27 -6.84 7.88 6.79
C SER A 27 -6.61 7.64 5.32
N GLU A 28 -6.97 8.63 4.50
CA GLU A 28 -6.80 8.52 3.05
C GLU A 28 -6.28 9.83 2.49
N ALA A 29 -5.35 9.72 1.55
CA ALA A 29 -4.77 10.89 0.91
C ALA A 29 -5.22 11.02 -0.55
N LYS A 30 -4.88 12.14 -1.17
CA LYS A 30 -5.24 12.39 -2.56
C LYS A 30 -4.01 12.60 -3.41
N ALA A 31 -3.26 11.53 -3.64
CA ALA A 31 -2.04 11.59 -4.44
C ALA A 31 -2.10 10.65 -5.64
N ALA A 32 -1.23 10.89 -6.61
CA ALA A 32 -1.17 10.05 -7.80
C ALA A 32 -0.07 9.01 -7.69
N SER A 33 0.87 9.25 -6.77
CA SER A 33 1.98 8.34 -6.55
C SER A 33 2.06 7.93 -5.08
N SER A 34 2.38 6.67 -4.83
CA SER A 34 2.48 6.16 -3.47
C SER A 34 3.51 6.95 -2.66
N GLN A 35 4.51 7.48 -3.35
CA GLN A 35 5.56 8.26 -2.72
C GLN A 35 4.97 9.31 -1.80
N ALA A 36 3.95 10.01 -2.29
CA ALA A 36 3.28 11.03 -1.50
C ALA A 36 2.51 10.41 -0.35
N CYS A 37 1.90 9.25 -0.62
CA CYS A 37 1.15 8.53 0.39
C CYS A 37 2.08 8.01 1.47
N GLN A 38 3.37 7.89 1.14
CA GLN A 38 4.36 7.41 2.08
C GLN A 38 4.70 8.49 3.09
N GLU A 39 5.02 9.68 2.59
CA GLU A 39 5.35 10.81 3.44
C GLU A 39 4.15 11.22 4.29
N LEU A 40 2.96 11.05 3.72
CA LEU A 40 1.72 11.39 4.41
C LEU A 40 1.48 10.43 5.57
N CYS A 41 1.45 9.14 5.26
CA CYS A 41 1.24 8.12 6.28
C CYS A 41 2.37 8.13 7.31
N GLU A 42 3.54 8.59 6.89
CA GLU A 42 4.70 8.66 7.77
C GLU A 42 4.45 9.65 8.91
N LYS A 43 3.64 10.67 8.62
CA LYS A 43 3.31 11.68 9.61
C LYS A 43 2.23 11.18 10.56
N ASP A 44 1.66 10.02 10.24
CA ASP A 44 0.61 9.43 11.05
C ASP A 44 1.12 8.18 11.77
N ALA A 45 0.70 8.02 13.02
CA ALA A 45 1.12 6.88 13.83
C ALA A 45 0.03 5.81 13.86
N LYS A 46 -0.92 5.92 12.94
CA LYS A 46 -2.02 4.97 12.87
C LYS A 46 -2.02 4.24 11.53
N CYS A 47 -0.96 4.43 10.76
CA CYS A 47 -0.82 3.79 9.45
C CYS A 47 0.20 2.65 9.50
N ARG A 48 -0.14 1.54 8.86
CA ARG A 48 0.74 0.37 8.83
C ARG A 48 0.72 -0.28 7.44
N PHE A 49 -0.45 -0.33 6.84
CA PHE A 49 -0.62 -0.93 5.52
C PHE A 49 -1.32 0.03 4.58
N PHE A 50 -0.56 0.93 3.97
CA PHE A 50 -1.11 1.92 3.04
C PHE A 50 -1.59 1.25 1.76
N THR A 51 -2.42 1.95 1.00
CA THR A 51 -2.95 1.43 -0.25
C THR A 51 -3.40 2.56 -1.17
N LEU A 52 -2.60 2.86 -2.18
CA LEU A 52 -2.91 3.92 -3.13
C LEU A 52 -3.61 3.36 -4.36
N ALA A 53 -4.41 4.20 -5.01
CA ALA A 53 -5.14 3.79 -6.21
C ALA A 53 -4.80 4.70 -7.39
N SER A 54 -5.68 4.74 -8.37
CA SER A 54 -5.49 5.57 -9.56
C SER A 54 -5.15 7.00 -9.18
N GLY A 55 -5.55 7.41 -7.98
CA GLY A 55 -5.28 8.76 -7.52
C GLY A 55 -5.85 9.03 -6.14
N LYS A 56 -5.66 8.08 -5.23
CA LYS A 56 -6.15 8.21 -3.87
C LYS A 56 -5.48 7.22 -2.94
N CYS A 57 -4.75 7.73 -1.94
CA CYS A 57 -4.06 6.89 -0.98
C CYS A 57 -5.00 6.46 0.15
N SER A 58 -4.69 5.35 0.79
CA SER A 58 -5.51 4.83 1.88
C SER A 58 -4.67 4.00 2.85
N LEU A 59 -4.41 4.55 4.02
CA LEU A 59 -3.63 3.86 5.03
C LEU A 59 -4.52 3.13 6.01
N PHE A 60 -4.19 1.87 6.29
CA PHE A 60 -4.97 1.05 7.20
C PHE A 60 -4.13 0.58 8.40
N ALA A 61 -4.76 0.56 9.57
CA ALA A 61 -4.07 0.15 10.79
C ALA A 61 -4.36 -1.32 11.10
N ASP A 62 -5.58 -1.76 10.81
CA ASP A 62 -5.97 -3.13 11.06
C ASP A 62 -6.50 -3.80 9.79
N ASP A 63 -6.85 -5.08 9.90
CA ASP A 63 -7.37 -5.82 8.76
C ASP A 63 -8.62 -6.60 9.13
N ALA A 64 -9.70 -6.36 8.41
CA ALA A 64 -10.97 -7.04 8.67
C ALA A 64 -11.71 -7.32 7.37
N ALA A 65 -12.41 -6.30 6.87
CA ALA A 65 -13.16 -6.43 5.63
C ALA A 65 -12.36 -5.92 4.44
N LEU A 66 -11.08 -5.64 4.67
CA LEU A 66 -10.20 -5.15 3.62
C LEU A 66 -10.09 -6.15 2.48
N ARG A 67 -10.63 -5.77 1.31
CA ARG A 67 -10.60 -6.64 0.14
C ARG A 67 -10.36 -5.83 -1.13
N PRO A 68 -9.93 -6.48 -2.22
CA PRO A 68 -9.67 -5.81 -3.49
C PRO A 68 -10.96 -5.39 -4.19
N THR A 69 -10.83 -4.83 -5.38
CA THR A 69 -11.98 -4.37 -6.15
C THR A 69 -11.64 -4.19 -7.62
N LYS A 70 -10.65 -3.34 -7.89
CA LYS A 70 -10.22 -3.06 -9.25
C LYS A 70 -8.72 -2.76 -9.30
N SER A 71 -8.07 -3.23 -10.36
CA SER A 71 -6.63 -3.02 -10.54
C SER A 71 -6.36 -1.70 -11.26
N ASP A 72 -6.36 -1.76 -12.59
CA ASP A 72 -6.13 -0.58 -13.41
C ASP A 72 -4.78 0.07 -13.07
N GLY A 73 -4.80 1.01 -12.14
CA GLY A 73 -3.57 1.69 -11.74
C GLY A 73 -3.44 1.80 -10.23
N ALA A 74 -3.92 0.78 -9.53
CA ALA A 74 -3.86 0.77 -8.07
C ALA A 74 -2.68 -0.09 -7.58
N VAL A 75 -2.36 0.04 -6.30
CA VAL A 75 -1.26 -0.72 -5.71
C VAL A 75 -1.26 -0.58 -4.19
N SER A 76 -0.93 -1.66 -3.50
CA SER A 76 -0.88 -1.66 -2.04
C SER A 76 0.54 -1.91 -1.54
N GLY A 77 0.73 -1.76 -0.23
CA GLY A 77 2.04 -1.98 0.36
C GLY A 77 1.97 -2.32 1.82
N ASN A 78 2.14 -3.61 2.15
CA ASN A 78 2.09 -4.07 3.53
C ASN A 78 3.27 -4.99 3.83
N LYS A 79 3.37 -5.42 5.08
CA LYS A 79 4.46 -6.31 5.50
C LYS A 79 5.82 -5.65 5.30
N ARG A 80 6.36 -5.09 6.36
CA ARG A 80 7.66 -4.43 6.30
C ARG A 80 8.76 -5.42 5.92
N CYS A 81 8.48 -6.71 6.10
CA CYS A 81 9.44 -7.75 5.78
C CYS A 81 10.75 -7.54 6.52
N ILE A 82 10.72 -7.74 7.84
CA ILE A 82 11.89 -7.56 8.67
C ILE A 82 11.92 -8.58 9.81
N LEU A 83 13.11 -9.08 10.13
CA LEU A 83 13.27 -10.05 11.20
C LEU A 83 14.68 -10.01 11.78
N LEU A 84 15.66 -9.76 10.90
CA LEU A 84 17.06 -9.69 11.31
C LEU A 84 17.51 -11.00 11.97
N GLU A 85 17.36 -11.08 13.29
CA GLU A 85 17.75 -12.28 14.02
C GLU A 85 16.84 -12.50 15.22
N ASP A 86 16.62 -13.77 15.56
CA ASP A 86 15.77 -14.12 16.68
C ASP A 86 16.45 -15.13 17.60
N ASP A 1 20.82 -32.49 -7.54
CA ASP A 1 20.64 -31.10 -8.03
C ASP A 1 19.84 -30.26 -7.02
N TYR A 2 19.51 -29.03 -7.40
CA TYR A 2 18.75 -28.15 -6.54
C TYR A 2 17.25 -28.38 -6.69
N LYS A 3 16.45 -27.45 -6.18
CA LYS A 3 15.00 -27.55 -6.26
C LYS A 3 14.36 -26.18 -6.32
N ASP A 4 13.02 -26.15 -6.23
CA ASP A 4 12.29 -24.89 -6.28
C ASP A 4 12.01 -24.36 -4.88
N ASP A 5 11.88 -25.28 -3.93
CA ASP A 5 11.62 -24.91 -2.53
C ASP A 5 10.31 -24.12 -2.41
N ASP A 6 10.41 -22.80 -2.53
CA ASP A 6 9.24 -21.93 -2.43
C ASP A 6 9.05 -21.12 -3.71
N ASP A 7 9.79 -20.02 -3.82
CA ASP A 7 9.70 -19.15 -4.99
C ASP A 7 11.06 -18.53 -5.29
N LYS A 8 11.16 -17.87 -6.45
CA LYS A 8 12.40 -17.22 -6.86
C LYS A 8 12.51 -15.84 -6.25
N VAL A 9 11.78 -14.89 -6.81
CA VAL A 9 11.80 -13.52 -6.33
C VAL A 9 10.38 -13.01 -6.04
N LYS A 10 9.97 -13.08 -4.79
CA LYS A 10 8.64 -12.64 -4.39
C LYS A 10 8.65 -12.11 -2.96
N LEU A 11 7.47 -11.74 -2.45
CA LEU A 11 7.33 -11.23 -1.11
C LEU A 11 8.24 -10.02 -0.90
N THR A 12 7.77 -8.85 -1.32
CA THR A 12 8.52 -7.62 -1.18
C THR A 12 7.65 -6.48 -0.69
N CYS A 13 8.16 -5.25 -0.76
CA CYS A 13 7.42 -4.07 -0.32
C CYS A 13 6.32 -3.72 -1.33
N TYR A 14 6.30 -4.43 -2.45
CA TYR A 14 5.31 -4.19 -3.48
C TYR A 14 4.11 -5.12 -3.32
N GLN A 15 2.92 -4.58 -3.54
CA GLN A 15 1.69 -5.36 -3.41
C GLN A 15 0.67 -4.94 -4.45
N ASN A 16 0.21 -5.90 -5.25
CA ASN A 16 -0.78 -5.63 -6.29
C ASN A 16 -2.19 -5.78 -5.76
N GLY A 17 -2.38 -5.40 -4.49
CA GLY A 17 -3.69 -5.49 -3.87
C GLY A 17 -4.64 -4.42 -4.36
N VAL A 18 -4.12 -3.50 -5.17
CA VAL A 18 -4.92 -2.40 -5.73
C VAL A 18 -5.80 -1.74 -4.66
N SER A 19 -6.76 -0.94 -5.11
CA SER A 19 -7.66 -0.25 -4.19
C SER A 19 -8.37 -1.26 -3.28
N PHE A 20 -8.24 -1.07 -1.98
CA PHE A 20 -8.85 -1.96 -1.01
C PHE A 20 -10.26 -1.50 -0.64
N THR A 21 -11.02 -2.39 -0.01
CA THR A 21 -12.39 -2.09 0.41
C THR A 21 -12.80 -2.93 1.61
N GLY A 22 -13.93 -2.58 2.20
CA GLY A 22 -14.43 -3.31 3.36
C GLY A 22 -13.72 -2.93 4.63
N GLY A 23 -12.43 -2.61 4.53
CA GLY A 23 -11.66 -2.24 5.70
C GLY A 23 -12.01 -0.86 6.20
N LYS A 24 -11.68 -0.59 7.46
CA LYS A 24 -11.95 0.70 8.07
C LYS A 24 -10.73 1.61 7.99
N ALA A 25 -10.53 2.24 6.84
CA ALA A 25 -9.40 3.14 6.64
C ALA A 25 -9.34 4.20 7.72
N ILE A 26 -8.14 4.41 8.27
CA ILE A 26 -7.94 5.41 9.31
C ILE A 26 -7.72 6.79 8.70
N SER A 27 -7.25 6.80 7.46
CA SER A 27 -7.00 8.03 6.73
C SER A 27 -6.68 7.74 5.28
N GLU A 28 -7.00 8.70 4.41
CA GLU A 28 -6.77 8.55 2.98
C GLU A 28 -6.24 9.84 2.39
N ALA A 29 -5.30 9.71 1.43
CA ALA A 29 -4.72 10.86 0.78
C ALA A 29 -5.14 10.96 -0.68
N LYS A 30 -4.68 11.99 -1.36
CA LYS A 30 -5.01 12.19 -2.78
C LYS A 30 -3.75 12.40 -3.60
N ALA A 31 -2.97 11.33 -3.75
CA ALA A 31 -1.73 11.39 -4.52
C ALA A 31 -1.77 10.47 -5.73
N ALA A 32 -0.82 10.64 -6.63
CA ALA A 32 -0.74 9.81 -7.83
C ALA A 32 0.29 8.71 -7.67
N SER A 33 1.16 8.86 -6.67
CA SER A 33 2.20 7.87 -6.41
C SER A 33 2.21 7.48 -4.93
N SER A 34 2.45 6.20 -4.67
CA SER A 34 2.48 5.69 -3.31
C SER A 34 3.53 6.41 -2.48
N GLN A 35 4.60 6.86 -3.13
CA GLN A 35 5.68 7.57 -2.46
C GLN A 35 5.13 8.69 -1.59
N ALA A 36 4.16 9.42 -2.14
CA ALA A 36 3.53 10.51 -1.41
C ALA A 36 2.67 9.97 -0.27
N CYS A 37 2.03 8.82 -0.52
CA CYS A 37 1.18 8.19 0.48
C CYS A 37 2.02 7.68 1.64
N GLN A 38 3.29 7.40 1.37
CA GLN A 38 4.19 6.90 2.40
C GLN A 38 4.60 8.03 3.35
N GLU A 39 5.04 9.14 2.78
CA GLU A 39 5.45 10.30 3.58
C GLU A 39 4.25 10.90 4.30
N LEU A 40 3.07 10.76 3.70
CA LEU A 40 1.85 11.28 4.28
C LEU A 40 1.47 10.50 5.53
N CYS A 41 1.30 9.19 5.37
CA CYS A 41 0.94 8.33 6.50
C CYS A 41 2.05 8.30 7.53
N GLU A 42 3.28 8.56 7.09
CA GLU A 42 4.43 8.57 7.99
C GLU A 42 4.26 9.67 9.03
N LYS A 43 3.53 10.72 8.67
CA LYS A 43 3.29 11.84 9.55
C LYS A 43 2.20 11.49 10.57
N ASP A 44 1.49 10.41 10.29
CA ASP A 44 0.41 9.95 11.18
C ASP A 44 0.89 8.81 12.06
N ALA A 45 0.28 8.67 13.23
CA ALA A 45 0.65 7.61 14.17
C ALA A 45 -0.35 6.45 14.12
N LYS A 46 -1.13 6.40 13.04
CA LYS A 46 -2.12 5.35 12.87
C LYS A 46 -1.97 4.67 11.52
N CYS A 47 -0.92 5.02 10.81
CA CYS A 47 -0.66 4.45 9.48
C CYS A 47 0.21 3.20 9.60
N ARG A 48 -0.05 2.22 8.73
CA ARG A 48 0.71 0.98 8.73
C ARG A 48 0.69 0.35 7.33
N PHE A 49 -0.43 -0.28 6.99
CA PHE A 49 -0.57 -0.92 5.68
C PHE A 49 -1.33 0.00 4.72
N PHE A 50 -0.59 0.88 4.05
CA PHE A 50 -1.19 1.83 3.11
C PHE A 50 -1.73 1.10 1.88
N THR A 51 -2.47 1.83 1.06
CA THR A 51 -3.06 1.28 -0.16
C THR A 51 -3.44 2.39 -1.12
N LEU A 52 -2.60 2.62 -2.13
CA LEU A 52 -2.84 3.66 -3.12
C LEU A 52 -3.65 3.11 -4.30
N ALA A 53 -4.32 4.00 -5.02
CA ALA A 53 -5.12 3.61 -6.17
C ALA A 53 -4.79 4.48 -7.38
N SER A 54 -5.72 4.52 -8.34
CA SER A 54 -5.54 5.31 -9.54
C SER A 54 -5.19 6.76 -9.21
N GLY A 55 -5.58 7.20 -8.01
CA GLY A 55 -5.29 8.56 -7.59
C GLY A 55 -5.82 8.86 -6.20
N LYS A 56 -5.60 7.93 -5.28
CA LYS A 56 -6.06 8.09 -3.90
C LYS A 56 -5.35 7.11 -2.98
N CYS A 57 -4.68 7.64 -1.95
CA CYS A 57 -3.97 6.81 -0.99
C CYS A 57 -4.91 6.37 0.14
N SER A 58 -4.59 5.23 0.75
CA SER A 58 -5.41 4.70 1.84
C SER A 58 -4.54 4.00 2.87
N LEU A 59 -4.27 4.66 3.98
CA LEU A 59 -3.45 4.07 5.04
C LEU A 59 -4.34 3.39 6.07
N PHE A 60 -4.05 2.13 6.35
CA PHE A 60 -4.83 1.36 7.31
C PHE A 60 -3.98 0.98 8.52
N ALA A 61 -4.64 0.82 9.66
CA ALA A 61 -3.95 0.45 10.90
C ALA A 61 -4.15 -1.01 11.24
N ASP A 62 -5.26 -1.33 11.87
CA ASP A 62 -5.57 -2.70 12.25
C ASP A 62 -7.02 -3.07 11.88
N ASP A 63 -7.17 -3.74 10.75
CA ASP A 63 -8.49 -4.15 10.28
C ASP A 63 -8.38 -5.28 9.25
N ALA A 64 -9.10 -6.36 9.49
CA ALA A 64 -9.08 -7.51 8.58
C ALA A 64 -10.38 -7.60 7.78
N ALA A 65 -10.37 -6.98 6.62
CA ALA A 65 -11.54 -6.97 5.73
C ALA A 65 -11.20 -6.33 4.39
N LEU A 66 -9.98 -5.81 4.29
CA LEU A 66 -9.53 -5.15 3.08
C LEU A 66 -9.55 -6.09 1.89
N ARG A 67 -10.27 -5.70 0.85
CA ARG A 67 -10.36 -6.51 -0.37
C ARG A 67 -10.16 -5.63 -1.60
N PRO A 68 -9.59 -6.19 -2.68
CA PRO A 68 -9.34 -5.44 -3.91
C PRO A 68 -10.62 -5.14 -4.68
N THR A 69 -10.54 -4.21 -5.63
CA THR A 69 -11.70 -3.84 -6.43
C THR A 69 -11.27 -3.09 -7.70
N LYS A 70 -10.09 -2.48 -7.65
CA LYS A 70 -9.57 -1.73 -8.79
C LYS A 70 -8.78 -2.64 -9.72
N SER A 71 -8.13 -2.04 -10.71
CA SER A 71 -7.33 -2.79 -11.68
C SER A 71 -5.85 -2.51 -11.49
N ASP A 72 -5.07 -2.74 -12.54
CA ASP A 72 -3.63 -2.52 -12.50
C ASP A 72 -3.32 -1.05 -12.20
N GLY A 73 -4.29 -0.18 -12.42
CA GLY A 73 -4.10 1.24 -12.17
C GLY A 73 -3.80 1.52 -10.71
N ALA A 74 -4.34 0.70 -9.82
CA ALA A 74 -4.13 0.87 -8.39
C ALA A 74 -2.95 0.05 -7.90
N VAL A 75 -2.47 0.36 -6.70
CA VAL A 75 -1.34 -0.35 -6.11
C VAL A 75 -1.25 -0.10 -4.62
N SER A 76 -1.21 -1.17 -3.83
CA SER A 76 -1.11 -1.06 -2.38
C SER A 76 0.24 -1.55 -1.88
N GLY A 77 0.42 -1.52 -0.56
CA GLY A 77 1.67 -1.95 0.03
C GLY A 77 1.56 -2.20 1.52
N ASN A 78 2.69 -2.44 2.17
CA ASN A 78 2.71 -2.70 3.61
C ASN A 78 3.93 -2.06 4.26
N LYS A 79 4.00 -2.13 5.58
CA LYS A 79 5.11 -1.56 6.33
C LYS A 79 6.08 -2.64 6.78
N ARG A 80 6.14 -3.74 6.02
CA ARG A 80 7.03 -4.85 6.34
C ARG A 80 8.24 -4.86 5.42
N CYS A 81 8.73 -3.68 5.06
CA CYS A 81 9.88 -3.57 4.18
C CYS A 81 11.10 -3.08 4.93
N ILE A 82 11.11 -3.30 6.25
CA ILE A 82 12.22 -2.89 7.10
C ILE A 82 13.40 -3.84 6.95
N LEU A 83 13.11 -5.11 6.68
CA LEU A 83 14.15 -6.11 6.52
C LEU A 83 14.87 -5.95 5.17
N LEU A 84 15.81 -6.84 4.90
CA LEU A 84 16.56 -6.79 3.65
C LEU A 84 16.09 -7.88 2.68
N GLU A 85 16.06 -9.11 3.17
CA GLU A 85 15.62 -10.25 2.36
C GLU A 85 14.10 -10.23 2.17
N ASP A 86 13.38 -10.74 3.17
CA ASP A 86 11.93 -10.78 3.11
C ASP A 86 11.33 -9.44 3.51
N ASP A 1 11.44 -6.57 -18.25
CA ASP A 1 10.71 -5.55 -17.46
C ASP A 1 11.54 -4.27 -17.31
N TYR A 2 11.09 -3.37 -16.45
CA TYR A 2 11.78 -2.12 -16.21
C TYR A 2 13.08 -2.34 -15.45
N LYS A 3 13.85 -1.27 -15.26
CA LYS A 3 15.12 -1.37 -14.55
C LYS A 3 15.58 0.02 -14.08
N ASP A 4 16.76 0.07 -13.48
CA ASP A 4 17.31 1.33 -12.98
C ASP A 4 18.81 1.39 -13.23
N ASP A 5 19.58 0.73 -12.38
CA ASP A 5 21.03 0.71 -12.50
C ASP A 5 21.59 -0.66 -12.15
N ASP A 6 21.73 -0.92 -10.85
CA ASP A 6 22.26 -2.19 -10.38
C ASP A 6 21.15 -3.07 -9.85
N ASP A 7 20.07 -2.44 -9.38
CA ASP A 7 18.92 -3.18 -8.85
C ASP A 7 18.06 -3.74 -9.97
N LYS A 8 18.17 -5.05 -10.21
CA LYS A 8 17.39 -5.69 -11.26
C LYS A 8 15.95 -5.90 -10.82
N VAL A 9 15.72 -6.95 -10.03
CA VAL A 9 14.39 -7.26 -9.54
C VAL A 9 14.28 -7.04 -8.04
N LYS A 10 13.06 -7.12 -7.52
CA LYS A 10 12.81 -6.93 -6.09
C LYS A 10 11.52 -7.61 -5.66
N LEU A 11 11.65 -8.76 -5.01
CA LEU A 11 10.50 -9.51 -4.54
C LEU A 11 10.36 -9.43 -3.03
N THR A 12 10.91 -8.36 -2.45
CA THR A 12 10.85 -8.15 -1.01
C THR A 12 9.83 -7.09 -0.64
N CYS A 13 9.34 -6.38 -1.66
CA CYS A 13 8.35 -5.32 -1.44
C CYS A 13 6.93 -5.85 -1.65
N TYR A 14 5.97 -4.94 -1.61
CA TYR A 14 4.57 -5.31 -1.80
C TYR A 14 3.84 -4.27 -2.65
N GLN A 15 2.97 -4.73 -3.54
CA GLN A 15 2.21 -3.84 -4.41
C GLN A 15 0.81 -4.38 -4.66
N ASN A 16 0.56 -5.61 -4.23
CA ASN A 16 -0.74 -6.25 -4.40
C ASN A 16 -1.14 -6.28 -5.88
N GLY A 17 -1.89 -5.26 -6.30
CA GLY A 17 -2.32 -5.20 -7.69
C GLY A 17 -3.49 -4.25 -7.89
N VAL A 18 -4.43 -4.26 -6.97
CA VAL A 18 -5.60 -3.40 -7.05
C VAL A 18 -5.81 -2.60 -5.76
N SER A 19 -6.81 -1.72 -5.76
CA SER A 19 -7.12 -0.91 -4.60
C SER A 19 -7.65 -1.77 -3.46
N PHE A 20 -8.28 -1.14 -2.48
CA PHE A 20 -8.84 -1.86 -1.34
C PHE A 20 -10.26 -1.42 -1.04
N THR A 21 -11.06 -2.35 -0.52
CA THR A 21 -12.45 -2.06 -0.18
C THR A 21 -12.96 -3.02 0.89
N GLY A 22 -14.19 -2.77 1.35
CA GLY A 22 -14.78 -3.62 2.38
C GLY A 22 -14.59 -3.03 3.77
N GLY A 23 -13.34 -2.82 4.17
CA GLY A 23 -13.05 -2.27 5.47
C GLY A 23 -13.11 -0.76 5.48
N LYS A 24 -12.82 -0.16 6.64
CA LYS A 24 -12.83 1.29 6.76
C LYS A 24 -11.42 1.82 7.03
N ALA A 25 -10.95 2.67 6.13
CA ALA A 25 -9.61 3.25 6.26
C ALA A 25 -9.55 4.24 7.42
N ILE A 26 -8.34 4.48 7.92
CA ILE A 26 -8.14 5.42 9.02
C ILE A 26 -7.71 6.78 8.48
N SER A 27 -7.18 6.78 7.26
CA SER A 27 -6.72 8.00 6.63
C SER A 27 -6.50 7.77 5.14
N GLU A 28 -6.87 8.75 4.33
CA GLU A 28 -6.72 8.64 2.89
C GLU A 28 -6.23 9.97 2.29
N ALA A 29 -5.35 9.88 1.31
CA ALA A 29 -4.81 11.07 0.65
C ALA A 29 -5.28 11.16 -0.80
N LYS A 30 -4.93 12.27 -1.45
CA LYS A 30 -5.31 12.48 -2.84
C LYS A 30 -4.07 12.71 -3.71
N ALA A 31 -3.16 11.75 -3.69
CA ALA A 31 -1.92 11.85 -4.45
C ALA A 31 -1.99 10.96 -5.70
N ALA A 32 -1.02 11.15 -6.60
CA ALA A 32 -0.95 10.37 -7.82
C ALA A 32 0.11 9.29 -7.71
N SER A 33 1.03 9.46 -6.78
CA SER A 33 2.11 8.50 -6.57
C SER A 33 2.15 8.05 -5.11
N SER A 34 2.42 6.77 -4.91
CA SER A 34 2.49 6.21 -3.55
C SER A 34 3.54 6.93 -2.72
N GLN A 35 4.56 7.46 -3.38
CA GLN A 35 5.64 8.17 -2.70
C GLN A 35 5.06 9.23 -1.76
N ALA A 36 4.09 9.97 -2.25
CA ALA A 36 3.44 11.00 -1.46
C ALA A 36 2.62 10.38 -0.34
N CYS A 37 2.01 9.24 -0.63
CA CYS A 37 1.21 8.52 0.34
C CYS A 37 2.09 7.93 1.44
N GLN A 38 3.36 7.73 1.12
CA GLN A 38 4.31 7.17 2.08
C GLN A 38 4.73 8.24 3.07
N GLU A 39 4.97 9.45 2.58
CA GLU A 39 5.37 10.56 3.41
C GLU A 39 4.28 10.92 4.42
N LEU A 40 3.04 10.87 3.97
CA LEU A 40 1.90 11.18 4.84
C LEU A 40 1.67 10.04 5.81
N CYS A 41 1.95 8.82 5.37
CA CYS A 41 1.79 7.63 6.20
C CYS A 41 2.76 7.67 7.37
N GLU A 42 3.94 8.24 7.13
CA GLU A 42 4.96 8.35 8.16
C GLU A 42 4.48 9.25 9.31
N LYS A 43 3.79 10.32 8.95
CA LYS A 43 3.27 11.26 9.94
C LYS A 43 2.05 10.68 10.63
N ASP A 44 1.41 9.70 10.00
CA ASP A 44 0.23 9.07 10.57
C ASP A 44 0.61 7.83 11.38
N ALA A 45 0.53 7.95 12.70
CA ALA A 45 0.86 6.84 13.58
C ALA A 45 -0.15 5.71 13.47
N LYS A 46 -1.34 6.04 13.00
CA LYS A 46 -2.40 5.06 12.84
C LYS A 46 -2.30 4.37 11.48
N CYS A 47 -1.22 4.66 10.76
CA CYS A 47 -1.01 4.06 9.45
C CYS A 47 -0.07 2.86 9.54
N ARG A 48 -0.21 1.93 8.59
CA ARG A 48 0.61 0.74 8.57
C ARG A 48 0.60 0.10 7.18
N PHE A 49 -0.61 -0.16 6.67
CA PHE A 49 -0.77 -0.77 5.35
C PHE A 49 -1.44 0.21 4.39
N PHE A 50 -0.62 1.02 3.73
CA PHE A 50 -1.14 2.01 2.78
C PHE A 50 -1.72 1.32 1.55
N THR A 51 -2.51 2.07 0.78
CA THR A 51 -3.14 1.56 -0.42
C THR A 51 -3.53 2.69 -1.36
N LEU A 52 -2.64 3.01 -2.29
CA LEU A 52 -2.89 4.08 -3.26
C LEU A 52 -3.65 3.55 -4.47
N ALA A 53 -4.41 4.42 -5.11
CA ALA A 53 -5.19 4.05 -6.29
C ALA A 53 -4.82 4.93 -7.48
N SER A 54 -5.71 4.98 -8.47
CA SER A 54 -5.48 5.78 -9.66
C SER A 54 -5.15 7.22 -9.30
N GLY A 55 -5.55 7.64 -8.10
CA GLY A 55 -5.28 9.00 -7.66
C GLY A 55 -5.81 9.26 -6.26
N LYS A 56 -5.64 8.29 -5.38
CA LYS A 56 -6.10 8.43 -4.00
C LYS A 56 -5.43 7.41 -3.09
N CYS A 57 -4.69 7.90 -2.10
CA CYS A 57 -4.00 7.03 -1.16
C CYS A 57 -4.94 6.57 -0.06
N SER A 58 -4.65 5.40 0.51
CA SER A 58 -5.48 4.85 1.58
C SER A 58 -4.63 4.09 2.59
N LEU A 59 -4.31 4.75 3.70
CA LEU A 59 -3.50 4.12 4.74
C LEU A 59 -4.39 3.49 5.80
N PHE A 60 -4.25 2.19 5.99
CA PHE A 60 -5.06 1.46 6.97
C PHE A 60 -4.23 1.08 8.19
N ALA A 61 -4.88 1.01 9.34
CA ALA A 61 -4.22 0.66 10.59
C ALA A 61 -4.06 -0.85 10.71
N ASP A 62 -5.15 -1.52 11.05
CA ASP A 62 -5.14 -2.98 11.20
C ASP A 62 -6.05 -3.63 10.17
N ASP A 63 -6.04 -4.97 10.14
CA ASP A 63 -6.86 -5.72 9.20
C ASP A 63 -8.28 -5.87 9.73
N ALA A 64 -9.12 -4.87 9.44
CA ALA A 64 -10.50 -4.90 9.89
C ALA A 64 -11.37 -5.73 8.95
N ALA A 65 -11.62 -5.21 7.76
CA ALA A 65 -12.43 -5.90 6.77
C ALA A 65 -12.01 -5.52 5.35
N LEU A 66 -10.84 -4.92 5.24
CA LEU A 66 -10.31 -4.51 3.94
C LEU A 66 -9.86 -5.71 3.12
N ARG A 67 -10.07 -5.65 1.82
CA ARG A 67 -9.68 -6.74 0.93
C ARG A 67 -9.58 -6.25 -0.52
N PRO A 68 -8.93 -7.05 -1.39
CA PRO A 68 -8.75 -6.69 -2.81
C PRO A 68 -10.06 -6.72 -3.58
N THR A 69 -9.99 -6.46 -4.88
CA THR A 69 -11.17 -6.44 -5.74
C THR A 69 -10.78 -6.44 -7.21
N LYS A 70 -10.50 -5.25 -7.74
CA LYS A 70 -10.11 -5.10 -9.14
C LYS A 70 -9.72 -3.66 -9.45
N SER A 71 -8.65 -3.48 -10.21
CA SER A 71 -8.19 -2.14 -10.58
C SER A 71 -7.31 -2.20 -11.82
N ASP A 72 -6.67 -1.09 -12.13
CA ASP A 72 -5.79 -1.00 -13.30
C ASP A 72 -4.65 -0.02 -13.06
N GLY A 73 -4.31 0.18 -11.79
CA GLY A 73 -3.24 1.11 -11.45
C GLY A 73 -3.13 1.32 -9.95
N ALA A 74 -4.08 0.78 -9.20
CA ALA A 74 -4.09 0.92 -7.75
C ALA A 74 -3.11 -0.06 -7.11
N VAL A 75 -2.21 0.46 -6.28
CA VAL A 75 -1.22 -0.37 -5.61
C VAL A 75 -1.44 -0.35 -4.09
N SER A 76 -1.09 -1.45 -3.43
CA SER A 76 -1.24 -1.56 -1.99
C SER A 76 -0.15 -2.46 -1.40
N GLY A 77 0.36 -2.08 -0.23
CA GLY A 77 1.39 -2.86 0.40
C GLY A 77 1.29 -2.86 1.92
N ASN A 78 1.69 -3.96 2.54
CA ASN A 78 1.64 -4.08 3.99
C ASN A 78 3.02 -3.90 4.60
N LYS A 79 4.04 -3.81 3.74
CA LYS A 79 5.41 -3.64 4.20
C LYS A 79 6.25 -2.94 3.13
N ARG A 80 6.28 -1.61 3.18
CA ARG A 80 7.04 -0.83 2.22
C ARG A 80 8.54 -1.13 2.32
N CYS A 81 9.31 -0.67 1.35
CA CYS A 81 10.75 -0.90 1.32
C CYS A 81 11.50 0.37 1.71
N ILE A 82 11.33 0.80 2.95
CA ILE A 82 11.99 2.01 3.44
C ILE A 82 13.05 1.66 4.49
N LEU A 83 14.17 2.38 4.45
CA LEU A 83 15.26 2.16 5.40
C LEU A 83 15.79 3.47 5.95
N LEU A 84 15.92 3.54 7.27
CA LEU A 84 16.42 4.75 7.93
C LEU A 84 17.94 4.85 7.79
N GLU A 85 18.44 6.09 7.70
CA GLU A 85 19.87 6.32 7.57
C GLU A 85 20.58 6.12 8.90
N ASP A 86 21.41 5.08 8.96
CA ASP A 86 22.16 4.76 10.16
C ASP A 86 23.51 4.15 9.83
N ASP A 1 5.74 -8.99 -10.13
CA ASP A 1 6.49 -8.80 -11.39
C ASP A 1 6.36 -10.01 -12.31
N TYR A 2 7.06 -9.97 -13.44
CA TYR A 2 7.01 -11.07 -14.40
C TYR A 2 7.68 -12.31 -13.84
N LYS A 3 7.60 -13.42 -14.59
CA LYS A 3 8.20 -14.68 -14.17
C LYS A 3 9.72 -14.55 -14.07
N ASP A 4 10.25 -14.85 -12.90
CA ASP A 4 11.69 -14.76 -12.67
C ASP A 4 12.41 -15.91 -13.35
N ASP A 5 11.74 -17.04 -13.48
CA ASP A 5 12.31 -18.22 -14.11
C ASP A 5 11.59 -18.55 -15.41
N ASP A 6 10.47 -19.26 -15.31
CA ASP A 6 9.69 -19.64 -16.48
C ASP A 6 8.20 -19.69 -16.14
N ASP A 7 7.90 -20.12 -14.92
CA ASP A 7 6.51 -20.21 -14.46
C ASP A 7 6.20 -19.11 -13.46
N LYS A 8 4.92 -19.01 -13.07
CA LYS A 8 4.49 -18.01 -12.12
C LYS A 8 4.56 -18.54 -10.69
N VAL A 9 4.62 -17.64 -9.72
CA VAL A 9 4.69 -18.03 -8.31
C VAL A 9 3.77 -17.16 -7.46
N LYS A 10 3.63 -17.52 -6.19
CA LYS A 10 2.78 -16.78 -5.27
C LYS A 10 3.61 -16.12 -4.17
N LEU A 11 4.84 -15.75 -4.51
CA LEU A 11 5.74 -15.11 -3.56
C LEU A 11 5.61 -13.59 -3.64
N THR A 12 4.61 -13.12 -4.37
CA THR A 12 4.38 -11.68 -4.52
C THR A 12 3.48 -11.16 -3.41
N CYS A 13 3.96 -10.13 -2.71
CA CYS A 13 3.19 -9.52 -1.62
C CYS A 13 3.51 -8.03 -1.49
N TYR A 14 4.40 -7.54 -2.36
CA TYR A 14 4.78 -6.13 -2.34
C TYR A 14 4.25 -5.42 -3.58
N GLN A 15 4.10 -4.10 -3.47
CA GLN A 15 3.61 -3.28 -4.58
C GLN A 15 2.22 -3.73 -5.02
N ASN A 16 2.17 -4.66 -5.97
CA ASN A 16 0.90 -5.18 -6.47
C ASN A 16 0.05 -5.76 -5.33
N GLY A 17 -0.93 -5.00 -4.88
CA GLY A 17 -1.79 -5.45 -3.81
C GLY A 17 -3.26 -5.25 -4.12
N VAL A 18 -3.55 -4.70 -5.30
CA VAL A 18 -4.92 -4.47 -5.73
C VAL A 18 -5.59 -3.41 -4.85
N SER A 19 -6.46 -2.60 -5.45
CA SER A 19 -7.17 -1.55 -4.73
C SER A 19 -7.96 -2.14 -3.56
N PHE A 20 -8.16 -1.34 -2.52
CA PHE A 20 -8.90 -1.81 -1.35
C PHE A 20 -10.24 -1.09 -1.23
N THR A 21 -11.21 -1.76 -0.65
CA THR A 21 -12.55 -1.19 -0.47
C THR A 21 -13.34 -1.97 0.58
N GLY A 22 -14.50 -1.43 0.95
CA GLY A 22 -15.34 -2.09 1.94
C GLY A 22 -14.95 -1.74 3.36
N GLY A 23 -13.65 -1.87 3.66
CA GLY A 23 -13.17 -1.56 5.00
C GLY A 23 -13.22 -0.08 5.30
N LYS A 24 -12.75 0.29 6.49
CA LYS A 24 -12.73 1.69 6.90
C LYS A 24 -11.31 2.20 7.09
N ALA A 25 -10.80 2.86 6.05
CA ALA A 25 -9.44 3.40 6.09
C ALA A 25 -9.30 4.43 7.23
N ILE A 26 -8.28 4.23 8.07
CA ILE A 26 -8.03 5.13 9.18
C ILE A 26 -7.68 6.53 8.66
N SER A 27 -7.23 6.56 7.41
CA SER A 27 -6.84 7.82 6.77
C SER A 27 -6.56 7.57 5.29
N GLU A 28 -6.82 8.58 4.48
CA GLU A 28 -6.60 8.46 3.04
C GLU A 28 -6.08 9.77 2.46
N ALA A 29 -5.11 9.67 1.57
CA ALA A 29 -4.53 10.85 0.93
C ALA A 29 -5.02 11.00 -0.50
N LYS A 30 -4.77 12.16 -1.09
CA LYS A 30 -5.19 12.43 -2.46
C LYS A 30 -3.97 12.59 -3.37
N ALA A 31 -3.12 11.57 -3.39
CA ALA A 31 -1.91 11.59 -4.20
C ALA A 31 -2.03 10.66 -5.40
N ALA A 32 -1.30 10.98 -6.47
CA ALA A 32 -1.32 10.16 -7.67
C ALA A 32 -0.21 9.13 -7.63
N SER A 33 0.67 9.26 -6.65
CA SER A 33 1.79 8.33 -6.48
C SER A 33 1.96 7.95 -5.01
N SER A 34 2.27 6.68 -4.77
CA SER A 34 2.45 6.18 -3.41
C SER A 34 3.53 6.96 -2.69
N GLN A 35 4.50 7.46 -3.44
CA GLN A 35 5.59 8.22 -2.86
C GLN A 35 5.04 9.30 -1.94
N ALA A 36 4.03 10.01 -2.41
CA ALA A 36 3.39 11.05 -1.62
C ALA A 36 2.54 10.42 -0.53
N CYS A 37 2.08 9.19 -0.81
CA CYS A 37 1.26 8.45 0.14
C CYS A 37 2.13 7.89 1.26
N GLN A 38 3.43 7.83 1.01
CA GLN A 38 4.38 7.32 1.99
C GLN A 38 4.72 8.42 2.99
N GLU A 39 5.08 9.60 2.47
CA GLU A 39 5.41 10.72 3.33
C GLU A 39 4.19 11.14 4.15
N LEU A 40 3.01 10.93 3.57
CA LEU A 40 1.76 11.25 4.24
C LEU A 40 1.49 10.24 5.35
N CYS A 41 1.61 8.96 5.00
CA CYS A 41 1.38 7.89 5.95
C CYS A 41 2.35 7.97 7.13
N GLU A 42 3.53 8.52 6.87
CA GLU A 42 4.55 8.66 7.91
C GLU A 42 4.11 9.66 8.97
N LYS A 43 3.20 10.57 8.59
CA LYS A 43 2.70 11.58 9.51
C LYS A 43 1.51 11.05 10.30
N ASP A 44 1.35 9.73 10.32
CA ASP A 44 0.25 9.10 11.04
C ASP A 44 0.75 7.92 11.86
N ALA A 45 0.18 7.74 13.04
CA ALA A 45 0.54 6.64 13.93
C ALA A 45 -0.28 5.40 13.63
N LYS A 46 -1.54 5.60 13.25
CA LYS A 46 -2.43 4.50 12.93
C LYS A 46 -2.17 3.96 11.53
N CYS A 47 -1.10 4.46 10.91
CA CYS A 47 -0.73 4.05 9.56
C CYS A 47 0.18 2.81 9.60
N ARG A 48 -0.17 1.79 8.82
CA ARG A 48 0.61 0.57 8.78
C ARG A 48 0.59 -0.04 7.38
N PHE A 49 -0.61 -0.32 6.89
CA PHE A 49 -0.77 -0.91 5.57
C PHE A 49 -1.44 0.08 4.61
N PHE A 50 -0.64 0.93 3.99
CA PHE A 50 -1.15 1.92 3.06
C PHE A 50 -1.63 1.26 1.77
N THR A 51 -2.45 1.98 1.00
CA THR A 51 -2.98 1.45 -0.25
C THR A 51 -3.40 2.59 -1.19
N LEU A 52 -2.52 2.93 -2.12
CA LEU A 52 -2.78 3.99 -3.08
C LEU A 52 -3.58 3.46 -4.27
N ALA A 53 -4.27 4.37 -4.96
CA ALA A 53 -5.07 3.99 -6.12
C ALA A 53 -4.72 4.86 -7.33
N SER A 54 -5.64 4.91 -8.30
CA SER A 54 -5.44 5.70 -9.51
C SER A 54 -5.13 7.15 -9.16
N GLY A 55 -5.52 7.58 -7.97
CA GLY A 55 -5.28 8.93 -7.54
C GLY A 55 -5.79 9.22 -6.13
N LYS A 56 -5.60 8.25 -5.25
CA LYS A 56 -6.03 8.38 -3.86
C LYS A 56 -5.43 7.30 -2.98
N CYS A 57 -4.66 7.72 -1.98
CA CYS A 57 -4.03 6.79 -1.06
C CYS A 57 -4.98 6.40 0.06
N SER A 58 -4.70 5.29 0.73
CA SER A 58 -5.55 4.81 1.81
C SER A 58 -4.77 3.91 2.77
N LEU A 59 -4.53 4.40 3.98
CA LEU A 59 -3.81 3.63 4.99
C LEU A 59 -4.77 2.91 5.92
N PHE A 60 -4.49 1.64 6.18
CA PHE A 60 -5.34 0.83 7.05
C PHE A 60 -4.55 0.27 8.22
N ALA A 61 -5.13 0.38 9.42
CA ALA A 61 -4.49 -0.11 10.62
C ALA A 61 -4.87 -1.57 10.91
N ASP A 62 -4.76 -1.98 12.16
CA ASP A 62 -5.10 -3.34 12.55
C ASP A 62 -6.57 -3.62 12.31
N ASP A 63 -6.88 -4.21 11.16
CA ASP A 63 -8.25 -4.54 10.79
C ASP A 63 -8.30 -5.74 9.85
N ALA A 64 -9.49 -6.01 9.32
CA ALA A 64 -9.67 -7.14 8.40
C ALA A 64 -10.98 -7.01 7.63
N ALA A 65 -11.64 -5.86 7.78
CA ALA A 65 -12.91 -5.62 7.10
C ALA A 65 -12.67 -5.13 5.68
N LEU A 66 -11.44 -4.74 5.38
CA LEU A 66 -11.10 -4.25 4.05
C LEU A 66 -10.68 -5.40 3.13
N ARG A 67 -11.08 -5.32 1.87
CA ARG A 67 -10.77 -6.35 0.90
C ARG A 67 -10.47 -5.73 -0.46
N PRO A 68 -9.84 -6.50 -1.37
CA PRO A 68 -9.50 -6.04 -2.72
C PRO A 68 -10.73 -5.88 -3.60
N THR A 69 -10.51 -5.67 -4.90
CA THR A 69 -11.60 -5.51 -5.85
C THR A 69 -11.10 -5.65 -7.29
N LYS A 70 -10.12 -4.84 -7.64
CA LYS A 70 -9.54 -4.87 -8.98
C LYS A 70 -8.23 -4.10 -9.03
N SER A 71 -7.44 -4.34 -10.08
CA SER A 71 -6.16 -3.66 -10.24
C SER A 71 -6.14 -2.84 -11.52
N ASP A 72 -6.65 -1.61 -11.44
CA ASP A 72 -6.70 -0.72 -12.60
C ASP A 72 -5.62 0.35 -12.49
N GLY A 73 -4.72 0.18 -11.53
CA GLY A 73 -3.64 1.14 -11.33
C GLY A 73 -3.43 1.47 -9.86
N ALA A 74 -4.00 0.66 -8.99
CA ALA A 74 -3.86 0.86 -7.55
C ALA A 74 -2.73 0.02 -6.98
N VAL A 75 -2.02 0.59 -6.01
CA VAL A 75 -0.90 -0.10 -5.38
C VAL A 75 -1.10 -0.17 -3.86
N SER A 76 -0.33 -1.04 -3.22
CA SER A 76 -0.41 -1.21 -1.77
C SER A 76 0.90 -1.76 -1.21
N GLY A 77 1.03 -1.72 0.11
CA GLY A 77 2.24 -2.22 0.75
C GLY A 77 1.99 -2.72 2.16
N ASN A 78 2.61 -3.84 2.51
CA ASN A 78 2.45 -4.42 3.84
C ASN A 78 3.74 -5.09 4.29
N LYS A 79 3.90 -5.24 5.60
CA LYS A 79 5.08 -5.87 6.17
C LYS A 79 4.83 -7.35 6.45
N ARG A 80 3.58 -7.68 6.74
CA ARG A 80 3.19 -9.06 7.03
C ARG A 80 1.96 -9.47 6.22
N CYS A 81 2.05 -10.63 5.57
CA CYS A 81 0.95 -11.13 4.75
C CYS A 81 0.14 -12.16 5.52
N ILE A 82 0.81 -13.18 6.02
CA ILE A 82 0.17 -14.25 6.78
C ILE A 82 0.90 -14.50 8.10
N LEU A 83 0.25 -14.16 9.20
CA LEU A 83 0.83 -14.35 10.52
C LEU A 83 0.68 -15.81 10.97
N LEU A 84 1.74 -16.36 11.54
CA LEU A 84 1.72 -17.74 12.01
C LEU A 84 2.66 -17.92 13.19
N GLU A 85 2.35 -18.89 14.04
CA GLU A 85 3.18 -19.18 15.22
C GLU A 85 3.50 -20.66 15.32
N ASP A 86 3.30 -21.38 14.20
CA ASP A 86 3.58 -22.81 14.16
C ASP A 86 4.91 -23.09 13.48
#